data_2CNB
#
_entry.id   2CNB
#
_cell.length_a   101.724
_cell.length_b   111.694
_cell.length_c   160.873
_cell.angle_alpha   90.00
_cell.angle_beta   90.00
_cell.angle_gamma   90.00
#
_symmetry.space_group_name_H-M   'P 21 21 21'
#
loop_
_entity.id
_entity.type
_entity.pdbx_description
1 polymer UDP-GALACTOSE-4-EPIMERASE
2 non-polymer "URIDINE-5'-DIPHOSPHATE-4-DEOXY-4-FLUORO-ALPHA-D-GALACTOSE"
3 non-polymer NICOTINAMIDE-ADENINE-DINUCLEOTIDE
4 water water
#
_entity_poly.entity_id   1
_entity_poly.type   'polypeptide(L)'
_entity_poly.pdbx_seq_one_letter_code
;SHMRVLVCGGAGYIGSHFVRALLRDTNHSVVIVDSLVGTHGKSDHVETRENVARKLQQSDGPKPPWADRYAALEVGDVRN
EDFLNGVFTRHGPIDAVVHMCAFLAVGESVRDPLKYYDNNVVGILRLLQAMLLHKCDKIIFSSSAAIFGNPTMGSVSTNA
EPIDINAKKSPESPYGESKLIAERMIRDCAEAYGIKGICLRYFNACGAHEDGDIGEHYQGSTHLIPIILGRVMSDIAPDQ
RLTIHEDASTDKRMPIFGTDYPTPDGTCVRDYVHVCDLASAHILALDYVEKLGPNDKSKYFSVFNLGTSRGYSVREVIEV
ARKTTGHPIPVRECGRREGDPAYLVAASDKAREVLGWKPKYDTLEAIMETSWKFQRTHPNGYASQENGTPGGRTTKL
;
_entity_poly.pdbx_strand_id   A,B,C,D
#
loop_
_chem_comp.id
_chem_comp.type
_chem_comp.name
_chem_comp.formula
NAD non-polymer NICOTINAMIDE-ADENINE-DINUCLEOTIDE 'C21 H27 N7 O14 P2'
UFG non-polymer URIDINE-5'-DIPHOSPHATE-4-DEOXY-4-FLUORO-ALPHA-D-GALACTOSE 'C15 H23 F N2 O16 P2'
#
# COMPACT_ATOMS: atom_id res chain seq x y z
N SER A 1 -54.41 -8.09 -10.60
CA SER A 1 -54.27 -6.62 -10.76
C SER A 1 -53.52 -6.28 -12.05
N HIS A 2 -54.26 -5.85 -13.06
CA HIS A 2 -53.77 -5.75 -14.44
C HIS A 2 -52.73 -4.67 -14.71
N MET A 3 -51.72 -5.07 -15.50
CA MET A 3 -50.65 -4.19 -15.99
C MET A 3 -50.22 -4.63 -17.39
N ARG A 4 -49.73 -3.69 -18.18
CA ARG A 4 -49.23 -4.01 -19.50
C ARG A 4 -47.72 -3.96 -19.47
N VAL A 5 -47.12 -5.12 -19.49
CA VAL A 5 -45.71 -5.24 -19.25
C VAL A 5 -44.99 -5.47 -20.57
N LEU A 6 -44.00 -4.64 -20.85
CA LEU A 6 -43.10 -4.88 -21.97
C LEU A 6 -41.84 -5.63 -21.51
N VAL A 7 -41.55 -6.76 -22.15
CA VAL A 7 -40.41 -7.59 -21.70
C VAL A 7 -39.31 -7.66 -22.76
N CYS A 8 -38.26 -6.87 -22.58
CA CYS A 8 -37.11 -6.92 -23.51
C CYS A 8 -36.24 -8.14 -23.29
N GLY A 9 -35.87 -8.80 -24.39
CA GLY A 9 -35.11 -10.04 -24.28
C GLY A 9 -35.98 -11.19 -23.83
N GLY A 10 -37.31 -10.99 -23.92
CA GLY A 10 -38.30 -11.95 -23.46
C GLY A 10 -38.32 -13.28 -24.20
N ALA A 11 -37.56 -13.40 -25.29
CA ALA A 11 -37.53 -14.66 -26.00
C ALA A 11 -36.37 -15.54 -25.59
N GLY A 12 -35.55 -15.10 -24.66
CA GLY A 12 -34.39 -15.88 -24.21
C GLY A 12 -34.75 -16.93 -23.18
N TYR A 13 -33.74 -17.66 -22.72
CA TYR A 13 -33.84 -18.64 -21.63
C TYR A 13 -34.67 -18.15 -20.42
N ILE A 14 -34.12 -17.18 -19.69
CA ILE A 14 -34.78 -16.63 -18.51
C ILE A 14 -36.07 -15.92 -18.88
N GLY A 15 -36.03 -15.17 -19.98
CA GLY A 15 -37.19 -14.47 -20.53
C GLY A 15 -38.39 -15.38 -20.73
N SER A 16 -38.20 -16.48 -21.49
CA SER A 16 -39.26 -17.46 -21.70
C SER A 16 -39.89 -17.91 -20.40
N HIS A 17 -39.09 -18.16 -19.39
CA HIS A 17 -39.64 -18.57 -18.12
C HIS A 17 -40.43 -17.46 -17.42
N PHE A 18 -39.99 -16.23 -17.51
CA PHE A 18 -40.72 -15.16 -16.87
C PHE A 18 -42.08 -15.01 -17.55
N VAL A 19 -42.04 -15.03 -18.89
CA VAL A 19 -43.23 -14.85 -19.69
C VAL A 19 -44.22 -15.92 -19.30
N ARG A 20 -43.74 -17.17 -19.20
CA ARG A 20 -44.63 -18.29 -18.89
C ARG A 20 -45.38 -17.94 -17.63
N ALA A 21 -44.62 -17.52 -16.61
CA ALA A 21 -45.17 -17.18 -15.29
C ALA A 21 -46.17 -16.05 -15.38
N LEU A 22 -45.89 -15.06 -16.22
CA LEU A 22 -46.80 -13.96 -16.38
C LEU A 22 -48.10 -14.52 -16.91
N LEU A 23 -48.03 -15.14 -18.08
CA LEU A 23 -49.18 -15.79 -18.69
C LEU A 23 -49.97 -16.68 -17.71
N ARG A 24 -49.26 -17.49 -16.94
CA ARG A 24 -49.95 -18.47 -16.13
C ARG A 24 -50.48 -17.99 -14.79
N ASP A 25 -49.77 -17.08 -14.13
CA ASP A 25 -50.03 -16.72 -12.72
C ASP A 25 -50.32 -15.23 -12.55
N THR A 26 -50.53 -14.52 -13.64
CA THR A 26 -50.92 -13.10 -13.56
C THR A 26 -52.03 -12.78 -14.55
N ASN A 27 -52.65 -11.62 -14.38
CA ASN A 27 -53.62 -11.20 -15.38
C ASN A 27 -52.97 -10.17 -16.29
N HIS A 28 -51.65 -10.07 -16.17
CA HIS A 28 -50.91 -9.06 -16.90
C HIS A 28 -50.92 -9.34 -18.40
N SER A 29 -50.81 -8.26 -19.19
CA SER A 29 -50.73 -8.37 -20.65
C SER A 29 -49.28 -8.24 -21.05
N VAL A 30 -48.79 -9.17 -21.88
CA VAL A 30 -47.35 -9.31 -22.15
C VAL A 30 -46.97 -8.88 -23.56
N VAL A 31 -46.00 -7.97 -23.68
CA VAL A 31 -45.33 -7.72 -24.97
C VAL A 31 -43.82 -8.05 -24.92
N ILE A 32 -43.39 -8.99 -25.76
CA ILE A 32 -41.98 -9.31 -25.86
C ILE A 32 -41.34 -8.51 -26.98
N VAL A 33 -40.39 -7.64 -26.65
CA VAL A 33 -39.49 -7.09 -27.67
C VAL A 33 -38.19 -7.88 -27.60
N ASP A 34 -37.94 -8.71 -28.61
CA ASP A 34 -36.70 -9.47 -28.68
C ASP A 34 -36.18 -9.47 -30.12
N SER A 35 -34.86 -9.61 -30.28
CA SER A 35 -34.22 -9.43 -31.58
C SER A 35 -33.85 -10.79 -32.12
N LEU A 36 -33.96 -11.79 -31.26
CA LEU A 36 -33.70 -13.18 -31.60
C LEU A 36 -32.22 -13.49 -31.76
N VAL A 37 -31.35 -12.49 -31.62
CA VAL A 37 -29.90 -12.71 -31.65
C VAL A 37 -29.42 -13.85 -30.68
N GLY A 38 -30.02 -13.94 -29.49
CA GLY A 38 -29.69 -15.04 -28.57
C GLY A 38 -30.51 -16.32 -28.77
N THR A 39 -31.30 -16.37 -29.84
CA THR A 39 -32.18 -17.51 -30.10
C THR A 39 -32.03 -18.02 -31.56
N HIS A 40 -30.83 -17.95 -32.12
CA HIS A 40 -30.57 -18.38 -33.51
C HIS A 40 -31.65 -17.92 -34.49
N GLY A 41 -32.15 -16.69 -34.30
CA GLY A 41 -33.12 -16.08 -35.18
C GLY A 41 -34.50 -16.71 -35.25
N LYS A 42 -34.78 -17.68 -34.38
CA LYS A 42 -36.03 -18.43 -34.35
C LYS A 42 -36.95 -18.00 -33.21
N SER A 43 -38.27 -18.19 -33.37
CA SER A 43 -39.21 -17.94 -32.26
C SER A 43 -40.25 -19.04 -31.98
N ASP A 44 -39.90 -20.30 -32.25
CA ASP A 44 -40.83 -21.42 -32.08
C ASP A 44 -41.26 -21.66 -30.65
N HIS A 45 -40.36 -21.46 -29.71
CA HIS A 45 -40.62 -21.68 -28.30
C HIS A 45 -41.47 -20.52 -27.75
N VAL A 46 -41.51 -19.39 -28.45
CA VAL A 46 -42.21 -18.22 -27.91
C VAL A 46 -43.72 -18.41 -27.92
N GLU A 47 -44.32 -18.25 -26.75
CA GLU A 47 -45.75 -18.44 -26.57
C GLU A 47 -46.60 -17.32 -27.15
N THR A 48 -46.51 -17.15 -28.48
CA THR A 48 -47.36 -16.25 -29.26
C THR A 48 -48.72 -16.89 -29.43
N ARG A 49 -49.63 -16.18 -30.11
CA ARG A 49 -51.06 -16.58 -30.21
C ARG A 49 -51.47 -18.04 -30.61
N GLU A 50 -51.18 -18.62 -31.78
CA GLU A 50 -50.39 -18.23 -32.98
C GLU A 50 -49.25 -19.21 -33.01
N ASN A 51 -49.10 -19.89 -31.86
CA ASN A 51 -48.01 -20.79 -31.49
C ASN A 51 -48.56 -21.57 -30.29
N VAL A 52 -49.31 -20.85 -29.47
CA VAL A 52 -50.08 -21.41 -28.35
C VAL A 52 -51.34 -22.11 -28.88
N ALA A 53 -51.88 -21.57 -29.97
CA ALA A 53 -53.01 -22.19 -30.67
C ALA A 53 -52.56 -23.52 -31.28
N ARG A 54 -51.38 -23.52 -31.90
CA ARG A 54 -50.81 -24.74 -32.50
C ARG A 54 -50.33 -25.78 -31.47
N LYS A 55 -50.33 -25.40 -30.18
CA LYS A 55 -49.93 -26.32 -29.12
C LYS A 55 -51.17 -26.95 -28.49
N LEU A 56 -52.19 -26.14 -28.27
CA LEU A 56 -53.51 -26.60 -27.84
C LEU A 56 -54.13 -27.56 -28.89
N GLN A 57 -53.80 -27.30 -30.16
CA GLN A 57 -54.22 -28.13 -31.29
C GLN A 57 -53.60 -29.52 -31.19
N GLN A 58 -52.42 -29.70 -31.78
CA GLN A 58 -51.70 -30.99 -31.72
C GLN A 58 -51.53 -31.46 -30.26
N SER A 59 -52.39 -32.41 -29.87
CA SER A 59 -52.45 -32.99 -28.51
C SER A 59 -53.54 -32.34 -27.65
N ASP A 60 -54.15 -33.12 -26.78
CA ASP A 60 -55.01 -32.59 -25.72
C ASP A 60 -55.30 -33.59 -24.60
N GLY A 61 -55.09 -33.14 -23.38
CA GLY A 61 -55.68 -33.75 -22.20
C GLY A 61 -56.84 -32.85 -21.83
N PRO A 62 -56.99 -32.51 -20.52
CA PRO A 62 -58.02 -31.53 -20.17
C PRO A 62 -57.53 -30.08 -20.32
N LYS A 63 -58.10 -29.33 -21.27
CA LYS A 63 -57.76 -27.89 -21.47
C LYS A 63 -57.49 -27.14 -20.15
N PRO A 64 -56.23 -26.72 -19.94
CA PRO A 64 -55.79 -26.06 -18.71
C PRO A 64 -56.27 -24.60 -18.64
N PRO A 65 -56.27 -24.01 -17.44
CA PRO A 65 -56.79 -22.65 -17.30
C PRO A 65 -56.03 -21.57 -18.09
N TRP A 66 -54.73 -21.77 -18.32
CA TRP A 66 -53.89 -20.76 -18.97
C TRP A 66 -53.90 -20.81 -20.49
N ALA A 67 -54.83 -21.57 -21.07
CA ALA A 67 -54.72 -21.96 -22.47
C ALA A 67 -54.80 -20.84 -23.50
N ASP A 68 -55.57 -19.78 -23.24
CA ASP A 68 -55.71 -18.69 -24.24
C ASP A 68 -54.76 -17.53 -23.97
N ARG A 69 -53.99 -17.63 -22.88
CA ARG A 69 -53.01 -16.62 -22.54
C ARG A 69 -51.80 -16.71 -23.49
N TYR A 70 -51.53 -15.59 -24.14
CA TYR A 70 -50.45 -15.49 -25.12
C TYR A 70 -49.78 -14.10 -25.06
N ALA A 71 -48.55 -14.01 -25.58
CA ALA A 71 -47.81 -12.76 -25.59
C ALA A 71 -47.70 -12.24 -27.00
N ALA A 72 -47.66 -10.92 -27.16
CA ALA A 72 -47.33 -10.36 -28.48
C ALA A 72 -45.83 -10.50 -28.74
N LEU A 73 -45.43 -10.63 -30.00
CA LEU A 73 -44.02 -10.60 -30.33
C LEU A 73 -43.60 -9.47 -31.27
N GLU A 74 -43.05 -8.40 -30.69
CA GLU A 74 -42.30 -7.42 -31.47
C GLU A 74 -40.84 -7.87 -31.63
N VAL A 75 -40.43 -8.17 -32.86
CA VAL A 75 -39.07 -8.59 -33.17
C VAL A 75 -38.22 -7.44 -33.74
N GLY A 76 -37.13 -7.11 -33.05
CA GLY A 76 -36.25 -6.03 -33.48
C GLY A 76 -35.40 -5.62 -32.32
N ASP A 77 -34.54 -4.63 -32.51
CA ASP A 77 -33.51 -4.33 -31.53
C ASP A 77 -33.87 -3.06 -30.73
N VAL A 78 -33.81 -3.15 -29.41
CA VAL A 78 -34.21 -2.01 -28.55
C VAL A 78 -33.33 -0.79 -28.77
N ARG A 79 -32.10 -1.02 -29.21
CA ARG A 79 -31.23 0.07 -29.67
C ARG A 79 -31.83 0.87 -30.84
N ASN A 80 -32.71 0.26 -31.63
CA ASN A 80 -33.49 0.97 -32.64
C ASN A 80 -34.66 1.77 -32.04
N GLU A 81 -34.39 3.06 -31.86
CA GLU A 81 -35.29 4.05 -31.23
C GLU A 81 -36.61 4.22 -31.98
N ASP A 82 -36.52 4.01 -33.28
CA ASP A 82 -37.63 4.17 -34.15
C ASP A 82 -38.62 3.03 -33.98
N PHE A 83 -38.07 1.82 -33.99
CA PHE A 83 -38.84 0.61 -33.82
C PHE A 83 -39.38 0.51 -32.40
N LEU A 84 -38.56 0.92 -31.43
CA LEU A 84 -38.91 0.77 -30.04
C LEU A 84 -40.04 1.73 -29.70
N ASN A 85 -39.93 2.94 -30.22
CA ASN A 85 -40.98 3.93 -30.02
C ASN A 85 -42.31 3.44 -30.62
N GLY A 86 -42.25 2.85 -31.81
CA GLY A 86 -43.40 2.16 -32.38
C GLY A 86 -44.00 1.12 -31.44
N VAL A 87 -43.15 0.31 -30.82
CA VAL A 87 -43.63 -0.77 -29.96
C VAL A 87 -44.44 -0.25 -28.77
N PHE A 88 -43.91 0.79 -28.13
CA PHE A 88 -44.54 1.46 -26.98
C PHE A 88 -45.85 2.05 -27.43
N THR A 89 -45.86 2.71 -28.58
CA THR A 89 -47.09 3.30 -29.08
C THR A 89 -48.12 2.22 -29.42
N ARG A 90 -47.79 1.34 -30.36
CA ARG A 90 -48.73 0.29 -30.77
C ARG A 90 -49.31 -0.54 -29.62
N HIS A 91 -48.50 -0.90 -28.63
CA HIS A 91 -48.90 -1.86 -27.59
C HIS A 91 -49.17 -1.22 -26.26
N GLY A 92 -49.09 0.12 -26.21
CA GLY A 92 -49.30 0.83 -24.95
C GLY A 92 -50.74 1.08 -24.49
N PRO A 93 -50.88 1.95 -23.48
CA PRO A 93 -49.69 2.46 -22.85
C PRO A 93 -49.05 1.36 -21.96
N ILE A 94 -47.72 1.22 -22.07
CA ILE A 94 -46.96 0.30 -21.26
C ILE A 94 -46.83 0.80 -19.83
N ASP A 95 -47.18 -0.06 -18.89
CA ASP A 95 -47.06 0.21 -17.48
C ASP A 95 -45.66 -0.02 -16.90
N ALA A 96 -45.02 -1.12 -17.29
CA ALA A 96 -43.76 -1.50 -16.70
C ALA A 96 -42.85 -2.16 -17.71
N VAL A 97 -41.55 -1.97 -17.52
CA VAL A 97 -40.60 -2.62 -18.37
C VAL A 97 -39.80 -3.63 -17.58
N VAL A 98 -39.69 -4.83 -18.12
CA VAL A 98 -38.80 -5.82 -17.59
C VAL A 98 -37.72 -5.99 -18.63
N HIS A 99 -36.53 -5.59 -18.23
CA HIS A 99 -35.39 -5.47 -19.12
C HIS A 99 -34.45 -6.64 -18.94
N MET A 100 -34.49 -7.57 -19.88
CA MET A 100 -33.72 -8.80 -19.78
C MET A 100 -32.82 -8.99 -21.00
N CYS A 101 -32.75 -8.01 -21.88
CA CYS A 101 -31.84 -8.16 -23.03
C CYS A 101 -30.40 -7.81 -22.65
N ALA A 102 -29.45 -8.56 -23.20
CA ALA A 102 -28.01 -8.36 -22.98
C ALA A 102 -27.20 -9.36 -23.79
N PHE A 103 -25.90 -9.09 -23.89
CA PHE A 103 -24.96 -10.15 -24.17
C PHE A 103 -24.41 -10.54 -22.82
N LEU A 104 -24.13 -11.83 -22.64
CA LEU A 104 -23.87 -12.33 -21.29
C LEU A 104 -22.69 -13.31 -21.17
N ALA A 105 -21.81 -13.31 -22.15
CA ALA A 105 -20.66 -14.22 -22.08
C ALA A 105 -19.48 -13.51 -21.42
N VAL A 106 -19.33 -13.74 -20.12
CA VAL A 106 -18.29 -13.09 -19.32
C VAL A 106 -16.92 -13.18 -19.99
N GLY A 107 -16.57 -14.38 -20.48
CA GLY A 107 -15.28 -14.61 -21.14
C GLY A 107 -15.13 -13.74 -22.36
N GLU A 108 -16.18 -13.73 -23.19
CA GLU A 108 -16.21 -12.87 -24.38
C GLU A 108 -16.12 -11.37 -24.07
N SER A 109 -16.65 -10.94 -22.92
CA SER A 109 -16.74 -9.51 -22.64
C SER A 109 -15.36 -8.90 -22.45
N VAL A 110 -14.47 -9.64 -21.78
CA VAL A 110 -13.05 -9.29 -21.65
C VAL A 110 -12.38 -9.17 -23.02
N ARG A 111 -12.57 -10.13 -23.91
CA ARG A 111 -11.89 -10.03 -25.23
C ARG A 111 -12.50 -9.02 -26.23
N ASP A 112 -13.81 -8.72 -26.12
CA ASP A 112 -14.47 -7.75 -27.01
C ASP A 112 -15.42 -6.81 -26.23
N PRO A 113 -14.85 -5.93 -25.36
CA PRO A 113 -15.65 -5.12 -24.47
C PRO A 113 -16.57 -4.15 -25.19
N LEU A 114 -16.15 -3.63 -26.34
CA LEU A 114 -17.01 -2.68 -27.05
C LEU A 114 -18.37 -3.28 -27.39
N LYS A 115 -18.34 -4.56 -27.77
CA LYS A 115 -19.54 -5.31 -28.06
C LYS A 115 -20.46 -5.36 -26.85
N TYR A 116 -19.89 -5.38 -25.64
CA TYR A 116 -20.68 -5.45 -24.41
C TYR A 116 -21.15 -4.07 -23.96
N TYR A 117 -20.22 -3.13 -23.90
CA TYR A 117 -20.59 -1.76 -23.60
C TYR A 117 -21.66 -1.23 -24.55
N ASP A 118 -21.54 -1.53 -25.83
CA ASP A 118 -22.58 -1.11 -26.78
C ASP A 118 -23.96 -1.72 -26.47
N ASN A 119 -24.10 -3.04 -26.58
CA ASN A 119 -25.40 -3.64 -26.45
C ASN A 119 -26.01 -3.41 -25.06
N ASN A 120 -25.25 -3.72 -24.04
CA ASN A 120 -25.78 -3.67 -22.70
C ASN A 120 -26.04 -2.26 -22.21
N VAL A 121 -25.08 -1.36 -22.38
CA VAL A 121 -25.31 0.00 -21.90
C VAL A 121 -26.25 0.80 -22.82
N VAL A 122 -25.96 0.81 -24.12
CA VAL A 122 -26.80 1.59 -25.05
C VAL A 122 -28.25 1.07 -25.04
N GLY A 123 -28.41 -0.24 -24.93
CA GLY A 123 -29.74 -0.83 -24.84
C GLY A 123 -30.53 -0.21 -23.70
N ILE A 124 -30.01 -0.30 -22.48
CA ILE A 124 -30.69 0.24 -21.31
C ILE A 124 -31.00 1.74 -21.48
N LEU A 125 -30.03 2.48 -22.01
CA LEU A 125 -30.16 3.93 -22.17
C LEU A 125 -31.37 4.29 -23.04
N ARG A 126 -31.63 3.42 -24.02
CA ARG A 126 -32.73 3.62 -24.97
C ARG A 126 -34.05 3.30 -24.32
N LEU A 127 -34.07 2.26 -23.50
CA LEU A 127 -35.25 1.93 -22.72
C LEU A 127 -35.64 3.07 -21.83
N LEU A 128 -34.68 3.60 -21.09
CA LEU A 128 -35.03 4.60 -20.12
C LEU A 128 -35.55 5.82 -20.87
N GLN A 129 -34.98 6.08 -22.03
CA GLN A 129 -35.40 7.24 -22.82
C GLN A 129 -36.81 7.08 -23.36
N ALA A 130 -37.11 5.88 -23.86
CA ALA A 130 -38.43 5.52 -24.31
C ALA A 130 -39.46 5.60 -23.18
N MET A 131 -39.12 5.02 -22.04
CA MET A 131 -39.99 5.12 -20.87
C MET A 131 -40.33 6.58 -20.61
N LEU A 132 -39.32 7.44 -20.62
CA LEU A 132 -39.52 8.85 -20.35
C LEU A 132 -40.50 9.45 -21.34
N LEU A 133 -40.24 9.19 -22.62
CA LEU A 133 -41.05 9.67 -23.72
C LEU A 133 -42.52 9.24 -23.61
N HIS A 134 -42.76 8.00 -23.17
CA HIS A 134 -44.09 7.44 -23.18
C HIS A 134 -44.77 7.39 -21.80
N LYS A 135 -44.32 8.25 -20.87
CA LYS A 135 -44.88 8.32 -19.50
C LYS A 135 -44.94 6.96 -18.78
N CYS A 136 -43.88 6.18 -18.90
CA CYS A 136 -43.80 4.88 -18.25
C CYS A 136 -42.85 4.91 -17.07
N ASP A 137 -43.32 4.57 -15.87
CA ASP A 137 -42.55 4.90 -14.65
C ASP A 137 -41.99 3.72 -13.83
N LYS A 138 -42.02 2.52 -14.37
CA LYS A 138 -41.65 1.32 -13.60
C LYS A 138 -40.73 0.45 -14.42
N ILE A 139 -39.67 -0.05 -13.78
CA ILE A 139 -38.71 -0.93 -14.47
C ILE A 139 -38.13 -2.01 -13.56
N ILE A 140 -38.10 -3.25 -14.04
CA ILE A 140 -37.34 -4.33 -13.42
C ILE A 140 -36.20 -4.65 -14.36
N PHE A 141 -34.96 -4.52 -13.90
CA PHE A 141 -33.79 -4.79 -14.72
C PHE A 141 -33.06 -6.03 -14.26
N SER A 142 -32.66 -6.86 -15.22
CA SER A 142 -31.93 -8.10 -14.93
C SER A 142 -30.49 -7.78 -14.65
N SER A 143 -30.13 -7.70 -13.38
CA SER A 143 -28.72 -7.48 -13.02
C SER A 143 -28.01 -8.81 -12.76
N SER A 144 -26.82 -8.76 -12.19
CA SER A 144 -26.01 -9.98 -12.10
C SER A 144 -24.99 -9.93 -10.98
N ALA A 145 -24.69 -11.08 -10.39
CA ALA A 145 -23.69 -11.12 -9.32
C ALA A 145 -22.33 -10.65 -9.83
N ALA A 146 -22.15 -10.68 -11.14
CA ALA A 146 -20.95 -10.16 -11.80
C ALA A 146 -20.58 -8.73 -11.39
N ILE A 147 -21.51 -8.01 -10.78
CA ILE A 147 -21.21 -6.68 -10.28
C ILE A 147 -20.25 -6.72 -9.08
N PHE A 148 -20.31 -7.78 -8.29
CA PHE A 148 -19.52 -7.85 -7.07
C PHE A 148 -18.03 -8.16 -7.30
N GLY A 149 -17.73 -9.11 -8.18
CA GLY A 149 -16.36 -9.58 -8.33
C GLY A 149 -15.76 -10.00 -6.99
N ASN A 150 -14.42 -9.98 -6.89
CA ASN A 150 -13.71 -10.48 -5.72
C ASN A 150 -13.64 -9.49 -4.57
N PRO A 151 -13.49 -10.01 -3.32
CA PRO A 151 -13.23 -9.11 -2.17
C PRO A 151 -11.87 -8.40 -2.33
N THR A 152 -11.70 -7.26 -1.62
CA THR A 152 -10.50 -6.37 -1.73
C THR A 152 -9.15 -7.10 -1.74
N ASN A 159 -12.20 -15.26 4.11
CA ASN A 159 -13.59 -14.82 4.27
C ASN A 159 -14.42 -14.75 2.95
N ALA A 160 -14.88 -15.92 2.50
CA ALA A 160 -15.80 -16.06 1.36
C ALA A 160 -17.17 -16.58 1.84
N GLU A 161 -18.16 -15.69 1.85
CA GLU A 161 -19.48 -15.99 2.39
C GLU A 161 -20.58 -15.10 1.78
N PRO A 162 -21.88 -15.45 1.98
CA PRO A 162 -23.02 -14.91 1.21
C PRO A 162 -23.06 -13.39 1.06
N ILE A 163 -23.00 -12.95 -0.19
CA ILE A 163 -22.92 -11.55 -0.57
C ILE A 163 -24.28 -10.87 -0.47
N ASP A 164 -24.38 -9.84 0.37
CA ASP A 164 -25.61 -9.07 0.49
C ASP A 164 -25.67 -7.92 -0.49
N ILE A 165 -26.86 -7.37 -0.67
CA ILE A 165 -27.15 -6.35 -1.68
C ILE A 165 -26.15 -5.17 -1.77
N ASN A 166 -25.42 -4.90 -0.68
CA ASN A 166 -24.61 -3.69 -0.58
C ASN A 166 -23.13 -3.91 -0.56
N ALA A 167 -22.72 -5.16 -0.66
CA ALA A 167 -21.31 -5.48 -0.71
C ALA A 167 -20.62 -4.69 -1.81
N LYS A 168 -19.31 -4.54 -1.67
CA LYS A 168 -18.49 -3.76 -2.60
C LYS A 168 -18.70 -4.23 -4.06
N LYS A 169 -18.72 -3.28 -4.99
CA LYS A 169 -18.83 -3.59 -6.41
C LYS A 169 -17.52 -3.35 -7.12
N SER A 170 -16.70 -4.38 -7.28
CA SER A 170 -15.53 -4.31 -8.17
C SER A 170 -15.70 -5.36 -9.25
N PRO A 171 -16.41 -5.04 -10.35
CA PRO A 171 -16.54 -5.98 -11.45
C PRO A 171 -15.19 -6.43 -11.96
N GLU A 172 -15.08 -7.72 -12.32
CA GLU A 172 -13.86 -8.32 -12.86
C GLU A 172 -13.94 -8.48 -14.38
N SER A 173 -15.10 -8.15 -14.95
CA SER A 173 -15.34 -8.26 -16.40
C SER A 173 -16.10 -7.05 -16.95
N PRO A 174 -15.90 -6.73 -18.24
CA PRO A 174 -16.75 -5.70 -18.86
C PRO A 174 -18.27 -6.02 -18.87
N TYR A 175 -18.63 -7.31 -18.76
CA TYR A 175 -20.03 -7.71 -18.58
C TYR A 175 -20.55 -7.24 -17.22
N GLY A 176 -19.74 -7.40 -16.20
CA GLY A 176 -20.09 -6.95 -14.85
C GLY A 176 -20.21 -5.43 -14.79
N GLU A 177 -19.25 -4.76 -15.45
CA GLU A 177 -19.23 -3.29 -15.58
C GLU A 177 -20.54 -2.77 -16.13
N SER A 178 -20.97 -3.38 -17.24
CA SER A 178 -22.13 -2.94 -17.98
C SER A 178 -23.43 -3.08 -17.17
N LYS A 179 -23.50 -4.09 -16.29
CA LYS A 179 -24.63 -4.21 -15.37
C LYS A 179 -24.65 -3.09 -14.33
N LEU A 180 -23.48 -2.79 -13.78
CA LEU A 180 -23.31 -1.77 -12.75
C LEU A 180 -23.65 -0.38 -13.30
N ILE A 181 -23.09 -0.06 -14.47
CA ILE A 181 -23.41 1.18 -15.18
C ILE A 181 -24.92 1.35 -15.32
N ALA A 182 -25.61 0.29 -15.74
CA ALA A 182 -27.05 0.32 -15.87
C ALA A 182 -27.76 0.50 -14.51
N GLU A 183 -27.28 -0.13 -13.43
CA GLU A 183 -27.88 0.12 -12.12
C GLU A 183 -27.77 1.60 -11.74
N ARG A 184 -26.66 2.22 -12.14
CA ARG A 184 -26.40 3.63 -11.87
C ARG A 184 -27.35 4.51 -12.66
N MET A 185 -27.45 4.28 -13.97
CA MET A 185 -28.37 5.03 -14.79
C MET A 185 -29.77 4.95 -14.22
N ILE A 186 -30.23 3.75 -13.90
CA ILE A 186 -31.56 3.54 -13.40
C ILE A 186 -31.76 4.28 -12.07
N ARG A 187 -30.83 4.06 -11.15
CA ARG A 187 -30.80 4.80 -9.89
C ARG A 187 -30.94 6.30 -10.09
N ASP A 188 -30.25 6.86 -11.09
CA ASP A 188 -30.17 8.30 -11.29
C ASP A 188 -31.45 8.85 -11.89
N CYS A 189 -32.18 7.97 -12.54
CA CYS A 189 -33.48 8.31 -13.10
C CYS A 189 -34.52 8.37 -12.00
N ALA A 190 -34.27 7.71 -10.88
CA ALA A 190 -35.21 7.75 -9.77
C ALA A 190 -35.39 9.20 -9.26
N GLU A 191 -34.30 9.82 -8.80
CA GLU A 191 -34.36 11.18 -8.24
CA GLU A 191 -34.33 11.19 -8.25
C GLU A 191 -34.79 12.20 -9.30
N ALA A 192 -34.39 11.97 -10.55
CA ALA A 192 -34.58 12.95 -11.59
C ALA A 192 -35.97 12.93 -12.19
N TYR A 193 -36.53 11.75 -12.41
CA TYR A 193 -37.76 11.65 -13.19
C TYR A 193 -38.86 10.88 -12.47
N GLY A 194 -38.59 10.40 -11.26
CA GLY A 194 -39.54 9.57 -10.53
C GLY A 194 -39.70 8.15 -11.07
N ILE A 195 -38.76 7.68 -11.89
CA ILE A 195 -38.80 6.29 -12.34
C ILE A 195 -38.57 5.34 -11.18
N LYS A 196 -39.34 4.24 -11.14
CA LYS A 196 -39.34 3.26 -10.05
C LYS A 196 -38.68 1.98 -10.53
N GLY A 197 -37.46 1.75 -10.06
CA GLY A 197 -36.63 0.68 -10.61
C GLY A 197 -36.24 -0.33 -9.54
N ILE A 198 -36.32 -1.59 -9.91
CA ILE A 198 -35.78 -2.64 -9.08
C ILE A 198 -34.74 -3.36 -9.91
N CYS A 199 -33.51 -3.39 -9.43
CA CYS A 199 -32.47 -4.20 -10.06
C CYS A 199 -32.44 -5.55 -9.40
N LEU A 200 -32.59 -6.63 -10.17
CA LEU A 200 -32.46 -7.96 -9.58
C LEU A 200 -31.16 -8.64 -9.99
N ARG A 201 -30.28 -8.86 -9.01
CA ARG A 201 -28.97 -9.49 -9.24
C ARG A 201 -29.14 -10.98 -9.26
N TYR A 202 -29.39 -11.59 -10.43
CA TYR A 202 -29.47 -13.05 -10.42
C TYR A 202 -28.06 -13.50 -10.24
N PHE A 203 -27.88 -14.64 -9.61
CA PHE A 203 -26.58 -15.27 -9.59
C PHE A 203 -26.51 -16.23 -10.76
N ASN A 204 -26.52 -17.53 -10.53
CA ASN A 204 -26.39 -18.45 -11.67
C ASN A 204 -27.69 -19.13 -12.06
N ALA A 205 -28.30 -18.60 -13.10
CA ALA A 205 -29.53 -19.12 -13.61
C ALA A 205 -29.31 -20.56 -14.05
N CYS A 206 -30.22 -21.44 -13.63
CA CYS A 206 -30.18 -22.85 -13.97
CA CYS A 206 -30.22 -22.82 -14.10
C CYS A 206 -31.59 -23.44 -13.96
N GLY A 207 -31.71 -24.72 -14.30
CA GLY A 207 -33.00 -25.42 -14.24
C GLY A 207 -33.78 -25.23 -15.52
N ALA A 208 -34.97 -25.84 -15.59
CA ALA A 208 -35.89 -25.64 -16.71
C ALA A 208 -37.33 -25.83 -16.24
N HIS A 209 -38.32 -25.35 -17.01
CA HIS A 209 -39.71 -25.52 -16.58
C HIS A 209 -40.04 -26.98 -16.39
N GLU A 210 -40.87 -27.28 -15.39
CA GLU A 210 -41.27 -28.64 -15.03
C GLU A 210 -41.86 -29.44 -16.23
N ASP A 211 -42.47 -28.73 -17.18
CA ASP A 211 -43.04 -29.37 -18.36
C ASP A 211 -41.95 -29.90 -19.29
N GLY A 212 -40.71 -29.53 -19.00
CA GLY A 212 -39.54 -30.00 -19.73
C GLY A 212 -39.44 -29.56 -21.18
N ASP A 213 -40.06 -28.44 -21.55
CA ASP A 213 -40.14 -28.10 -22.99
C ASP A 213 -39.40 -26.84 -23.43
N ILE A 214 -38.92 -26.09 -22.44
CA ILE A 214 -38.13 -24.88 -22.65
C ILE A 214 -36.98 -24.88 -21.67
N GLY A 215 -35.79 -24.52 -22.12
CA GLY A 215 -34.59 -24.54 -21.30
C GLY A 215 -33.43 -24.02 -22.11
N GLU A 216 -32.22 -24.18 -21.61
CA GLU A 216 -31.04 -23.74 -22.34
C GLU A 216 -30.28 -24.91 -22.96
N HIS A 217 -30.51 -25.13 -24.25
CA HIS A 217 -29.83 -26.18 -25.02
C HIS A 217 -28.32 -25.97 -25.05
N TYR A 218 -27.53 -27.04 -25.03
CA TYR A 218 -26.08 -26.91 -24.84
C TYR A 218 -25.31 -26.33 -26.03
N GLN A 219 -25.88 -26.39 -27.23
CA GLN A 219 -25.17 -25.93 -28.42
C GLN A 219 -25.09 -24.43 -28.50
N GLY A 220 -23.85 -23.93 -28.46
CA GLY A 220 -23.62 -22.51 -28.43
C GLY A 220 -23.58 -21.97 -27.02
N SER A 221 -23.94 -22.81 -26.05
CA SER A 221 -24.02 -22.34 -24.67
C SER A 221 -22.63 -22.09 -24.18
N THR A 222 -22.51 -21.17 -23.22
CA THR A 222 -21.25 -20.87 -22.58
C THR A 222 -21.30 -21.22 -21.08
N HIS A 223 -22.42 -21.75 -20.61
CA HIS A 223 -22.60 -22.01 -19.16
C HIS A 223 -22.26 -23.44 -18.72
N LEU A 224 -21.93 -23.62 -17.44
CA LEU A 224 -21.49 -24.92 -16.90
C LEU A 224 -22.47 -26.10 -17.10
N ILE A 225 -23.66 -25.99 -16.51
CA ILE A 225 -24.62 -27.07 -16.51
C ILE A 225 -25.10 -27.47 -17.92
N PRO A 226 -25.51 -26.48 -18.75
CA PRO A 226 -25.68 -26.86 -20.15
C PRO A 226 -24.47 -27.58 -20.77
N ILE A 227 -23.26 -27.14 -20.45
CA ILE A 227 -22.08 -27.70 -21.12
C ILE A 227 -21.76 -29.13 -20.68
N ILE A 228 -22.00 -29.41 -19.40
CA ILE A 228 -21.96 -30.79 -18.94
C ILE A 228 -22.99 -31.67 -19.67
N LEU A 229 -24.26 -31.33 -19.51
CA LEU A 229 -25.34 -32.14 -20.06
C LEU A 229 -25.06 -32.40 -21.53
N GLY A 230 -24.62 -31.36 -22.23
CA GLY A 230 -24.13 -31.46 -23.60
C GLY A 230 -23.07 -32.52 -23.75
N ARG A 231 -22.11 -32.58 -22.81
CA ARG A 231 -21.15 -33.67 -22.85
C ARG A 231 -21.85 -35.03 -22.70
N VAL A 232 -22.81 -35.13 -21.76
CA VAL A 232 -23.57 -36.35 -21.57
C VAL A 232 -24.32 -36.77 -22.84
N MET A 233 -24.81 -35.78 -23.60
CA MET A 233 -25.56 -36.06 -24.83
C MET A 233 -24.72 -36.68 -25.95
N SER A 234 -23.40 -36.68 -25.78
CA SER A 234 -22.51 -37.25 -26.79
C SER A 234 -21.75 -38.51 -26.31
N ASP A 235 -21.86 -38.79 -25.01
CA ASP A 235 -21.50 -40.09 -24.46
C ASP A 235 -22.58 -41.04 -24.95
N ILE A 236 -23.80 -40.49 -25.12
CA ILE A 236 -25.02 -41.19 -25.53
C ILE A 236 -24.95 -41.54 -27.02
N ALA A 237 -24.79 -40.48 -27.84
CA ALA A 237 -24.75 -40.62 -29.30
C ALA A 237 -23.81 -41.77 -29.76
N PRO A 238 -24.20 -42.48 -30.86
CA PRO A 238 -23.47 -43.58 -31.51
C PRO A 238 -21.95 -43.46 -31.35
N ASP A 239 -21.36 -44.40 -30.60
CA ASP A 239 -19.95 -44.36 -30.17
C ASP A 239 -19.04 -43.34 -30.88
N ASP A 251 -11.09 -35.10 -28.78
CA ASP A 251 -11.28 -35.09 -27.32
C ASP A 251 -12.77 -35.08 -26.96
N LYS A 252 -13.10 -35.76 -25.87
CA LYS A 252 -14.48 -35.84 -25.39
C LYS A 252 -14.71 -35.16 -24.03
N ARG A 253 -13.76 -35.32 -23.11
CA ARG A 253 -13.92 -35.00 -21.67
C ARG A 253 -14.44 -33.59 -21.31
N MET A 254 -14.91 -33.45 -20.06
CA MET A 254 -15.50 -32.20 -19.55
C MET A 254 -14.46 -31.21 -19.00
N PRO A 255 -14.28 -30.06 -19.69
CA PRO A 255 -13.31 -29.05 -19.29
C PRO A 255 -13.66 -28.32 -18.00
N ILE A 256 -12.74 -28.32 -17.03
CA ILE A 256 -12.84 -27.47 -15.86
C ILE A 256 -11.96 -26.22 -16.08
N PHE A 257 -12.53 -25.03 -15.94
CA PHE A 257 -11.77 -23.78 -16.07
C PHE A 257 -11.19 -23.25 -14.75
N GLY A 258 -9.97 -23.67 -14.44
CA GLY A 258 -9.27 -23.24 -13.24
C GLY A 258 -9.44 -24.19 -12.06
N THR A 259 -8.31 -24.63 -11.51
CA THR A 259 -8.26 -25.45 -10.29
C THR A 259 -7.34 -24.84 -9.24
N ASP A 260 -6.85 -23.63 -9.52
CA ASP A 260 -5.95 -22.86 -8.63
C ASP A 260 -6.59 -21.61 -7.99
N TYR A 261 -7.90 -21.66 -7.76
CA TYR A 261 -8.64 -20.60 -7.09
C TYR A 261 -8.57 -20.77 -5.56
N PRO A 262 -8.68 -19.67 -4.79
CA PRO A 262 -8.76 -19.73 -3.30
C PRO A 262 -10.08 -20.30 -2.75
N THR A 263 -10.39 -21.56 -3.07
CA THR A 263 -11.65 -22.20 -2.68
C THR A 263 -11.37 -23.55 -2.00
N PRO A 264 -12.33 -24.09 -1.23
CA PRO A 264 -12.03 -25.39 -0.61
C PRO A 264 -11.64 -26.56 -1.55
N ASP A 265 -11.63 -26.34 -2.88
CA ASP A 265 -11.26 -27.40 -3.84
C ASP A 265 -10.70 -26.93 -5.19
N GLY A 266 -10.28 -25.67 -5.26
CA GLY A 266 -9.62 -25.14 -6.44
C GLY A 266 -10.58 -24.63 -7.49
N THR A 267 -11.83 -25.05 -7.41
CA THR A 267 -12.84 -24.69 -8.41
C THR A 267 -13.69 -23.52 -7.94
N CYS A 268 -13.94 -22.57 -8.85
CA CYS A 268 -14.93 -21.52 -8.66
C CYS A 268 -16.19 -22.05 -7.97
N VAL A 269 -16.66 -21.31 -6.97
CA VAL A 269 -17.93 -21.66 -6.32
C VAL A 269 -19.01 -20.69 -6.77
N ARG A 270 -20.25 -21.18 -6.85
CA ARG A 270 -21.37 -20.43 -7.44
C ARG A 270 -22.68 -20.83 -6.76
N ASP A 271 -23.71 -20.00 -6.96
CA ASP A 271 -25.02 -20.18 -6.34
C ASP A 271 -26.00 -20.37 -7.48
N TYR A 272 -26.54 -21.60 -7.59
CA TYR A 272 -27.37 -22.04 -8.73
C TYR A 272 -28.88 -21.90 -8.47
N VAL A 273 -29.46 -20.81 -8.97
CA VAL A 273 -30.86 -20.49 -8.64
C VAL A 273 -31.73 -20.92 -9.83
N HIS A 274 -32.97 -21.33 -9.57
CA HIS A 274 -33.85 -21.91 -10.60
C HIS A 274 -34.67 -20.82 -11.33
N VAL A 275 -34.67 -20.93 -12.65
CA VAL A 275 -35.35 -19.96 -13.48
C VAL A 275 -36.81 -19.71 -13.08
N CYS A 276 -37.44 -20.66 -12.41
CA CYS A 276 -38.82 -20.45 -12.03
C CYS A 276 -38.92 -19.63 -10.76
N ASP A 277 -37.99 -19.86 -9.83
CA ASP A 277 -37.90 -19.05 -8.62
C ASP A 277 -37.57 -17.60 -9.03
N LEU A 278 -36.62 -17.45 -9.97
CA LEU A 278 -36.29 -16.14 -10.51
C LEU A 278 -37.52 -15.51 -11.17
N ALA A 279 -38.32 -16.33 -11.84
CA ALA A 279 -39.52 -15.84 -12.48
C ALA A 279 -40.48 -15.22 -11.46
N SER A 280 -40.56 -15.84 -10.28
CA SER A 280 -41.55 -15.42 -9.31
C SER A 280 -41.08 -14.18 -8.58
N ALA A 281 -39.77 -14.03 -8.46
CA ALA A 281 -39.20 -12.79 -7.95
C ALA A 281 -39.64 -11.59 -8.78
N HIS A 282 -39.67 -11.73 -10.11
CA HIS A 282 -40.08 -10.61 -10.99
C HIS A 282 -41.53 -10.22 -10.77
N ILE A 283 -42.37 -11.22 -10.49
CA ILE A 283 -43.78 -10.97 -10.25
C ILE A 283 -43.97 -10.22 -8.92
N LEU A 284 -43.25 -10.65 -7.89
CA LEU A 284 -43.23 -9.90 -6.66
C LEU A 284 -42.68 -8.49 -6.89
N ALA A 285 -41.62 -8.38 -7.69
CA ALA A 285 -40.97 -7.09 -7.91
C ALA A 285 -41.95 -6.18 -8.63
N LEU A 286 -42.56 -6.68 -9.70
CA LEU A 286 -43.64 -5.96 -10.41
C LEU A 286 -44.67 -5.46 -9.41
N ASP A 287 -45.13 -6.37 -8.56
CA ASP A 287 -46.12 -6.01 -7.56
C ASP A 287 -45.64 -4.92 -6.58
N TYR A 288 -44.41 -5.05 -6.09
CA TYR A 288 -43.87 -4.05 -5.17
C TYR A 288 -43.73 -2.64 -5.75
N VAL A 289 -43.33 -2.52 -7.02
CA VAL A 289 -43.20 -1.18 -7.63
C VAL A 289 -44.54 -0.60 -7.97
N GLU A 290 -45.49 -1.47 -8.24
CA GLU A 290 -46.84 -1.05 -8.57
C GLU A 290 -47.50 -0.25 -7.44
N LYS A 291 -47.19 -0.61 -6.20
CA LYS A 291 -47.86 -0.04 -5.01
C LYS A 291 -47.08 1.11 -4.36
N LEU A 292 -46.14 1.70 -5.07
CA LEU A 292 -45.31 2.77 -4.53
C LEU A 292 -45.93 4.10 -4.85
N GLY A 293 -45.99 4.96 -3.84
CA GLY A 293 -46.62 6.26 -4.04
C GLY A 293 -45.64 7.41 -3.90
N PRO A 294 -46.02 8.60 -4.42
CA PRO A 294 -45.11 9.74 -4.42
C PRO A 294 -44.68 10.06 -2.99
N ASN A 295 -45.47 9.56 -2.06
CA ASN A 295 -45.25 9.69 -0.62
C ASN A 295 -43.84 9.26 -0.23
N ASP A 296 -43.38 8.18 -0.86
CA ASP A 296 -42.26 7.38 -0.37
C ASP A 296 -40.90 8.13 -0.15
N LYS A 297 -40.12 8.49 -1.17
CA LYS A 297 -40.03 7.91 -2.50
C LYS A 297 -38.55 7.52 -2.52
N SER A 298 -38.00 7.42 -1.32
CA SER A 298 -36.68 6.85 -1.07
C SER A 298 -36.69 5.34 -1.35
N LYS A 299 -37.84 4.79 -1.71
CA LYS A 299 -37.93 3.39 -2.11
C LYS A 299 -38.06 3.21 -3.63
N TYR A 300 -38.04 4.31 -4.35
CA TYR A 300 -38.18 4.28 -5.81
C TYR A 300 -37.10 3.46 -6.50
N PHE A 301 -35.93 3.34 -5.87
CA PHE A 301 -34.86 2.48 -6.38
C PHE A 301 -34.46 1.49 -5.31
N SER A 302 -34.52 0.22 -5.65
CA SER A 302 -34.03 -0.82 -4.77
C SER A 302 -33.30 -1.90 -5.53
N VAL A 303 -32.57 -2.73 -4.78
CA VAL A 303 -31.82 -3.84 -5.34
C VAL A 303 -32.10 -5.10 -4.52
N PHE A 304 -31.86 -6.25 -5.12
CA PHE A 304 -32.12 -7.51 -4.44
C PHE A 304 -31.23 -8.51 -5.06
N ASN A 305 -30.64 -9.34 -4.21
CA ASN A 305 -29.81 -10.46 -4.66
C ASN A 305 -30.66 -11.72 -4.67
N LEU A 306 -30.62 -12.43 -5.81
CA LEU A 306 -31.42 -13.66 -5.99
C LEU A 306 -30.56 -14.89 -6.14
N GLY A 307 -30.67 -15.78 -5.16
CA GLY A 307 -29.92 -17.03 -5.12
C GLY A 307 -30.45 -17.89 -4.00
N THR A 308 -30.01 -19.14 -4.00
CA THR A 308 -30.41 -20.09 -2.97
C THR A 308 -29.62 -19.91 -1.67
N SER A 309 -28.41 -19.36 -1.75
CA SER A 309 -27.58 -19.13 -0.55
C SER A 309 -26.66 -20.32 -0.24
N ARG A 310 -27.03 -21.51 -0.72
CA ARG A 310 -26.20 -22.69 -0.67
C ARG A 310 -25.28 -22.59 -1.91
N GLY A 311 -23.99 -22.87 -1.74
CA GLY A 311 -23.04 -22.80 -2.86
C GLY A 311 -22.55 -24.16 -3.29
N TYR A 312 -22.09 -24.27 -4.54
CA TYR A 312 -21.48 -25.50 -5.07
C TYR A 312 -20.28 -25.12 -5.91
N SER A 313 -19.24 -25.96 -5.89
CA SER A 313 -18.04 -25.73 -6.70
C SER A 313 -18.16 -26.47 -8.02
N VAL A 314 -17.45 -26.01 -9.04
CA VAL A 314 -17.52 -26.66 -10.35
C VAL A 314 -17.42 -28.19 -10.21
N ARG A 315 -16.51 -28.66 -9.38
CA ARG A 315 -16.35 -30.10 -9.16
C ARG A 315 -17.62 -30.73 -8.57
N GLU A 316 -18.19 -30.07 -7.56
CA GLU A 316 -19.43 -30.52 -6.90
C GLU A 316 -20.62 -30.57 -7.87
N VAL A 317 -20.70 -29.57 -8.74
CA VAL A 317 -21.74 -29.49 -9.75
C VAL A 317 -21.68 -30.76 -10.56
N ILE A 318 -20.52 -31.01 -11.18
CA ILE A 318 -20.33 -32.15 -12.06
C ILE A 318 -20.73 -33.46 -11.38
N GLU A 319 -20.36 -33.62 -10.10
CA GLU A 319 -20.78 -34.80 -9.35
C GLU A 319 -22.30 -34.97 -9.33
N VAL A 320 -23.05 -33.88 -9.13
CA VAL A 320 -24.52 -33.93 -9.11
C VAL A 320 -25.07 -34.31 -10.48
N ALA A 321 -24.47 -33.78 -11.54
CA ALA A 321 -24.79 -34.21 -12.88
C ALA A 321 -24.64 -35.73 -12.97
N ARG A 322 -23.46 -36.23 -12.60
CA ARG A 322 -23.15 -37.67 -12.59
C ARG A 322 -24.22 -38.53 -11.93
N LYS A 323 -24.68 -38.12 -10.75
CA LYS A 323 -25.69 -38.88 -10.05
C LYS A 323 -27.09 -38.70 -10.69
N THR A 324 -27.34 -37.54 -11.30
CA THR A 324 -28.64 -37.23 -11.89
C THR A 324 -28.87 -37.91 -13.26
N THR A 325 -27.81 -38.02 -14.05
CA THR A 325 -27.91 -38.60 -15.39
C THR A 325 -27.57 -40.09 -15.40
N GLY A 326 -26.83 -40.53 -14.39
CA GLY A 326 -26.27 -41.87 -14.33
C GLY A 326 -25.09 -42.08 -15.29
N HIS A 327 -24.45 -41.00 -15.71
CA HIS A 327 -23.34 -41.09 -16.69
C HIS A 327 -21.95 -40.84 -16.09
N PRO A 328 -20.90 -41.42 -16.71
CA PRO A 328 -19.53 -41.33 -16.18
C PRO A 328 -19.05 -39.88 -16.04
N ILE A 329 -19.23 -39.09 -17.10
CA ILE A 329 -18.69 -37.73 -17.21
C ILE A 329 -17.23 -37.63 -16.72
N PRO A 330 -16.27 -38.06 -17.55
CA PRO A 330 -14.87 -37.81 -17.19
C PRO A 330 -14.54 -36.31 -17.30
N VAL A 331 -13.69 -35.82 -16.41
CA VAL A 331 -13.29 -34.40 -16.44
C VAL A 331 -11.97 -34.16 -17.18
N ARG A 332 -11.50 -32.92 -17.11
CA ARG A 332 -10.34 -32.47 -17.86
C ARG A 332 -10.03 -31.01 -17.49
N GLU A 333 -9.01 -30.81 -16.67
CA GLU A 333 -8.70 -29.47 -16.14
C GLU A 333 -7.94 -28.59 -17.09
N CYS A 334 -8.33 -27.32 -17.12
CA CYS A 334 -7.68 -26.28 -17.93
C CYS A 334 -7.40 -25.04 -17.12
N GLY A 335 -6.88 -24.04 -17.82
CA GLY A 335 -6.67 -22.72 -17.26
C GLY A 335 -7.97 -21.95 -17.07
N ARG A 336 -8.02 -21.24 -15.94
CA ARG A 336 -9.07 -20.25 -15.63
C ARG A 336 -9.59 -19.51 -16.87
N ARG A 337 -10.88 -19.20 -16.87
CA ARG A 337 -11.48 -18.33 -17.89
C ARG A 337 -11.29 -16.87 -17.45
N GLU A 338 -10.96 -15.99 -18.40
CA GLU A 338 -10.76 -14.58 -18.06
CA GLU A 338 -10.78 -14.55 -18.11
C GLU A 338 -12.06 -13.91 -17.55
N GLY A 339 -12.00 -13.39 -16.31
CA GLY A 339 -13.11 -12.65 -15.71
C GLY A 339 -14.02 -13.42 -14.77
N ASP A 340 -13.50 -14.51 -14.21
CA ASP A 340 -14.23 -15.31 -13.24
C ASP A 340 -13.71 -15.03 -11.83
N PRO A 341 -14.58 -14.49 -10.96
CA PRO A 341 -14.32 -14.42 -9.51
C PRO A 341 -14.12 -15.82 -8.95
N ALA A 342 -13.64 -15.92 -7.71
CA ALA A 342 -13.53 -17.25 -7.09
C ALA A 342 -14.87 -17.74 -6.49
N TYR A 343 -15.67 -16.80 -5.97
CA TYR A 343 -16.84 -17.16 -5.17
C TYR A 343 -17.97 -16.16 -5.45
N LEU A 344 -19.18 -16.67 -5.70
CA LEU A 344 -20.35 -15.81 -5.84
C LEU A 344 -21.59 -16.52 -5.30
N VAL A 345 -21.86 -16.33 -4.02
CA VAL A 345 -23.02 -16.95 -3.39
C VAL A 345 -23.91 -15.88 -2.78
N ALA A 346 -25.21 -15.92 -3.08
CA ALA A 346 -26.18 -14.89 -2.63
C ALA A 346 -26.67 -14.94 -1.17
N ALA A 347 -26.68 -13.80 -0.50
CA ALA A 347 -27.50 -13.64 0.70
C ALA A 347 -28.79 -12.99 0.26
N SER A 348 -29.92 -13.69 0.44
CA SER A 348 -31.19 -13.29 -0.15
C SER A 348 -32.24 -12.75 0.83
N ASP A 349 -31.80 -12.40 2.03
CA ASP A 349 -32.64 -11.88 3.10
C ASP A 349 -33.60 -10.77 2.66
N LYS A 350 -33.06 -9.76 1.97
CA LYS A 350 -33.85 -8.59 1.53
C LYS A 350 -34.99 -8.96 0.59
N ALA A 351 -34.69 -9.79 -0.40
CA ALA A 351 -35.73 -10.35 -1.28
C ALA A 351 -36.82 -11.07 -0.48
N ARG A 352 -36.42 -11.88 0.49
CA ARG A 352 -37.36 -12.66 1.30
C ARG A 352 -38.20 -11.79 2.23
N GLU A 353 -37.59 -10.78 2.83
CA GLU A 353 -38.31 -9.81 3.69
C GLU A 353 -39.25 -8.88 2.88
N VAL A 354 -38.69 -8.16 1.92
CA VAL A 354 -39.41 -7.09 1.23
C VAL A 354 -40.36 -7.59 0.15
N LEU A 355 -39.93 -8.59 -0.62
CA LEU A 355 -40.75 -9.10 -1.69
C LEU A 355 -41.54 -10.31 -1.22
N GLY A 356 -41.09 -10.93 -0.13
CA GLY A 356 -41.70 -12.18 0.34
C GLY A 356 -41.43 -13.25 -0.71
N TRP A 357 -40.17 -13.31 -1.15
CA TRP A 357 -39.74 -14.29 -2.11
C TRP A 357 -39.41 -15.60 -1.39
N LYS A 358 -40.08 -16.66 -1.82
CA LYS A 358 -39.79 -18.01 -1.35
C LYS A 358 -39.36 -18.84 -2.57
N PRO A 359 -38.05 -19.13 -2.70
CA PRO A 359 -37.61 -20.02 -3.76
C PRO A 359 -38.00 -21.47 -3.47
N LYS A 360 -38.79 -22.08 -4.35
CA LYS A 360 -39.21 -23.47 -4.18
C LYS A 360 -38.05 -24.47 -4.30
N TYR A 361 -37.10 -24.22 -5.19
CA TYR A 361 -35.93 -25.11 -5.32
C TYR A 361 -34.78 -24.69 -4.41
N ASP A 362 -34.37 -25.59 -3.51
CA ASP A 362 -33.32 -25.30 -2.52
C ASP A 362 -32.02 -26.06 -2.83
N THR A 363 -32.16 -27.29 -3.31
CA THR A 363 -31.02 -28.18 -3.65
C THR A 363 -30.70 -28.13 -5.14
N LEU A 364 -29.47 -28.44 -5.50
CA LEU A 364 -29.12 -28.48 -6.92
C LEU A 364 -29.64 -29.77 -7.57
N GLU A 365 -29.81 -30.82 -6.76
CA GLU A 365 -30.23 -32.10 -7.31
C GLU A 365 -31.59 -31.92 -7.98
N ALA A 366 -32.54 -31.30 -7.30
CA ALA A 366 -33.85 -31.08 -7.89
C ALA A 366 -33.81 -30.15 -9.12
N ILE A 367 -32.95 -29.13 -9.09
CA ILE A 367 -32.77 -28.26 -10.25
C ILE A 367 -32.16 -29.02 -11.43
N MET A 368 -30.97 -29.59 -11.20
CA MET A 368 -30.33 -30.52 -12.12
C MET A 368 -31.34 -31.47 -12.81
N GLU A 369 -32.29 -32.00 -12.04
CA GLU A 369 -33.33 -32.87 -12.59
C GLU A 369 -34.10 -32.18 -13.73
N THR A 370 -34.50 -30.92 -13.52
CA THR A 370 -35.32 -30.25 -14.53
C THR A 370 -34.48 -29.83 -15.71
N SER A 371 -33.19 -29.60 -15.48
CA SER A 371 -32.29 -29.23 -16.57
C SER A 371 -32.05 -30.43 -17.48
N TRP A 372 -31.86 -31.59 -16.86
CA TRP A 372 -31.64 -32.86 -17.55
C TRP A 372 -32.88 -33.30 -18.38
N LYS A 373 -34.00 -33.49 -17.69
CA LYS A 373 -35.31 -33.69 -18.30
C LYS A 373 -35.52 -32.87 -19.58
N PHE A 374 -35.18 -31.58 -19.57
CA PHE A 374 -35.28 -30.80 -20.79
C PHE A 374 -34.27 -31.24 -21.84
N GLN A 375 -33.00 -31.22 -21.49
CA GLN A 375 -31.90 -31.47 -22.44
C GLN A 375 -31.98 -32.87 -23.07
N ARG A 376 -32.27 -33.85 -22.22
CA ARG A 376 -32.32 -35.23 -22.64
C ARG A 376 -33.48 -35.46 -23.60
N THR A 377 -34.48 -34.58 -23.56
CA THR A 377 -35.57 -34.68 -24.52
C THR A 377 -35.38 -33.80 -25.73
N HIS A 378 -34.36 -32.96 -25.71
CA HIS A 378 -34.11 -32.10 -26.84
C HIS A 378 -32.68 -32.28 -27.34
N PRO A 379 -32.43 -33.36 -28.09
CA PRO A 379 -31.14 -33.62 -28.70
C PRO A 379 -30.69 -32.55 -29.70
N ASN A 380 -31.64 -31.83 -30.29
CA ASN A 380 -31.35 -30.81 -31.31
C ASN A 380 -31.86 -29.43 -30.93
N GLY A 381 -32.28 -29.26 -29.67
CA GLY A 381 -32.91 -28.01 -29.22
C GLY A 381 -34.35 -27.88 -29.69
N TYR A 382 -34.86 -26.66 -29.70
CA TYR A 382 -36.19 -26.35 -30.28
C TYR A 382 -36.24 -26.65 -31.80
N ALA A 383 -35.05 -26.90 -32.38
CA ALA A 383 -34.91 -27.34 -33.78
C ALA A 383 -35.36 -28.79 -33.94
N SER B 1 6.61 16.97 -32.90
CA SER B 1 7.23 15.84 -33.67
C SER B 1 6.18 15.08 -34.53
N HIS B 2 5.70 15.77 -35.55
N HIS B 2 5.67 15.80 -35.53
CA HIS B 2 4.68 15.32 -36.54
CA HIS B 2 4.66 15.35 -36.52
C HIS B 2 3.87 14.04 -36.26
C HIS B 2 3.88 14.06 -36.26
N MET B 3 2.62 14.26 -35.87
CA MET B 3 1.67 13.19 -35.57
C MET B 3 0.34 13.83 -35.96
N ARG B 4 -0.65 13.06 -36.39
CA ARG B 4 -1.94 13.66 -36.76
C ARG B 4 -3.02 13.45 -35.70
N VAL B 5 -3.52 14.56 -35.16
CA VAL B 5 -4.40 14.55 -34.01
C VAL B 5 -5.83 14.99 -34.34
N LEU B 6 -6.78 14.15 -33.93
CA LEU B 6 -8.18 14.50 -33.97
C LEU B 6 -8.55 15.00 -32.59
N VAL B 7 -9.07 16.21 -32.55
CA VAL B 7 -9.52 16.76 -31.28
C VAL B 7 -11.04 16.93 -31.32
N CYS B 8 -11.71 16.15 -30.48
CA CYS B 8 -13.17 16.17 -30.41
C CYS B 8 -13.56 17.08 -29.28
N GLY B 9 -14.42 18.06 -29.58
CA GLY B 9 -14.70 19.14 -28.66
C GLY B 9 -13.65 20.25 -28.69
N GLY B 10 -12.90 20.33 -29.80
CA GLY B 10 -11.81 21.30 -29.95
C GLY B 10 -12.20 22.76 -30.16
N ALA B 11 -13.48 22.98 -30.48
CA ALA B 11 -14.05 24.33 -30.62
C ALA B 11 -14.41 24.90 -29.25
N GLY B 12 -14.33 24.10 -28.21
CA GLY B 12 -14.75 24.54 -26.89
C GLY B 12 -13.72 25.37 -26.15
N TYR B 13 -14.09 25.76 -24.94
CA TYR B 13 -13.26 26.57 -24.05
C TYR B 13 -11.89 25.93 -23.86
N ILE B 14 -11.83 24.75 -23.26
CA ILE B 14 -10.53 24.08 -23.07
C ILE B 14 -9.92 23.64 -24.41
N GLY B 15 -10.77 23.31 -25.39
CA GLY B 15 -10.30 22.80 -26.68
C GLY B 15 -9.50 23.86 -27.42
N SER B 16 -10.07 25.05 -27.50
CA SER B 16 -9.40 26.15 -28.16
C SER B 16 -8.04 26.42 -27.56
N HIS B 17 -7.91 26.28 -26.24
CA HIS B 17 -6.61 26.50 -25.62
C HIS B 17 -5.58 25.41 -25.96
N PHE B 18 -5.95 24.14 -25.80
CA PHE B 18 -5.16 23.01 -26.28
C PHE B 18 -4.79 23.09 -27.76
N VAL B 19 -5.71 23.50 -28.62
CA VAL B 19 -5.38 23.59 -30.02
C VAL B 19 -4.29 24.63 -30.29
N ARG B 20 -4.51 25.87 -29.85
CA ARG B 20 -3.48 26.90 -29.97
C ARG B 20 -2.13 26.32 -29.58
N ALA B 21 -2.08 25.64 -28.45
CA ALA B 21 -0.85 25.06 -27.96
C ALA B 21 -0.23 24.03 -28.95
N LEU B 22 -1.06 23.09 -29.44
CA LEU B 22 -0.68 22.19 -30.54
C LEU B 22 -0.09 22.91 -31.76
N LEU B 23 -0.71 24.05 -32.11
CA LEU B 23 -0.34 24.85 -33.29
C LEU B 23 0.98 25.57 -33.10
N ARG B 24 1.29 25.93 -31.86
CA ARG B 24 2.40 26.82 -31.59
C ARG B 24 3.59 26.14 -30.93
N ASP B 25 3.34 25.04 -30.22
CA ASP B 25 4.45 24.39 -29.51
C ASP B 25 4.86 23.02 -30.11
N THR B 26 4.19 22.60 -31.19
CA THR B 26 4.46 21.29 -31.80
C THR B 26 4.36 21.35 -33.31
N ASN B 27 4.70 20.22 -33.95
CA ASN B 27 4.56 20.00 -35.41
C ASN B 27 3.44 19.02 -35.78
N HIS B 28 2.55 18.75 -34.83
CA HIS B 28 1.38 17.89 -35.07
C HIS B 28 0.38 18.55 -36.03
N SER B 29 -0.21 17.75 -36.90
CA SER B 29 -1.30 18.19 -37.78
C SER B 29 -2.59 18.15 -36.97
N VAL B 30 -3.57 18.96 -37.32
CA VAL B 30 -4.70 19.10 -36.40
C VAL B 30 -6.08 19.16 -37.04
N VAL B 31 -6.92 18.19 -36.66
CA VAL B 31 -8.29 18.13 -37.13
C VAL B 31 -9.25 18.21 -35.97
N ILE B 32 -10.26 19.05 -36.15
CA ILE B 32 -11.24 19.27 -35.13
C ILE B 32 -12.61 18.79 -35.57
N VAL B 33 -13.12 17.82 -34.82
CA VAL B 33 -14.54 17.49 -34.87
C VAL B 33 -15.27 18.15 -33.67
N ASP B 34 -16.38 18.82 -33.96
CA ASP B 34 -17.17 19.50 -32.95
C ASP B 34 -18.52 19.85 -33.53
N SER B 35 -19.59 19.60 -32.78
CA SER B 35 -20.93 19.90 -33.26
C SER B 35 -21.30 21.37 -33.09
N LEU B 36 -20.44 22.11 -32.40
CA LEU B 36 -20.69 23.50 -32.01
C LEU B 36 -21.95 23.63 -31.11
N VAL B 37 -22.22 22.59 -30.32
CA VAL B 37 -23.37 22.61 -29.45
C VAL B 37 -23.08 23.43 -28.21
N GLY B 38 -21.80 23.67 -27.94
CA GLY B 38 -21.41 24.46 -26.77
C GLY B 38 -20.87 25.84 -27.12
N THR B 39 -20.66 26.08 -28.41
CA THR B 39 -20.17 27.39 -28.85
C THR B 39 -21.31 28.19 -29.48
N HIS B 40 -22.53 27.93 -29.02
CA HIS B 40 -23.71 28.60 -29.57
C HIS B 40 -23.80 28.47 -31.10
N GLY B 41 -23.24 27.41 -31.66
CA GLY B 41 -23.34 27.13 -33.09
C GLY B 41 -22.49 27.98 -34.02
N LYS B 42 -21.37 28.53 -33.50
CA LYS B 42 -20.48 29.35 -34.32
CA LYS B 42 -20.49 29.43 -34.25
C LYS B 42 -19.02 29.02 -34.11
N SER B 43 -18.20 29.37 -35.09
CA SER B 43 -16.79 28.98 -35.04
C SER B 43 -15.80 30.10 -35.31
N ASP B 44 -16.26 31.35 -35.22
CA ASP B 44 -15.42 32.53 -35.50
C ASP B 44 -14.07 32.48 -34.76
N HIS B 45 -14.08 31.92 -33.56
CA HIS B 45 -12.92 31.89 -32.68
C HIS B 45 -11.96 30.74 -32.97
N VAL B 46 -12.36 29.82 -33.84
CA VAL B 46 -11.55 28.65 -34.16
C VAL B 46 -10.41 29.01 -35.08
N GLU B 47 -9.23 28.48 -34.79
CA GLU B 47 -8.01 28.76 -35.56
C GLU B 47 -7.90 27.91 -36.84
N THR B 48 -8.91 28.03 -37.72
CA THR B 48 -8.91 27.38 -39.04
C THR B 48 -7.94 28.05 -39.99
N ARG B 49 -7.95 27.60 -41.24
CA ARG B 49 -7.15 28.26 -42.26
C ARG B 49 -7.63 29.71 -42.51
N GLU B 50 -8.95 29.93 -42.59
CA GLU B 50 -9.48 31.29 -42.82
C GLU B 50 -9.08 32.22 -41.70
N ASN B 51 -9.38 31.79 -40.47
CA ASN B 51 -9.23 32.64 -39.30
C ASN B 51 -7.78 32.97 -38.89
N VAL B 52 -6.86 32.04 -39.12
CA VAL B 52 -5.45 32.29 -38.81
C VAL B 52 -4.79 33.26 -39.81
N ALA B 53 -5.36 33.35 -41.01
CA ALA B 53 -4.88 34.30 -42.01
C ALA B 53 -5.43 35.73 -41.76
N ARG B 54 -6.56 35.83 -41.05
CA ARG B 54 -7.17 37.13 -40.71
CA ARG B 54 -7.15 37.13 -40.73
C ARG B 54 -6.46 37.80 -39.54
N LYS B 55 -5.99 36.97 -38.60
CA LYS B 55 -5.17 37.40 -37.47
C LYS B 55 -3.87 37.98 -38.02
N LEU B 56 -3.42 37.39 -39.12
CA LEU B 56 -2.16 37.73 -39.78
C LEU B 56 -2.32 39.08 -40.44
N GLN B 57 -3.47 39.25 -41.08
CA GLN B 57 -3.83 40.46 -41.82
C GLN B 57 -4.05 41.69 -40.91
N GLN B 58 -4.82 41.54 -39.82
CA GLN B 58 -5.06 42.63 -38.86
CA GLN B 58 -5.04 42.65 -38.88
C GLN B 58 -3.79 42.97 -38.07
N SER B 59 -2.90 41.99 -37.97
CA SER B 59 -1.66 42.06 -37.21
C SER B 59 -0.52 42.91 -37.81
N ASP B 60 0.19 43.63 -36.95
CA ASP B 60 1.29 44.49 -37.38
C ASP B 60 2.60 43.96 -36.82
N GLY B 61 3.64 43.95 -37.62
CA GLY B 61 4.93 43.48 -37.15
C GLY B 61 5.26 42.07 -37.61
N PRO B 62 6.52 41.64 -37.35
CA PRO B 62 7.07 40.40 -37.88
C PRO B 62 6.31 39.13 -37.47
N LYS B 63 5.96 38.29 -38.46
CA LYS B 63 5.26 37.02 -38.28
C LYS B 63 5.98 36.10 -37.28
N PRO B 64 5.20 35.46 -36.37
CA PRO B 64 5.79 34.50 -35.45
C PRO B 64 5.98 33.16 -36.14
N PRO B 65 6.87 32.30 -35.61
CA PRO B 65 7.13 30.98 -36.21
C PRO B 65 5.89 30.06 -36.35
N TRP B 66 4.71 30.57 -36.03
CA TRP B 66 3.46 29.80 -36.00
C TRP B 66 2.32 30.52 -36.75
N ALA B 67 2.65 31.62 -37.42
CA ALA B 67 1.65 32.52 -38.00
C ALA B 67 0.86 31.86 -39.11
N ASP B 68 1.42 30.79 -39.67
CA ASP B 68 0.80 30.05 -40.77
C ASP B 68 0.03 28.78 -40.33
N ARG B 69 0.43 28.21 -39.20
CA ARG B 69 -0.21 27.00 -38.66
C ARG B 69 -1.70 27.21 -38.39
N TYR B 70 -2.49 26.15 -38.59
CA TYR B 70 -3.97 26.16 -38.47
C TYR B 70 -4.53 24.74 -38.43
N ALA B 71 -5.74 24.61 -37.93
CA ALA B 71 -6.38 23.30 -37.80
C ALA B 71 -7.54 23.16 -38.79
N ALA B 72 -7.84 21.93 -39.16
CA ALA B 72 -9.02 21.65 -39.96
C ALA B 72 -10.20 21.53 -39.02
N LEU B 73 -11.33 22.11 -39.41
CA LEU B 73 -12.54 21.99 -38.63
C LEU B 73 -13.66 21.17 -39.31
N GLU B 74 -14.10 20.09 -38.65
CA GLU B 74 -15.25 19.30 -39.11
C GLU B 74 -16.46 19.48 -38.19
N VAL B 75 -17.55 20.00 -38.73
CA VAL B 75 -18.77 20.27 -37.94
C VAL B 75 -19.81 19.12 -37.90
N GLY B 76 -20.03 18.56 -36.72
CA GLY B 76 -21.03 17.50 -36.52
C GLY B 76 -20.86 16.74 -35.22
N ASP B 77 -21.78 15.82 -34.94
CA ASP B 77 -21.78 15.08 -33.67
C ASP B 77 -20.91 13.84 -33.82
N VAL B 78 -20.08 13.53 -32.82
CA VAL B 78 -19.33 12.27 -32.85
C VAL B 78 -20.25 11.04 -32.74
N ARG B 79 -21.50 11.26 -32.35
CA ARG B 79 -22.46 10.17 -32.18
C ARG B 79 -23.06 9.72 -33.51
N ASN B 80 -22.91 10.56 -34.53
CA ASN B 80 -23.39 10.24 -35.86
C ASN B 80 -22.39 9.37 -36.64
N GLU B 81 -22.69 8.06 -36.70
CA GLU B 81 -21.81 7.04 -37.32
C GLU B 81 -21.21 7.46 -38.68
N ASP B 82 -22.03 8.02 -39.57
CA ASP B 82 -21.57 8.34 -40.91
C ASP B 82 -20.55 9.44 -40.87
N PHE B 83 -20.91 10.52 -40.19
CA PHE B 83 -20.09 11.70 -40.11
C PHE B 83 -18.71 11.37 -39.55
N LEU B 84 -18.65 10.62 -38.46
CA LEU B 84 -17.36 10.30 -37.86
C LEU B 84 -16.43 9.53 -38.83
N ASN B 85 -16.97 8.49 -39.46
CA ASN B 85 -16.24 7.71 -40.43
C ASN B 85 -15.73 8.56 -41.58
N GLY B 86 -16.58 9.47 -42.08
CA GLY B 86 -16.20 10.50 -43.07
C GLY B 86 -14.90 11.21 -42.68
N VAL B 87 -14.94 11.83 -41.50
CA VAL B 87 -13.79 12.50 -40.90
C VAL B 87 -12.53 11.61 -40.73
N PHE B 88 -12.70 10.36 -40.33
CA PHE B 88 -11.56 9.45 -40.24
C PHE B 88 -11.01 9.02 -41.62
N THR B 89 -11.91 8.90 -42.60
CA THR B 89 -11.55 8.59 -43.99
C THR B 89 -10.71 9.72 -44.61
N ARG B 90 -11.32 10.88 -44.94
CA ARG B 90 -10.56 12.08 -45.40
C ARG B 90 -9.25 12.34 -44.63
N HIS B 91 -9.36 12.70 -43.36
CA HIS B 91 -8.20 13.17 -42.60
C HIS B 91 -7.21 12.07 -42.17
N GLY B 92 -7.49 10.82 -42.54
CA GLY B 92 -6.69 9.70 -42.08
C GLY B 92 -5.34 9.57 -42.79
N PRO B 93 -4.39 8.85 -42.18
CA PRO B 93 -4.53 8.15 -40.88
C PRO B 93 -4.43 9.11 -39.68
N ILE B 94 -5.20 8.83 -38.62
CA ILE B 94 -5.20 9.66 -37.40
C ILE B 94 -4.39 8.91 -36.36
N ASP B 95 -3.38 9.57 -35.81
CA ASP B 95 -2.45 8.87 -34.92
C ASP B 95 -2.88 8.87 -33.47
N ALA B 96 -3.60 9.92 -33.10
CA ALA B 96 -4.12 10.05 -31.75
C ALA B 96 -5.46 10.74 -31.78
N VAL B 97 -6.34 10.31 -30.87
CA VAL B 97 -7.57 11.01 -30.65
C VAL B 97 -7.50 11.74 -29.31
N VAL B 98 -7.86 13.01 -29.32
CA VAL B 98 -8.06 13.75 -28.09
C VAL B 98 -9.55 14.07 -27.94
N HIS B 99 -10.14 13.46 -26.90
CA HIS B 99 -11.58 13.45 -26.70
C HIS B 99 -12.02 14.40 -25.60
N MET B 100 -12.39 15.60 -26.01
CA MET B 100 -12.71 16.67 -25.08
C MET B 100 -14.19 17.02 -25.11
N CYS B 101 -14.98 16.32 -25.93
CA CYS B 101 -16.40 16.69 -26.06
C CYS B 101 -17.28 16.00 -25.02
N ALA B 102 -18.31 16.72 -24.57
CA ALA B 102 -19.22 16.29 -23.45
C ALA B 102 -20.24 17.37 -23.08
N PHE B 103 -21.20 17.01 -22.22
CA PHE B 103 -21.98 18.02 -21.50
C PHE B 103 -21.39 18.02 -20.11
N LEU B 104 -21.43 19.17 -19.43
CA LEU B 104 -20.56 19.34 -18.25
C LEU B 104 -21.13 20.15 -17.06
N ALA B 105 -22.44 20.40 -17.05
CA ALA B 105 -23.00 21.09 -15.90
C ALA B 105 -23.34 20.11 -14.76
N VAL B 106 -22.50 20.10 -13.73
CA VAL B 106 -22.69 19.14 -12.63
C VAL B 106 -24.14 19.14 -12.13
N GLY B 107 -24.70 20.34 -11.96
CA GLY B 107 -26.08 20.54 -11.54
C GLY B 107 -27.08 19.95 -12.51
N GLU B 108 -26.99 20.35 -13.78
CA GLU B 108 -27.89 19.82 -14.79
C GLU B 108 -27.85 18.28 -14.85
N SER B 109 -26.66 17.71 -14.73
CA SER B 109 -26.52 16.25 -14.69
C SER B 109 -27.41 15.55 -13.64
N VAL B 110 -27.58 16.15 -12.46
CA VAL B 110 -28.42 15.56 -11.41
C VAL B 110 -29.89 15.61 -11.81
N ARG B 111 -30.28 16.70 -12.46
CA ARG B 111 -31.67 16.95 -12.81
C ARG B 111 -32.10 16.13 -14.02
N ASP B 112 -31.11 15.76 -14.86
CA ASP B 112 -31.41 15.17 -16.16
C ASP B 112 -30.28 14.24 -16.65
N PRO B 113 -30.10 13.09 -15.96
CA PRO B 113 -28.96 12.24 -16.19
C PRO B 113 -28.84 11.67 -17.60
N LEU B 114 -29.97 11.29 -18.21
CA LEU B 114 -29.92 10.58 -19.46
C LEU B 114 -29.31 11.45 -20.53
N LYS B 115 -29.49 12.77 -20.41
CA LYS B 115 -28.88 13.71 -21.35
C LYS B 115 -27.36 13.58 -21.32
N TYR B 116 -26.83 13.38 -20.10
CA TYR B 116 -25.40 13.23 -19.85
C TYR B 116 -24.90 11.84 -20.19
N TYR B 117 -25.71 10.84 -19.84
CA TYR B 117 -25.35 9.47 -20.14
C TYR B 117 -25.34 9.24 -21.64
N ASP B 118 -26.27 9.85 -22.33
CA ASP B 118 -26.33 9.69 -23.76
C ASP B 118 -25.05 10.30 -24.32
N ASN B 119 -24.92 11.62 -24.22
CA ASN B 119 -23.76 12.34 -24.76
C ASN B 119 -22.40 11.87 -24.25
N ASN B 120 -22.15 11.96 -22.95
CA ASN B 120 -20.82 11.60 -22.43
C ASN B 120 -20.42 10.15 -22.76
N VAL B 121 -21.32 9.20 -22.49
CA VAL B 121 -21.01 7.78 -22.64
C VAL B 121 -21.14 7.27 -24.08
N VAL B 122 -22.24 7.58 -24.75
CA VAL B 122 -22.39 7.13 -26.13
C VAL B 122 -21.29 7.76 -26.99
N GLY B 123 -20.95 9.00 -26.67
CA GLY B 123 -19.86 9.71 -27.32
C GLY B 123 -18.54 8.95 -27.30
N ILE B 124 -18.05 8.59 -26.12
CA ILE B 124 -16.78 7.88 -26.03
C ILE B 124 -16.81 6.51 -26.67
N LEU B 125 -17.99 5.87 -26.68
CA LEU B 125 -18.12 4.54 -27.29
C LEU B 125 -17.94 4.65 -28.80
N ARG B 126 -18.56 5.65 -29.40
CA ARG B 126 -18.52 5.78 -30.83
C ARG B 126 -17.08 5.96 -31.24
N LEU B 127 -16.39 6.89 -30.56
CA LEU B 127 -14.97 7.15 -30.80
C LEU B 127 -14.14 5.89 -30.71
N LEU B 128 -14.31 5.18 -29.61
CA LEU B 128 -13.57 3.95 -29.38
C LEU B 128 -13.81 2.95 -30.50
N GLN B 129 -15.07 2.83 -30.92
CA GLN B 129 -15.43 2.01 -32.07
C GLN B 129 -14.80 2.50 -33.39
N ALA B 130 -14.78 3.82 -33.60
CA ALA B 130 -14.24 4.42 -34.83
C ALA B 130 -12.70 4.37 -34.85
N MET B 131 -12.10 4.59 -33.69
CA MET B 131 -10.66 4.34 -33.51
C MET B 131 -10.34 2.92 -33.92
N LEU B 132 -11.16 1.95 -33.50
CA LEU B 132 -10.93 0.53 -33.78
C LEU B 132 -11.02 0.21 -35.27
N LEU B 133 -12.05 0.72 -35.92
CA LEU B 133 -12.29 0.49 -37.34
C LEU B 133 -11.21 1.05 -38.23
N HIS B 134 -10.66 2.22 -37.87
CA HIS B 134 -9.70 2.94 -38.72
C HIS B 134 -8.27 2.74 -38.25
N LYS B 135 -8.09 1.81 -37.32
CA LYS B 135 -6.76 1.39 -36.88
C LYS B 135 -5.98 2.49 -36.14
N CYS B 136 -6.68 3.52 -35.64
CA CYS B 136 -6.09 4.46 -34.69
C CYS B 136 -5.98 3.80 -33.30
N ASP B 137 -4.87 4.04 -32.59
CA ASP B 137 -4.58 3.27 -31.36
C ASP B 137 -4.11 4.10 -30.16
N LYS B 138 -4.20 5.42 -30.27
CA LYS B 138 -3.82 6.32 -29.17
C LYS B 138 -4.92 7.34 -28.84
N ILE B 139 -5.37 7.36 -27.58
CA ILE B 139 -6.40 8.30 -27.12
C ILE B 139 -6.01 9.06 -25.84
N ILE B 140 -6.28 10.37 -25.83
CA ILE B 140 -6.17 11.22 -24.62
C ILE B 140 -7.58 11.67 -24.29
N PHE B 141 -8.02 11.33 -23.07
CA PHE B 141 -9.41 11.58 -22.69
C PHE B 141 -9.55 12.70 -21.66
N SER B 142 -10.52 13.60 -21.87
CA SER B 142 -10.81 14.63 -20.87
C SER B 142 -11.63 14.07 -19.70
N SER B 143 -10.97 13.69 -18.63
CA SER B 143 -11.68 13.31 -17.40
C SER B 143 -11.84 14.49 -16.43
N SER B 144 -12.24 14.19 -15.19
CA SER B 144 -12.65 15.21 -14.23
C SER B 144 -12.44 14.79 -12.80
N ALA B 145 -12.12 15.76 -11.96
CA ALA B 145 -12.11 15.59 -10.52
C ALA B 145 -13.49 15.12 -10.01
N ALA B 146 -14.56 15.38 -10.77
CA ALA B 146 -15.88 14.91 -10.40
C ALA B 146 -16.01 13.37 -10.22
N ILE B 147 -15.01 12.59 -10.67
CA ILE B 147 -15.04 11.11 -10.51
C ILE B 147 -14.79 10.67 -9.04
N PHE B 148 -14.16 11.55 -8.26
CA PHE B 148 -13.81 11.21 -6.89
C PHE B 148 -14.95 11.33 -5.89
N GLY B 149 -15.75 12.38 -6.02
CA GLY B 149 -16.83 12.65 -5.08
C GLY B 149 -16.21 12.90 -3.72
N ASN B 150 -17.01 12.76 -2.66
CA ASN B 150 -16.52 12.88 -1.28
C ASN B 150 -15.80 11.64 -0.80
N PRO B 151 -14.85 11.80 0.14
CA PRO B 151 -14.19 10.65 0.81
C PRO B 151 -15.17 9.70 1.52
N THR B 152 -14.68 8.55 1.97
CA THR B 152 -15.42 7.64 2.89
C THR B 152 -14.80 7.70 4.28
N ALA B 160 -9.90 17.52 3.28
CA ALA B 160 -8.67 17.50 4.06
C ALA B 160 -7.43 17.63 3.17
N GLU B 161 -7.14 16.60 2.38
CA GLU B 161 -5.87 16.44 1.66
C GLU B 161 -6.03 16.48 0.14
N PRO B 162 -5.07 17.11 -0.57
CA PRO B 162 -5.13 17.04 -2.05
C PRO B 162 -5.29 15.61 -2.54
N ILE B 163 -6.00 15.42 -3.64
CA ILE B 163 -6.48 14.10 -4.09
C ILE B 163 -5.55 13.30 -5.01
N ASP B 164 -5.30 12.07 -4.58
CA ASP B 164 -4.41 11.11 -5.22
C ASP B 164 -5.12 10.48 -6.43
N ILE B 165 -4.40 10.15 -7.52
CA ILE B 165 -5.02 9.48 -8.70
C ILE B 165 -5.81 8.21 -8.35
N ASN B 166 -5.31 7.44 -7.39
CA ASN B 166 -5.97 6.20 -6.97
C ASN B 166 -6.80 6.33 -5.71
N ALA B 167 -7.22 7.55 -5.37
CA ALA B 167 -8.16 7.75 -4.27
C ALA B 167 -9.47 7.06 -4.67
N LYS B 168 -10.22 6.57 -3.69
CA LYS B 168 -11.40 5.80 -4.04
C LYS B 168 -12.45 6.70 -4.73
N LYS B 169 -12.99 6.25 -5.87
CA LYS B 169 -13.91 7.08 -6.68
C LYS B 169 -15.38 6.81 -6.32
N SER B 170 -16.07 7.77 -5.71
CA SER B 170 -17.53 7.64 -5.56
C SER B 170 -18.26 8.91 -5.98
N PRO B 171 -18.63 8.97 -7.26
CA PRO B 171 -19.13 10.20 -7.86
C PRO B 171 -20.41 10.71 -7.22
N GLU B 172 -20.46 12.02 -7.02
CA GLU B 172 -21.59 12.71 -6.42
C GLU B 172 -22.63 13.12 -7.48
N SER B 173 -22.38 12.80 -8.74
CA SER B 173 -23.22 13.29 -9.81
C SER B 173 -23.16 12.39 -11.04
N PRO B 174 -24.24 12.37 -11.84
CA PRO B 174 -24.24 11.66 -13.12
C PRO B 174 -23.09 12.09 -14.05
N TYR B 175 -22.72 13.37 -14.03
CA TYR B 175 -21.58 13.83 -14.80
C TYR B 175 -20.28 13.15 -14.35
N GLY B 176 -20.04 13.14 -13.04
CA GLY B 176 -18.95 12.37 -12.46
C GLY B 176 -19.00 10.89 -12.82
N GLU B 177 -20.20 10.31 -12.81
CA GLU B 177 -20.35 8.90 -13.19
C GLU B 177 -19.93 8.64 -14.62
N SER B 178 -20.39 9.49 -15.54
CA SER B 178 -20.14 9.29 -16.97
C SER B 178 -18.65 9.41 -17.31
N LYS B 179 -17.93 10.32 -16.66
CA LYS B 179 -16.49 10.40 -16.85
C LYS B 179 -15.85 9.12 -16.32
N LEU B 180 -16.32 8.65 -15.18
CA LEU B 180 -15.82 7.42 -14.58
C LEU B 180 -16.01 6.21 -15.46
N ILE B 181 -17.21 6.02 -16.03
CA ILE B 181 -17.47 4.81 -16.80
C ILE B 181 -16.66 4.79 -18.10
N ALA B 182 -16.41 5.97 -18.67
CA ALA B 182 -15.55 6.09 -19.86
C ALA B 182 -14.11 5.65 -19.54
N GLU B 183 -13.67 5.90 -18.31
CA GLU B 183 -12.36 5.46 -17.89
C GLU B 183 -12.25 3.95 -17.83
N ARG B 184 -13.29 3.28 -17.34
CA ARG B 184 -13.30 1.82 -17.36
C ARG B 184 -13.38 1.35 -18.81
N MET B 185 -14.20 2.00 -19.63
CA MET B 185 -14.31 1.62 -21.04
C MET B 185 -12.97 1.68 -21.74
N ILE B 186 -12.23 2.74 -21.46
CA ILE B 186 -10.95 2.97 -22.10
C ILE B 186 -9.87 2.02 -21.55
N ARG B 187 -9.84 1.81 -20.22
CA ARG B 187 -8.98 0.80 -19.60
C ARG B 187 -9.19 -0.57 -20.25
N ASP B 188 -10.47 -0.96 -20.34
CA ASP B 188 -10.84 -2.25 -20.90
C ASP B 188 -10.33 -2.38 -22.33
N CYS B 189 -10.38 -1.27 -23.06
CA CYS B 189 -9.99 -1.27 -24.45
C CYS B 189 -8.50 -1.41 -24.65
N ALA B 190 -7.71 -1.05 -23.64
CA ALA B 190 -6.26 -1.24 -23.69
C ALA B 190 -5.94 -2.73 -23.71
N GLU B 191 -6.50 -3.43 -22.72
CA GLU B 191 -6.39 -4.88 -22.56
C GLU B 191 -6.93 -5.68 -23.76
N ALA B 192 -8.01 -5.22 -24.36
CA ALA B 192 -8.66 -6.02 -25.37
C ALA B 192 -8.05 -5.81 -26.73
N TYR B 193 -7.70 -4.57 -27.05
CA TYR B 193 -7.27 -4.23 -28.41
C TYR B 193 -5.94 -3.48 -28.50
N GLY B 194 -5.28 -3.27 -27.36
CA GLY B 194 -4.03 -2.53 -27.32
C GLY B 194 -4.13 -1.07 -27.73
N ILE B 195 -5.29 -0.46 -27.51
CA ILE B 195 -5.40 1.00 -27.57
C ILE B 195 -4.60 1.52 -26.39
N LYS B 196 -3.84 2.60 -26.58
CA LYS B 196 -3.12 3.25 -25.46
C LYS B 196 -3.91 4.48 -25.09
N GLY B 197 -4.22 4.58 -23.82
CA GLY B 197 -5.10 5.62 -23.37
C GLY B 197 -4.60 6.33 -22.14
N ILE B 198 -4.62 7.67 -22.22
CA ILE B 198 -4.34 8.53 -21.06
C ILE B 198 -5.59 9.31 -20.62
N CYS B 199 -6.02 9.04 -19.39
CA CYS B 199 -7.11 9.76 -18.77
C CYS B 199 -6.60 10.93 -17.94
N LEU B 200 -7.01 12.14 -18.35
CA LEU B 200 -6.58 13.35 -17.69
C LEU B 200 -7.67 13.95 -16.80
N ARG B 201 -7.61 13.68 -15.50
CA ARG B 201 -8.56 14.26 -14.55
C ARG B 201 -8.32 15.75 -14.30
N TYR B 202 -8.87 16.62 -15.16
CA TYR B 202 -8.76 18.08 -14.94
C TYR B 202 -9.45 18.39 -13.62
N PHE B 203 -8.98 19.42 -12.93
CA PHE B 203 -9.71 19.88 -11.78
C PHE B 203 -10.70 21.00 -12.13
N ASN B 204 -10.70 22.13 -11.44
CA ASN B 204 -11.55 23.23 -11.90
C ASN B 204 -10.79 24.10 -12.91
N ALA B 205 -11.13 23.92 -14.19
CA ALA B 205 -10.49 24.64 -15.28
C ALA B 205 -10.75 26.15 -15.19
N CYS B 206 -9.68 26.94 -15.27
CA CYS B 206 -9.76 28.37 -15.15
C CYS B 206 -8.80 29.12 -16.06
N GLY B 207 -8.92 30.44 -16.08
CA GLY B 207 -8.01 31.31 -16.81
C GLY B 207 -8.41 31.53 -18.26
N ALA B 208 -7.79 32.52 -18.88
CA ALA B 208 -7.82 32.70 -20.33
C ALA B 208 -6.38 32.74 -20.82
N HIS B 209 -6.20 32.72 -22.13
CA HIS B 209 -4.85 32.77 -22.72
C HIS B 209 -4.28 34.19 -22.60
N GLU B 210 -2.96 34.31 -22.56
CA GLU B 210 -2.30 35.62 -22.35
C GLU B 210 -2.66 36.71 -23.40
N ASP B 211 -2.90 36.30 -24.65
CA ASP B 211 -3.33 37.22 -25.73
C ASP B 211 -4.70 37.84 -25.47
N GLY B 212 -5.46 37.26 -24.57
CA GLY B 212 -6.76 37.78 -24.21
C GLY B 212 -7.85 37.74 -25.28
N ASP B 213 -7.66 36.92 -26.32
CA ASP B 213 -8.69 36.76 -27.36
C ASP B 213 -9.68 35.61 -27.14
N ILE B 214 -9.31 34.65 -26.30
CA ILE B 214 -10.17 33.48 -26.09
C ILE B 214 -10.36 33.05 -24.63
N GLY B 215 -11.52 32.45 -24.36
CA GLY B 215 -11.87 31.98 -23.03
C GLY B 215 -13.37 31.80 -22.92
N GLU B 216 -13.83 31.44 -21.73
CA GLU B 216 -15.23 31.18 -21.46
C GLU B 216 -16.03 32.48 -21.26
N HIS B 217 -16.88 32.84 -22.21
CA HIS B 217 -17.72 34.01 -22.01
C HIS B 217 -18.73 33.76 -20.90
N TYR B 218 -19.15 34.81 -20.20
CA TYR B 218 -20.05 34.63 -19.06
C TYR B 218 -21.52 34.33 -19.37
N GLN B 219 -22.01 34.68 -20.55
CA GLN B 219 -23.46 34.58 -20.79
C GLN B 219 -23.92 33.15 -21.02
N GLY B 220 -24.67 32.64 -20.04
CA GLY B 220 -25.10 31.25 -20.05
C GLY B 220 -24.07 30.29 -19.47
N SER B 221 -22.99 30.80 -18.89
CA SER B 221 -22.00 29.92 -18.26
C SER B 221 -22.57 29.34 -16.98
N THR B 222 -22.08 28.18 -16.59
CA THR B 222 -22.55 27.53 -15.36
C THR B 222 -21.44 27.55 -14.33
N HIS B 223 -20.32 28.17 -14.67
CA HIS B 223 -19.13 28.12 -13.81
C HIS B 223 -18.94 29.39 -12.98
N LEU B 224 -18.47 29.19 -11.75
CA LEU B 224 -18.26 30.26 -10.79
C LEU B 224 -17.54 31.48 -11.38
N ILE B 225 -16.28 31.31 -11.73
CA ILE B 225 -15.51 32.48 -12.09
C ILE B 225 -16.14 33.23 -13.26
N PRO B 226 -16.53 32.52 -14.33
CA PRO B 226 -17.31 33.25 -15.34
C PRO B 226 -18.58 33.90 -14.80
N ILE B 227 -19.36 33.19 -13.98
CA ILE B 227 -20.57 33.82 -13.40
C ILE B 227 -20.22 35.08 -12.59
N ILE B 228 -19.12 35.04 -11.83
CA ILE B 228 -18.75 36.17 -11.00
C ILE B 228 -18.46 37.39 -11.88
N LEU B 229 -17.43 37.29 -12.73
CA LEU B 229 -17.08 38.36 -13.66
C LEU B 229 -18.28 38.76 -14.52
N GLY B 230 -19.19 37.83 -14.71
CA GLY B 230 -20.48 38.13 -15.33
C GLY B 230 -21.22 39.28 -14.65
N ARG B 231 -21.29 39.23 -13.32
CA ARG B 231 -21.96 40.27 -12.52
C ARG B 231 -21.33 41.66 -12.71
N VAL B 232 -20.01 41.73 -12.83
CA VAL B 232 -19.32 42.99 -13.03
C VAL B 232 -19.71 43.52 -14.38
N MET B 233 -19.60 42.69 -15.43
CA MET B 233 -20.04 43.09 -16.78
C MET B 233 -21.49 43.61 -16.76
N SER B 234 -22.41 42.82 -16.20
CA SER B 234 -23.82 43.20 -16.05
C SER B 234 -23.99 44.63 -15.54
N ASP B 235 -23.04 45.07 -14.71
CA ASP B 235 -23.12 46.37 -14.02
C ASP B 235 -22.44 47.52 -14.76
N ILE B 236 -21.28 47.26 -15.36
CA ILE B 236 -20.62 48.20 -16.25
C ILE B 236 -21.22 48.12 -17.67
N ALA B 237 -20.94 47.02 -18.40
CA ALA B 237 -21.25 46.88 -19.84
C ALA B 237 -22.71 47.22 -20.26
N ASP B 251 -32.26 39.30 -7.91
CA ASP B 251 -31.03 39.93 -7.45
C ASP B 251 -30.01 39.93 -8.58
N LYS B 252 -29.35 41.06 -8.79
CA LYS B 252 -28.08 41.06 -9.50
C LYS B 252 -26.99 40.44 -8.57
N ARG B 253 -27.41 40.08 -7.36
CA ARG B 253 -26.52 39.56 -6.34
C ARG B 253 -25.92 38.20 -6.74
N MET B 254 -24.62 38.06 -6.49
CA MET B 254 -23.88 36.84 -6.80
C MET B 254 -24.20 35.74 -5.79
N PRO B 255 -24.83 34.65 -6.28
CA PRO B 255 -25.24 33.58 -5.38
C PRO B 255 -24.10 32.66 -4.96
N ILE B 256 -24.09 32.31 -3.67
CA ILE B 256 -23.21 31.27 -3.12
C ILE B 256 -24.01 30.00 -2.87
N PHE B 257 -23.65 28.90 -3.55
CA PHE B 257 -24.41 27.67 -3.38
C PHE B 257 -23.96 26.89 -2.17
N GLY B 258 -24.71 27.05 -1.08
CA GLY B 258 -24.41 26.30 0.14
C GLY B 258 -23.32 26.96 0.99
N THR B 259 -23.57 27.04 2.28
CA THR B 259 -22.61 27.61 3.22
C THR B 259 -22.40 26.68 4.41
N ASP B 260 -22.83 25.41 4.24
CA ASP B 260 -22.93 24.40 5.31
C ASP B 260 -22.16 23.09 5.06
N TYR B 261 -21.41 23.06 3.95
CA TYR B 261 -20.47 22.00 3.67
C TYR B 261 -19.42 21.94 4.80
N PRO B 262 -18.83 20.75 5.00
CA PRO B 262 -17.82 20.61 6.06
C PRO B 262 -16.44 21.08 5.59
N THR B 263 -16.29 22.36 5.27
CA THR B 263 -15.00 22.92 4.89
C THR B 263 -14.67 24.05 5.86
N PRO B 264 -13.38 24.51 5.93
CA PRO B 264 -13.12 25.57 6.92
C PRO B 264 -14.15 26.71 6.86
N ASP B 265 -14.41 27.28 5.69
CA ASP B 265 -15.34 28.43 5.64
C ASP B 265 -16.83 28.14 5.36
N GLY B 266 -17.18 26.86 5.24
CA GLY B 266 -18.55 26.45 4.98
C GLY B 266 -18.90 26.30 3.51
N THR B 267 -18.08 26.85 2.62
CA THR B 267 -18.38 26.81 1.18
C THR B 267 -17.41 25.87 0.45
N CYS B 268 -17.84 25.32 -0.69
CA CYS B 268 -17.05 24.32 -1.41
C CYS B 268 -15.64 24.79 -1.75
N VAL B 269 -14.68 23.89 -1.63
CA VAL B 269 -13.29 24.19 -1.93
C VAL B 269 -12.92 23.42 -3.19
N ARG B 270 -12.40 24.16 -4.17
CA ARG B 270 -12.01 23.65 -5.49
C ARG B 270 -10.57 24.07 -5.84
N ASP B 271 -10.06 23.51 -6.93
CA ASP B 271 -8.67 23.71 -7.35
C ASP B 271 -8.68 24.25 -8.76
N TYR B 272 -8.34 25.53 -8.90
CA TYR B 272 -8.46 26.23 -10.18
C TYR B 272 -7.17 26.14 -10.99
N VAL B 273 -7.25 25.49 -12.14
CA VAL B 273 -6.06 25.24 -12.94
C VAL B 273 -6.17 25.94 -14.31
N HIS B 274 -5.11 26.65 -14.68
CA HIS B 274 -5.09 27.41 -15.92
C HIS B 274 -5.16 26.57 -17.21
N VAL B 275 -6.11 26.92 -18.08
CA VAL B 275 -6.32 26.23 -19.37
C VAL B 275 -5.04 25.96 -20.15
N CYS B 276 -4.11 26.92 -20.14
CA CYS B 276 -2.78 26.74 -20.74
C CYS B 276 -1.91 25.69 -20.05
N ASP B 277 -2.11 25.50 -18.76
CA ASP B 277 -1.35 24.48 -18.03
C ASP B 277 -1.95 23.12 -18.34
N LEU B 278 -3.26 23.14 -18.63
CA LEU B 278 -4.00 21.96 -19.02
C LEU B 278 -3.56 21.57 -20.43
N ALA B 279 -3.49 22.59 -21.30
CA ALA B 279 -3.07 22.43 -22.68
C ALA B 279 -1.74 21.73 -22.74
N SER B 280 -0.78 22.22 -21.98
CA SER B 280 0.57 21.73 -22.15
C SER B 280 0.71 20.34 -21.58
N ALA B 281 -0.19 19.97 -20.68
CA ALA B 281 -0.21 18.59 -20.17
C ALA B 281 -0.60 17.61 -21.26
N HIS B 282 -1.49 18.03 -22.17
CA HIS B 282 -1.91 17.18 -23.29
C HIS B 282 -0.74 16.90 -24.22
N ILE B 283 -0.05 17.96 -24.62
CA ILE B 283 1.14 17.85 -25.46
C ILE B 283 2.19 16.93 -24.81
N LEU B 284 2.40 17.09 -23.51
CA LEU B 284 3.16 16.09 -22.76
C LEU B 284 2.58 14.67 -22.87
N ALA B 285 1.25 14.53 -22.82
CA ALA B 285 0.60 13.22 -22.89
C ALA B 285 0.69 12.57 -24.28
N LEU B 286 0.70 13.41 -25.30
CA LEU B 286 0.87 12.95 -26.67
C LEU B 286 2.26 12.39 -26.88
N ASP B 287 3.27 13.08 -26.36
CA ASP B 287 4.63 12.56 -26.47
C ASP B 287 4.73 11.26 -25.72
N TYR B 288 3.96 11.11 -24.63
CA TYR B 288 4.04 9.92 -23.81
C TYR B 288 3.40 8.67 -24.43
N VAL B 289 2.30 8.83 -25.20
CA VAL B 289 1.68 7.67 -25.86
C VAL B 289 2.41 7.23 -27.12
N GLU B 290 2.83 8.20 -27.94
CA GLU B 290 3.64 7.93 -29.13
C GLU B 290 4.95 7.19 -28.78
N LYS B 291 5.55 7.51 -27.64
CA LYS B 291 6.77 6.82 -27.20
C LYS B 291 6.47 5.47 -26.56
N LEU B 292 5.46 4.79 -27.10
CA LEU B 292 5.17 3.39 -26.74
C LEU B 292 4.85 2.63 -28.02
N GLY B 293 5.10 1.32 -28.01
CA GLY B 293 4.71 0.44 -29.12
C GLY B 293 4.54 -1.01 -28.68
N PRO B 294 4.73 -1.97 -29.63
CA PRO B 294 4.61 -3.40 -29.27
C PRO B 294 5.44 -3.73 -28.03
N ASN B 295 6.69 -3.29 -28.05
CA ASN B 295 7.70 -3.65 -27.06
C ASN B 295 7.47 -2.93 -25.72
N ASP B 296 6.32 -3.18 -25.09
CA ASP B 296 5.97 -2.48 -23.86
C ASP B 296 5.17 -3.37 -22.95
N LYS B 297 4.01 -2.86 -22.53
CA LYS B 297 2.96 -3.53 -21.71
C LYS B 297 2.32 -2.49 -20.79
N SER B 298 1.73 -2.94 -19.68
CA SER B 298 1.03 -2.13 -18.68
C SER B 298 1.23 -0.59 -18.58
N LYS B 299 2.04 0.01 -19.43
CA LYS B 299 2.04 1.47 -19.56
C LYS B 299 0.91 1.96 -20.49
N TYR B 300 0.09 1.02 -20.93
CA TYR B 300 -0.90 1.22 -21.99
C TYR B 300 -2.13 2.03 -21.55
N PHE B 301 -2.56 1.81 -20.30
CA PHE B 301 -3.55 2.68 -19.70
C PHE B 301 -2.99 3.34 -18.43
N SER B 302 -3.04 4.67 -18.42
CA SER B 302 -2.57 5.50 -17.28
C SER B 302 -3.48 6.70 -17.01
N VAL B 303 -3.52 7.13 -15.75
CA VAL B 303 -4.35 8.27 -15.32
C VAL B 303 -3.53 9.36 -14.63
N PHE B 304 -3.89 10.62 -14.87
CA PHE B 304 -3.25 11.76 -14.19
C PHE B 304 -4.26 12.79 -13.66
N ASN B 305 -4.08 13.18 -12.40
CA ASN B 305 -4.81 14.29 -11.84
C ASN B 305 -4.09 15.56 -12.18
N LEU B 306 -4.82 16.57 -12.63
CA LEU B 306 -4.24 17.87 -13.00
C LEU B 306 -4.84 19.08 -12.26
N GLY B 307 -4.14 19.55 -11.23
CA GLY B 307 -4.51 20.79 -10.52
C GLY B 307 -3.29 21.61 -10.05
N THR B 308 -3.53 22.65 -9.27
CA THR B 308 -2.43 23.47 -8.76
C THR B 308 -2.05 22.98 -7.38
N SER B 309 -2.96 22.24 -6.77
CA SER B 309 -2.79 21.70 -5.42
C SER B 309 -3.10 22.73 -4.35
N ARG B 310 -3.49 23.92 -4.80
CA ARG B 310 -4.02 24.93 -3.90
C ARG B 310 -5.54 24.94 -4.01
N GLY B 311 -6.19 24.81 -2.86
CA GLY B 311 -7.63 24.91 -2.76
C GLY B 311 -8.09 26.31 -2.43
N TYR B 312 -9.17 26.74 -3.09
CA TYR B 312 -9.81 28.04 -2.81
C TYR B 312 -11.29 27.83 -2.62
N SER B 313 -11.84 28.25 -1.49
CA SER B 313 -13.31 28.16 -1.33
C SER B 313 -14.08 29.15 -2.23
N VAL B 314 -15.41 29.04 -2.26
CA VAL B 314 -16.21 30.01 -3.03
C VAL B 314 -15.99 31.45 -2.53
N ARG B 315 -16.07 31.62 -1.21
CA ARG B 315 -15.80 32.90 -0.56
C ARG B 315 -14.47 33.50 -1.02
N GLU B 316 -13.39 32.69 -0.95
CA GLU B 316 -12.04 33.13 -1.31
C GLU B 316 -11.93 33.54 -2.79
N VAL B 317 -12.52 32.72 -3.66
CA VAL B 317 -12.59 33.10 -5.06
C VAL B 317 -13.21 34.47 -5.18
N ILE B 318 -14.36 34.69 -4.53
CA ILE B 318 -15.03 35.99 -4.63
C ILE B 318 -14.10 37.11 -4.14
N GLU B 319 -13.23 36.79 -3.19
CA GLU B 319 -12.28 37.79 -2.68
C GLU B 319 -11.29 38.15 -3.75
N VAL B 320 -10.83 37.15 -4.47
CA VAL B 320 -9.82 37.33 -5.50
C VAL B 320 -10.44 38.07 -6.69
N ALA B 321 -11.70 37.73 -6.98
CA ALA B 321 -12.49 38.42 -7.97
C ALA B 321 -12.66 39.85 -7.52
N ARG B 322 -13.12 40.04 -6.28
CA ARG B 322 -13.26 41.38 -5.72
C ARG B 322 -11.99 42.23 -5.86
N LYS B 323 -10.82 41.66 -5.59
CA LYS B 323 -9.56 42.41 -5.78
C LYS B 323 -9.20 42.63 -7.25
N THR B 324 -9.53 41.71 -8.12
CA THR B 324 -9.11 41.83 -9.51
C THR B 324 -9.95 42.89 -10.26
N THR B 325 -11.17 43.09 -9.80
CA THR B 325 -12.13 43.92 -10.53
C THR B 325 -12.22 45.35 -10.00
N GLY B 326 -11.93 45.54 -8.71
CA GLY B 326 -12.24 46.81 -8.06
C GLY B 326 -13.72 46.89 -7.69
N HIS B 327 -14.49 45.91 -8.17
CA HIS B 327 -15.94 45.86 -7.99
C HIS B 327 -16.32 45.21 -6.67
N PRO B 328 -17.41 45.69 -6.02
CA PRO B 328 -17.92 45.18 -4.74
C PRO B 328 -18.50 43.77 -4.73
N ILE B 329 -18.86 43.27 -5.90
CA ILE B 329 -19.54 41.95 -6.06
C ILE B 329 -20.50 41.56 -4.92
N PRO B 330 -21.59 42.34 -4.75
CA PRO B 330 -22.52 42.10 -3.66
C PRO B 330 -23.03 40.67 -3.74
N VAL B 331 -23.19 40.01 -2.60
CA VAL B 331 -23.41 38.56 -2.59
C VAL B 331 -24.69 38.16 -1.87
N ARG B 332 -25.29 37.04 -2.28
CA ARG B 332 -26.35 36.41 -1.48
C ARG B 332 -26.15 34.89 -1.33
N GLU B 333 -26.49 34.34 -0.17
CA GLU B 333 -26.20 32.96 0.15
C GLU B 333 -27.44 32.15 -0.03
N CYS B 334 -27.36 31.12 -0.89
CA CYS B 334 -28.43 30.13 -1.10
C CYS B 334 -28.07 28.74 -0.58
N GLY B 335 -28.97 27.79 -0.83
CA GLY B 335 -28.70 26.40 -0.50
C GLY B 335 -27.75 25.69 -1.47
N ARG B 336 -27.49 24.42 -1.18
CA ARG B 336 -26.60 23.63 -2.02
C ARG B 336 -27.12 23.44 -3.44
N ARG B 337 -26.17 23.40 -4.37
CA ARG B 337 -26.41 22.86 -5.69
C ARG B 337 -26.09 21.38 -5.61
N GLU B 338 -27.07 20.53 -5.91
CA GLU B 338 -26.86 19.08 -5.88
C GLU B 338 -25.72 18.57 -6.78
N GLY B 339 -25.03 17.53 -6.33
CA GLY B 339 -23.91 16.97 -7.07
C GLY B 339 -22.56 17.61 -6.81
N ASP B 340 -22.50 18.61 -5.92
CA ASP B 340 -21.24 19.25 -5.56
C ASP B 340 -20.59 18.54 -4.39
N PRO B 341 -19.39 17.95 -4.58
CA PRO B 341 -18.66 17.48 -3.42
C PRO B 341 -18.09 18.65 -2.65
N ALA B 342 -17.83 18.47 -1.37
CA ALA B 342 -17.28 19.54 -0.53
C ALA B 342 -15.90 20.06 -0.98
N TYR B 343 -14.95 19.13 -1.15
CA TYR B 343 -13.56 19.48 -1.35
C TYR B 343 -13.03 18.68 -2.56
N LEU B 344 -12.46 19.37 -3.53
CA LEU B 344 -11.83 18.74 -4.70
C LEU B 344 -10.58 19.51 -5.11
N VAL B 345 -9.43 19.05 -4.63
CA VAL B 345 -8.13 19.65 -4.89
C VAL B 345 -7.23 18.52 -5.38
N ALA B 346 -6.28 18.83 -6.24
CA ALA B 346 -5.44 17.78 -6.85
C ALA B 346 -4.12 17.55 -6.13
N ALA B 347 -3.70 16.29 -6.02
CA ALA B 347 -2.30 15.94 -5.73
C ALA B 347 -1.68 15.57 -7.06
N SER B 348 -0.64 16.27 -7.48
CA SER B 348 -0.17 16.09 -8.87
C SER B 348 1.27 15.60 -9.06
N ASP B 349 1.78 14.93 -8.02
CA ASP B 349 3.09 14.32 -8.09
C ASP B 349 3.24 13.46 -9.34
N LYS B 350 2.34 12.49 -9.53
CA LYS B 350 2.39 11.58 -10.69
C LYS B 350 2.42 12.29 -12.04
N ALA B 351 1.65 13.37 -12.15
CA ALA B 351 1.61 14.11 -13.40
C ALA B 351 2.95 14.81 -13.64
N ARG B 352 3.60 15.23 -12.56
CA ARG B 352 4.92 15.87 -12.67
C ARG B 352 6.03 14.82 -12.88
N GLU B 353 6.04 13.79 -12.05
CA GLU B 353 7.08 12.78 -12.05
C GLU B 353 7.14 11.93 -13.32
N VAL B 354 6.02 11.75 -14.01
CA VAL B 354 5.98 10.83 -15.15
C VAL B 354 5.82 11.52 -16.51
N LEU B 355 5.20 12.69 -16.55
CA LEU B 355 5.08 13.41 -17.81
C LEU B 355 6.06 14.57 -17.86
N GLY B 356 6.47 15.03 -16.68
CA GLY B 356 7.30 16.23 -16.54
C GLY B 356 6.48 17.50 -16.54
N TRP B 357 5.29 17.46 -15.94
CA TRP B 357 4.37 18.59 -16.00
C TRP B 357 4.76 19.67 -14.99
N LYS B 358 4.84 20.91 -15.49
CA LYS B 358 5.11 22.08 -14.65
C LYS B 358 4.03 23.11 -14.99
N PRO B 359 3.00 23.19 -14.15
CA PRO B 359 2.06 24.27 -14.34
C PRO B 359 2.74 25.63 -14.10
N LYS B 360 2.74 26.50 -15.12
CA LYS B 360 3.29 27.85 -15.00
C LYS B 360 2.49 28.77 -14.05
N TYR B 361 1.20 28.47 -13.84
CA TYR B 361 0.36 29.21 -12.90
C TYR B 361 0.25 28.47 -11.57
N ASP B 362 0.04 29.22 -10.50
CA ASP B 362 0.07 28.63 -9.15
C ASP B 362 -1.01 29.24 -8.24
N THR B 363 -0.97 30.54 -8.08
CA THR B 363 -1.99 31.22 -7.29
C THR B 363 -3.14 31.68 -8.18
N LEU B 364 -4.33 31.80 -7.58
CA LEU B 364 -5.54 32.18 -8.30
C LEU B 364 -5.49 33.62 -8.81
N GLU B 365 -4.75 34.48 -8.13
CA GLU B 365 -4.65 35.90 -8.50
C GLU B 365 -4.16 36.13 -9.95
N ALA B 366 -3.04 35.51 -10.31
CA ALA B 366 -2.50 35.64 -11.66
C ALA B 366 -3.44 34.96 -12.66
N ILE B 367 -4.01 33.82 -12.28
CA ILE B 367 -4.98 33.12 -13.12
C ILE B 367 -6.23 33.97 -13.35
N MET B 368 -6.73 34.56 -12.28
CA MET B 368 -7.87 35.46 -12.34
C MET B 368 -7.65 36.68 -13.25
N GLU B 369 -6.38 37.14 -13.31
CA GLU B 369 -6.00 38.28 -14.15
C GLU B 369 -6.19 37.96 -15.64
N THR B 370 -5.69 36.79 -16.07
CA THR B 370 -5.93 36.31 -17.44
C THR B 370 -7.43 36.16 -17.72
N SER B 371 -8.18 35.63 -16.76
CA SER B 371 -9.63 35.54 -16.92
C SER B 371 -10.27 36.89 -17.21
N TRP B 372 -9.98 37.87 -16.37
CA TRP B 372 -10.67 39.15 -16.41
C TRP B 372 -10.28 39.96 -17.62
N LYS B 373 -9.00 39.90 -17.97
CA LYS B 373 -8.48 40.56 -19.16
C LYS B 373 -9.30 40.19 -20.38
N PHE B 374 -9.46 38.88 -20.57
CA PHE B 374 -10.35 38.38 -21.59
C PHE B 374 -11.75 38.98 -21.41
N GLN B 375 -12.33 38.81 -20.23
CA GLN B 375 -13.73 39.07 -20.05
C GLN B 375 -14.12 40.55 -20.15
N ARG B 376 -13.30 41.44 -19.59
CA ARG B 376 -13.54 42.87 -19.65
C ARG B 376 -13.53 43.44 -21.08
N THR B 377 -12.70 42.86 -21.97
CA THR B 377 -12.68 43.28 -23.39
C THR B 377 -13.62 42.47 -24.33
N HIS B 378 -14.58 41.76 -23.75
CA HIS B 378 -15.50 40.99 -24.56
C HIS B 378 -16.93 41.13 -24.02
N PRO B 379 -17.48 42.35 -24.13
CA PRO B 379 -18.83 42.67 -23.67
C PRO B 379 -19.95 41.71 -24.15
N ASN B 380 -19.80 41.19 -25.36
CA ASN B 380 -20.83 40.34 -25.96
C ASN B 380 -20.31 39.00 -26.49
N GLY B 381 -19.31 38.43 -25.80
CA GLY B 381 -18.71 37.16 -26.18
C GLY B 381 -17.84 37.27 -27.43
N TYR B 382 -18.27 36.60 -28.50
CA TYR B 382 -17.59 36.68 -29.79
C TYR B 382 -18.37 37.52 -30.84
N ALA B 383 -19.67 37.72 -30.60
CA ALA B 383 -20.57 38.50 -31.49
C ALA B 383 -20.51 40.01 -31.24
N SER C 1 49.18 -12.64 -1.04
CA SER C 1 49.68 -12.53 0.37
C SER C 1 48.87 -13.49 1.25
N HIS C 2 49.47 -14.59 1.73
CA HIS C 2 48.70 -15.64 2.44
C HIS C 2 48.02 -15.20 3.74
N MET C 3 46.73 -15.49 3.82
CA MET C 3 45.91 -15.11 4.96
C MET C 3 45.04 -16.31 5.31
N ARG C 4 44.64 -16.42 6.55
CA ARG C 4 43.76 -17.51 6.93
C ARG C 4 42.44 -16.91 7.41
N VAL C 5 41.36 -17.29 6.74
CA VAL C 5 40.13 -16.52 6.75
C VAL C 5 38.94 -17.29 7.30
N LEU C 6 38.33 -16.79 8.38
CA LEU C 6 37.12 -17.44 8.90
C LEU C 6 35.87 -16.92 8.19
N VAL C 7 35.14 -17.79 7.53
CA VAL C 7 33.92 -17.34 6.83
C VAL C 7 32.60 -17.79 7.50
N CYS C 8 32.00 -16.91 8.30
CA CYS C 8 30.72 -17.23 8.96
C CYS C 8 29.59 -17.20 7.97
N GLY C 9 28.77 -18.23 8.01
CA GLY C 9 27.73 -18.39 7.02
C GLY C 9 28.26 -18.72 5.63
N GLY C 10 29.50 -19.23 5.59
CA GLY C 10 30.15 -19.55 4.32
C GLY C 10 29.52 -20.68 3.51
N ALA C 11 28.53 -21.36 4.06
CA ALA C 11 27.83 -22.39 3.28
C ALA C 11 26.62 -21.83 2.55
N GLY C 12 26.37 -20.53 2.70
CA GLY C 12 25.17 -19.92 2.11
C GLY C 12 25.36 -19.61 0.65
N TYR C 13 24.36 -18.94 0.09
CA TYR C 13 24.35 -18.55 -1.31
C TYR C 13 25.54 -17.68 -1.67
N ILE C 14 25.64 -16.52 -1.01
CA ILE C 14 26.71 -15.57 -1.32
C ILE C 14 28.05 -16.11 -0.80
N GLY C 15 28.01 -16.79 0.34
CA GLY C 15 29.22 -17.36 0.96
C GLY C 15 29.91 -18.38 0.08
N SER C 16 29.13 -19.26 -0.55
CA SER C 16 29.69 -20.29 -1.44
C SER C 16 30.47 -19.60 -2.55
N HIS C 17 29.83 -18.61 -3.16
CA HIS C 17 30.41 -17.90 -4.27
C HIS C 17 31.69 -17.20 -3.86
N PHE C 18 31.76 -16.78 -2.60
CA PHE C 18 32.93 -16.13 -2.07
C PHE C 18 34.04 -17.14 -1.82
N VAL C 19 33.68 -18.25 -1.18
CA VAL C 19 34.63 -19.29 -0.85
C VAL C 19 35.30 -19.69 -2.14
N ARG C 20 34.49 -20.05 -3.13
CA ARG C 20 34.97 -20.39 -4.46
C ARG C 20 36.01 -19.37 -4.92
N ALA C 21 35.73 -18.08 -4.76
CA ALA C 21 36.65 -17.02 -5.19
C ALA C 21 37.99 -17.10 -4.45
N LEU C 22 37.94 -17.40 -3.16
CA LEU C 22 39.15 -17.55 -2.37
C LEU C 22 39.89 -18.80 -2.85
N LEU C 23 39.15 -19.90 -2.94
CA LEU C 23 39.74 -21.14 -3.40
C LEU C 23 40.40 -20.95 -4.76
N ARG C 24 39.71 -20.31 -5.70
CA ARG C 24 40.22 -20.22 -7.07
C ARG C 24 41.13 -19.03 -7.38
N ASP C 25 41.03 -17.93 -6.68
CA ASP C 25 41.76 -16.74 -7.11
C ASP C 25 42.73 -16.20 -6.07
N THR C 26 42.83 -16.87 -4.92
CA THR C 26 43.74 -16.43 -3.85
C THR C 26 44.54 -17.60 -3.33
N ASN C 27 45.45 -17.32 -2.40
CA ASN C 27 46.16 -18.39 -1.68
C ASN C 27 45.77 -18.63 -0.24
N HIS C 28 44.70 -17.96 0.18
CA HIS C 28 44.24 -17.97 1.54
C HIS C 28 43.78 -19.34 1.95
N SER C 29 43.82 -19.63 3.25
CA SER C 29 43.24 -20.87 3.76
C SER C 29 41.88 -20.55 4.33
N VAL C 30 40.91 -21.42 4.07
CA VAL C 30 39.52 -21.03 4.27
C VAL C 30 38.84 -21.90 5.32
N VAL C 31 38.35 -21.28 6.38
CA VAL C 31 37.51 -21.99 7.35
C VAL C 31 36.08 -21.46 7.27
N ILE C 32 35.16 -22.37 6.98
CA ILE C 32 33.75 -22.04 7.02
C ILE C 32 33.18 -22.44 8.37
N VAL C 33 32.54 -21.49 9.04
CA VAL C 33 31.73 -21.75 10.22
C VAL C 33 30.30 -21.51 9.78
N ASP C 34 29.44 -22.51 9.95
CA ASP C 34 28.07 -22.38 9.52
C ASP C 34 27.21 -23.41 10.24
N SER C 35 25.95 -23.07 10.51
CA SER C 35 25.05 -23.96 11.27
C SER C 35 24.16 -24.76 10.34
N LEU C 36 24.22 -24.43 9.06
CA LEU C 36 23.45 -25.12 8.03
C LEU C 36 21.94 -24.81 8.13
N VAL C 37 21.59 -23.85 8.99
CA VAL C 37 20.20 -23.45 9.14
C VAL C 37 19.62 -22.97 7.82
N GLY C 38 20.43 -22.27 7.03
CA GLY C 38 19.99 -21.76 5.73
C GLY C 38 20.29 -22.70 4.58
N THR C 39 20.65 -23.93 4.88
CA THR C 39 21.03 -24.89 3.82
C THR C 39 20.31 -26.22 4.08
N HIS C 40 19.15 -26.13 4.73
CA HIS C 40 18.34 -27.29 5.06
C HIS C 40 19.13 -28.37 5.76
N GLY C 41 20.00 -27.98 6.67
CA GLY C 41 20.88 -28.94 7.36
C GLY C 41 21.91 -29.69 6.54
N LYS C 42 22.03 -29.42 5.24
CA LYS C 42 22.94 -30.21 4.40
C LYS C 42 24.11 -29.41 3.86
N SER C 43 25.23 -30.12 3.60
CA SER C 43 26.47 -29.44 3.17
C SER C 43 27.16 -30.02 1.92
N ASP C 44 26.37 -30.64 1.06
CA ASP C 44 26.88 -31.33 -0.14
C ASP C 44 27.58 -30.43 -1.16
N HIS C 45 27.01 -29.24 -1.37
CA HIS C 45 27.55 -28.20 -2.26
C HIS C 45 28.81 -27.53 -1.66
N VAL C 46 29.15 -27.84 -0.42
CA VAL C 46 30.29 -27.15 0.22
C VAL C 46 31.64 -27.70 -0.22
N GLU C 47 32.55 -26.82 -0.63
CA GLU C 47 33.84 -27.29 -1.14
C GLU C 47 34.84 -27.79 -0.09
N THR C 48 34.46 -28.85 0.60
CA THR C 48 35.29 -29.52 1.59
C THR C 48 36.20 -30.51 0.88
N ARG C 49 37.22 -31.00 1.58
CA ARG C 49 38.10 -31.99 0.96
C ARG C 49 37.31 -33.22 0.56
N GLU C 50 36.41 -33.68 1.43
CA GLU C 50 35.59 -34.87 1.16
C GLU C 50 34.77 -34.71 -0.11
N ASN C 51 34.22 -33.52 -0.36
CA ASN C 51 33.39 -33.24 -1.55
C ASN C 51 34.19 -32.89 -2.80
N VAL C 52 35.31 -32.19 -2.61
CA VAL C 52 36.25 -31.93 -3.70
C VAL C 52 36.93 -33.22 -4.20
N ALA C 53 37.21 -34.16 -3.29
CA ALA C 53 37.72 -35.48 -3.66
C ALA C 53 36.77 -36.18 -4.59
N ARG C 54 35.48 -36.13 -4.27
CA ARG C 54 34.48 -36.81 -5.08
C ARG C 54 34.18 -36.16 -6.42
N LYS C 55 34.28 -34.82 -6.52
CA LYS C 55 34.20 -34.15 -7.83
C LYS C 55 35.37 -34.57 -8.73
N LEU C 56 36.57 -34.60 -8.14
CA LEU C 56 37.79 -35.00 -8.83
C LEU C 56 37.76 -36.42 -9.35
N GLN C 57 37.19 -37.34 -8.58
CA GLN C 57 37.10 -38.73 -8.99
C GLN C 57 35.99 -39.01 -9.96
N GLN C 58 35.02 -38.10 -10.03
CA GLN C 58 33.83 -38.29 -10.84
C GLN C 58 34.19 -38.33 -12.33
N SER C 59 34.98 -37.35 -12.78
CA SER C 59 35.49 -37.37 -14.15
C SER C 59 36.99 -37.68 -14.14
N ASP C 60 37.64 -37.53 -15.31
CA ASP C 60 39.11 -37.63 -15.36
C ASP C 60 39.72 -36.71 -16.44
N GLY C 61 41.03 -36.84 -16.63
CA GLY C 61 41.81 -35.98 -17.51
C GLY C 61 42.68 -35.00 -16.72
N PRO C 62 43.21 -33.95 -17.39
CA PRO C 62 43.94 -32.95 -16.61
C PRO C 62 42.99 -31.92 -16.01
N LYS C 63 43.23 -31.58 -14.75
CA LYS C 63 42.42 -30.64 -14.03
C LYS C 63 43.08 -29.25 -13.94
N PRO C 64 42.29 -28.19 -13.68
CA PRO C 64 42.91 -26.86 -13.53
C PRO C 64 43.72 -26.78 -12.23
N PRO C 65 44.54 -25.71 -12.06
CA PRO C 65 45.44 -25.74 -10.88
C PRO C 65 44.73 -25.65 -9.52
N TRP C 66 43.50 -25.14 -9.50
CA TRP C 66 42.72 -24.98 -8.26
C TRP C 66 41.81 -26.16 -7.95
N ALA C 67 42.01 -27.26 -8.65
CA ALA C 67 41.09 -28.37 -8.59
C ALA C 67 41.12 -29.15 -7.28
N ASP C 68 42.20 -29.01 -6.52
CA ASP C 68 42.32 -29.77 -5.26
C ASP C 68 42.26 -28.85 -4.03
N ARG C 69 41.74 -27.64 -4.25
CA ARG C 69 41.56 -26.66 -3.19
C ARG C 69 40.34 -26.96 -2.37
N TYR C 70 40.40 -26.69 -1.07
CA TYR C 70 39.29 -26.97 -0.18
C TYR C 70 39.30 -26.04 1.04
N ALA C 71 38.12 -25.91 1.62
CA ALA C 71 37.91 -25.13 2.82
C ALA C 71 37.57 -26.15 3.90
N ALA C 72 37.87 -25.86 5.16
CA ALA C 72 37.42 -26.76 6.19
C ALA C 72 36.00 -26.36 6.49
N LEU C 73 35.22 -27.26 7.08
CA LEU C 73 33.89 -26.92 7.52
C LEU C 73 33.69 -27.25 9.01
N GLU C 74 33.44 -26.22 9.82
CA GLU C 74 32.97 -26.39 11.20
C GLU C 74 31.46 -26.17 11.28
N VAL C 75 30.70 -27.18 11.70
CA VAL C 75 29.23 -27.06 11.78
C VAL C 75 28.67 -26.75 13.19
N GLY C 76 28.33 -25.49 13.43
CA GLY C 76 27.73 -25.06 14.70
C GLY C 76 27.21 -23.66 14.59
N ASP C 77 26.82 -23.07 15.72
CA ASP C 77 26.23 -21.72 15.74
C ASP C 77 27.22 -20.73 16.33
N VAL C 78 27.45 -19.59 15.67
CA VAL C 78 28.47 -18.64 16.16
C VAL C 78 28.13 -18.12 17.52
N ARG C 79 26.88 -18.27 17.92
CA ARG C 79 26.41 -17.82 19.23
C ARG C 79 26.80 -18.81 20.32
N ASN C 80 27.12 -20.03 19.92
CA ASN C 80 27.68 -20.99 20.85
C ASN C 80 29.14 -20.67 21.11
N GLU C 81 29.39 -20.12 22.29
CA GLU C 81 30.71 -19.61 22.73
C GLU C 81 31.83 -20.67 22.70
N ASP C 82 31.56 -21.85 23.26
CA ASP C 82 32.47 -23.01 23.26
C ASP C 82 32.77 -23.43 21.86
N PHE C 83 31.72 -23.66 21.07
CA PHE C 83 31.89 -24.02 19.68
C PHE C 83 32.82 -23.02 19.01
N LEU C 84 32.50 -21.73 19.17
CA LEU C 84 33.24 -20.67 18.49
C LEU C 84 34.70 -20.57 18.90
N ASN C 85 34.98 -20.60 20.21
CA ASN C 85 36.37 -20.51 20.66
C ASN C 85 37.18 -21.72 20.20
N GLY C 86 36.55 -22.88 20.25
CA GLY C 86 37.15 -24.11 19.79
C GLY C 86 37.60 -23.95 18.37
N VAL C 87 36.81 -23.24 17.58
CA VAL C 87 37.10 -23.04 16.15
C VAL C 87 38.28 -22.12 15.89
N PHE C 88 38.40 -21.03 16.67
CA PHE C 88 39.52 -20.08 16.55
C PHE C 88 40.81 -20.67 17.07
N THR C 89 40.66 -21.76 17.80
CA THR C 89 41.74 -22.43 18.49
C THR C 89 42.24 -23.62 17.65
N ARG C 90 41.32 -24.41 17.12
CA ARG C 90 41.71 -25.54 16.29
C ARG C 90 42.21 -25.11 14.90
N HIS C 91 41.82 -23.92 14.44
CA HIS C 91 42.24 -23.45 13.11
C HIS C 91 43.11 -22.19 13.24
N GLY C 92 43.47 -21.87 14.50
CA GLY C 92 44.22 -20.66 14.82
C GLY C 92 45.61 -20.59 14.17
N PRO C 93 46.09 -19.37 13.87
CA PRO C 93 45.36 -18.12 14.12
C PRO C 93 44.50 -17.61 12.95
N ILE C 94 43.34 -17.04 13.24
CA ILE C 94 42.52 -16.41 12.21
C ILE C 94 43.07 -15.03 11.89
N ASP C 95 43.35 -14.75 10.62
CA ASP C 95 43.87 -13.43 10.28
C ASP C 95 42.72 -12.46 10.03
N ALA C 96 41.65 -12.95 9.43
CA ALA C 96 40.51 -12.09 9.10
C ALA C 96 39.23 -12.87 9.20
N VAL C 97 38.17 -12.17 9.63
CA VAL C 97 36.84 -12.75 9.71
C VAL C 97 35.93 -12.15 8.64
N VAL C 98 35.25 -13.02 7.89
CA VAL C 98 34.18 -12.59 7.02
C VAL C 98 32.85 -13.06 7.56
N HIS C 99 32.05 -12.08 7.91
CA HIS C 99 30.81 -12.31 8.62
C HIS C 99 29.59 -12.26 7.71
N MET C 100 29.03 -13.43 7.37
CA MET C 100 27.94 -13.46 6.41
C MET C 100 26.77 -14.28 6.86
N CYS C 101 26.73 -14.62 8.13
CA CYS C 101 25.62 -15.41 8.67
C CYS C 101 24.56 -14.46 9.16
N ALA C 102 23.33 -14.62 8.68
CA ALA C 102 22.23 -13.82 9.16
C ALA C 102 20.94 -14.56 8.94
N PHE C 103 19.87 -14.10 9.58
CA PHE C 103 18.54 -14.37 9.06
C PHE C 103 18.30 -13.16 8.19
N LEU C 104 17.68 -13.37 7.02
CA LEU C 104 17.60 -12.29 6.02
C LEU C 104 16.27 -12.14 5.26
N ALA C 105 15.17 -12.62 5.83
CA ALA C 105 13.84 -12.41 5.21
C ALA C 105 13.14 -11.12 5.71
N VAL C 106 13.29 -10.03 4.94
CA VAL C 106 12.72 -8.72 5.32
C VAL C 106 11.29 -8.79 5.89
N GLY C 107 10.43 -9.58 5.23
CA GLY C 107 9.07 -9.83 5.68
C GLY C 107 8.94 -10.63 6.96
N GLU C 108 9.77 -11.66 7.13
CA GLU C 108 9.81 -12.35 8.42
C GLU C 108 10.29 -11.48 9.61
N SER C 109 11.30 -10.62 9.39
CA SER C 109 11.84 -9.76 10.47
C SER C 109 10.77 -8.86 11.10
N VAL C 110 9.96 -8.21 10.25
CA VAL C 110 8.83 -7.40 10.70
C VAL C 110 7.86 -8.17 11.59
N ARG C 111 7.61 -9.43 11.27
CA ARG C 111 6.67 -10.23 12.07
C ARG C 111 7.31 -10.87 13.30
N ASP C 112 8.63 -11.07 13.25
CA ASP C 112 9.27 -11.82 14.32
C ASP C 112 10.64 -11.21 14.67
N PRO C 113 10.64 -9.96 15.20
CA PRO C 113 11.89 -9.20 15.32
C PRO C 113 12.89 -9.83 16.26
N LEU C 114 12.42 -10.45 17.34
CA LEU C 114 13.32 -11.07 18.28
C LEU C 114 14.26 -12.09 17.64
N LYS C 115 13.71 -12.87 16.71
CA LYS C 115 14.47 -13.87 15.96
C LYS C 115 15.66 -13.22 15.25
N TYR C 116 15.39 -12.06 14.64
CA TYR C 116 16.38 -11.30 13.88
C TYR C 116 17.35 -10.59 14.82
N TYR C 117 16.80 -9.74 15.69
CA TYR C 117 17.59 -9.16 16.76
C TYR C 117 18.49 -10.16 17.46
N ASP C 118 17.98 -11.35 17.76
CA ASP C 118 18.82 -12.34 18.41
C ASP C 118 19.96 -12.72 17.44
N ASN C 119 19.64 -13.49 16.43
CA ASN C 119 20.64 -14.01 15.51
C ASN C 119 21.57 -12.93 14.98
N ASN C 120 21.00 -11.95 14.28
CA ASN C 120 21.81 -11.00 13.54
C ASN C 120 22.68 -10.15 14.43
N VAL C 121 22.22 -9.90 15.65
CA VAL C 121 22.93 -8.96 16.49
C VAL C 121 23.80 -9.67 17.49
N VAL C 122 23.23 -10.59 18.25
CA VAL C 122 24.07 -11.38 19.16
C VAL C 122 25.22 -12.05 18.39
N GLY C 123 24.87 -12.62 17.24
CA GLY C 123 25.83 -13.27 16.34
C GLY C 123 27.06 -12.43 16.08
N ILE C 124 26.88 -11.15 15.77
CA ILE C 124 28.02 -10.30 15.47
C ILE C 124 28.82 -9.93 16.73
N LEU C 125 28.10 -9.59 17.79
CA LEU C 125 28.71 -9.33 19.09
C LEU C 125 29.67 -10.46 19.46
N ARG C 126 29.18 -11.70 19.34
CA ARG C 126 29.98 -12.87 19.71
C ARG C 126 31.26 -12.96 18.90
N LEU C 127 31.17 -12.64 17.60
CA LEU C 127 32.34 -12.63 16.72
C LEU C 127 33.41 -11.62 17.10
N LEU C 128 32.99 -10.41 17.45
CA LEU C 128 33.93 -9.38 17.80
C LEU C 128 34.52 -9.66 19.18
N GLN C 129 33.76 -10.31 20.05
CA GLN C 129 34.29 -10.69 21.35
C GLN C 129 35.38 -11.75 21.16
N ALA C 130 35.06 -12.77 20.37
CA ALA C 130 36.03 -13.79 20.00
C ALA C 130 37.24 -13.18 19.28
N MET C 131 36.99 -12.23 18.38
CA MET C 131 38.08 -11.57 17.67
C MET C 131 39.05 -11.00 18.70
N LEU C 132 38.50 -10.19 19.59
CA LEU C 132 39.24 -9.57 20.67
C LEU C 132 40.03 -10.61 21.47
N LEU C 133 39.36 -11.68 21.91
CA LEU C 133 40.00 -12.77 22.68
C LEU C 133 41.13 -13.49 21.92
N HIS C 134 40.95 -13.77 20.63
CA HIS C 134 41.98 -14.44 19.88
C HIS C 134 42.82 -13.50 19.01
N LYS C 135 43.08 -12.30 19.52
CA LYS C 135 44.00 -11.34 18.86
C LYS C 135 43.75 -11.10 17.36
N CYS C 136 42.54 -11.42 16.88
CA CYS C 136 42.16 -11.18 15.47
C CYS C 136 41.64 -9.77 15.25
N ASP C 137 42.19 -9.06 14.27
CA ASP C 137 41.88 -7.64 14.12
C ASP C 137 41.25 -7.17 12.78
N LYS C 138 40.80 -8.13 11.96
CA LYS C 138 40.27 -7.80 10.65
C LYS C 138 38.87 -8.39 10.49
N ILE C 139 37.87 -7.54 10.27
CA ILE C 139 36.54 -8.05 9.91
C ILE C 139 35.94 -7.43 8.64
N ILE C 140 35.44 -8.29 7.75
CA ILE C 140 34.62 -7.87 6.61
C ILE C 140 33.22 -8.38 6.87
N PHE C 141 32.26 -7.46 6.92
CA PHE C 141 30.91 -7.80 7.35
C PHE C 141 29.87 -7.56 6.27
N SER C 142 28.94 -8.50 6.14
CA SER C 142 27.87 -8.43 5.12
C SER C 142 26.76 -7.51 5.57
N SER C 143 26.75 -6.29 5.08
CA SER C 143 25.66 -5.39 5.36
C SER C 143 24.68 -5.35 4.15
N SER C 144 23.72 -4.42 4.18
CA SER C 144 22.62 -4.49 3.20
C SER C 144 21.95 -3.16 2.98
N ALA C 145 21.67 -2.86 1.71
CA ALA C 145 20.91 -1.66 1.32
C ALA C 145 19.66 -1.35 2.19
N ALA C 146 19.08 -2.37 2.84
CA ALA C 146 17.95 -2.22 3.76
C ALA C 146 18.24 -1.28 4.92
N ILE C 147 19.51 -0.89 5.06
CA ILE C 147 19.91 0.05 6.11
C ILE C 147 19.45 1.46 5.79
N PHE C 148 19.36 1.77 4.49
CA PHE C 148 18.95 3.09 4.02
C PHE C 148 17.46 3.43 4.08
N GLY C 149 16.58 2.47 3.77
CA GLY C 149 15.13 2.75 3.68
C GLY C 149 14.73 3.82 2.67
N ASN C 150 13.49 4.29 2.77
CA ASN C 150 13.02 5.42 1.97
C ASN C 150 13.66 6.70 2.45
N PRO C 151 13.90 7.65 1.52
CA PRO C 151 14.04 9.05 1.99
C PRO C 151 12.75 9.42 2.74
N THR C 152 12.86 10.21 3.80
CA THR C 152 11.73 10.45 4.72
C THR C 152 10.64 11.44 4.21
N ALA C 160 14.28 9.61 -6.63
CA ALA C 160 15.22 8.82 -5.85
C ALA C 160 16.47 8.42 -6.68
N GLU C 161 17.65 8.81 -6.18
CA GLU C 161 18.94 8.68 -6.91
C GLU C 161 19.79 7.51 -6.40
N PRO C 162 20.77 7.05 -7.23
CA PRO C 162 21.77 6.07 -6.82
C PRO C 162 22.35 6.43 -5.47
N ILE C 163 22.05 5.60 -4.46
CA ILE C 163 22.39 5.84 -3.05
C ILE C 163 23.89 5.73 -2.79
N ASP C 164 24.45 6.76 -2.17
CA ASP C 164 25.86 6.75 -1.81
C ASP C 164 26.05 6.27 -0.36
N ILE C 165 27.31 6.13 0.04
CA ILE C 165 27.67 5.43 1.28
C ILE C 165 27.20 6.11 2.54
N ASN C 166 26.84 7.40 2.44
CA ASN C 166 26.49 8.20 3.61
C ASN C 166 25.08 8.77 3.64
N ALA C 167 24.27 8.37 2.67
CA ALA C 167 22.85 8.71 2.70
C ALA C 167 22.24 8.36 4.04
N LYS C 168 21.18 9.06 4.41
CA LYS C 168 20.52 8.83 5.69
C LYS C 168 20.12 7.35 5.91
N LYS C 169 20.37 6.84 7.10
CA LYS C 169 19.97 5.46 7.42
C LYS C 169 18.69 5.42 8.25
N SER C 170 17.53 5.39 7.62
CA SER C 170 16.35 4.93 8.35
C SER C 170 15.87 3.56 7.85
N PRO C 171 16.24 2.49 8.56
CA PRO C 171 15.79 1.14 8.31
C PRO C 171 14.29 1.00 8.44
N GLU C 172 13.70 0.35 7.44
CA GLU C 172 12.26 0.13 7.37
C GLU C 172 11.80 -1.25 7.94
N SER C 173 12.74 -1.99 8.55
CA SER C 173 12.49 -3.36 8.97
C SER C 173 13.51 -3.79 10.01
N PRO C 174 13.10 -4.64 10.98
CA PRO C 174 14.07 -5.08 11.99
C PRO C 174 15.34 -5.71 11.39
N TYR C 175 15.25 -6.24 10.16
CA TYR C 175 16.41 -6.78 9.46
C TYR C 175 17.37 -5.67 9.10
N GLY C 176 16.84 -4.55 8.62
CA GLY C 176 17.67 -3.38 8.31
C GLY C 176 18.24 -2.78 9.58
N GLU C 177 17.45 -2.78 10.66
CA GLU C 177 17.96 -2.35 11.95
C GLU C 177 19.18 -3.15 12.38
N SER C 178 19.04 -4.47 12.29
CA SER C 178 20.01 -5.42 12.78
C SER C 178 21.34 -5.25 12.04
N LYS C 179 21.27 -4.87 10.77
CA LYS C 179 22.48 -4.64 10.00
C LYS C 179 23.18 -3.36 10.40
N LEU C 180 22.40 -2.27 10.54
CA LEU C 180 22.92 -0.98 10.93
C LEU C 180 23.49 -1.03 12.33
N ILE C 181 22.85 -1.76 13.22
CA ILE C 181 23.34 -1.91 14.57
C ILE C 181 24.73 -2.51 14.49
N ALA C 182 24.87 -3.59 13.73
CA ALA C 182 26.16 -4.23 13.52
C ALA C 182 27.17 -3.20 13.06
N GLU C 183 26.78 -2.40 12.07
CA GLU C 183 27.63 -1.34 11.56
C GLU C 183 28.17 -0.46 12.69
N ARG C 184 27.30 -0.10 13.64
CA ARG C 184 27.66 0.76 14.77
C ARG C 184 28.67 0.09 15.67
N MET C 185 28.39 -1.16 16.03
CA MET C 185 29.24 -1.96 16.88
C MET C 185 30.63 -2.11 16.31
N ILE C 186 30.73 -2.32 15.01
CA ILE C 186 32.02 -2.50 14.38
C ILE C 186 32.77 -1.17 14.40
N ARG C 187 32.15 -0.13 13.88
CA ARG C 187 32.73 1.20 13.99
C ARG C 187 33.34 1.44 15.37
N ASP C 188 32.61 1.09 16.43
CA ASP C 188 32.97 1.47 17.81
C ASP C 188 34.14 0.69 18.33
N CYS C 189 34.25 -0.56 17.87
CA CYS C 189 35.39 -1.41 18.14
C CYS C 189 36.66 -0.88 17.45
N ALA C 190 36.51 -0.10 16.39
CA ALA C 190 37.68 0.44 15.70
C ALA C 190 38.44 1.37 16.63
N GLU C 191 37.76 2.38 17.16
CA GLU C 191 38.40 3.31 18.10
C GLU C 191 38.76 2.60 19.40
N ALA C 192 37.86 1.78 19.93
CA ALA C 192 38.14 1.10 21.19
C ALA C 192 39.33 0.14 21.16
N TYR C 193 39.47 -0.64 20.09
CA TYR C 193 40.44 -1.74 20.13
C TYR C 193 41.27 -1.90 18.84
N GLY C 194 41.21 -0.91 17.95
CA GLY C 194 41.95 -0.99 16.70
C GLY C 194 41.59 -2.21 15.88
N ILE C 195 40.33 -2.66 15.98
CA ILE C 195 39.75 -3.60 14.98
C ILE C 195 39.49 -2.86 13.66
N LYS C 196 39.88 -3.48 12.55
CA LYS C 196 39.68 -2.92 11.20
C LYS C 196 38.52 -3.60 10.48
N GLY C 197 37.45 -2.84 10.28
CA GLY C 197 36.22 -3.36 9.70
C GLY C 197 35.85 -2.67 8.41
N ILE C 198 35.39 -3.48 7.47
CA ILE C 198 34.68 -2.97 6.32
C ILE C 198 33.33 -3.59 6.32
N CYS C 199 32.31 -2.74 6.28
CA CYS C 199 30.95 -3.18 6.00
C CYS C 199 30.70 -3.02 4.50
N LEU C 200 30.29 -4.09 3.83
CA LEU C 200 29.87 -3.97 2.45
C LEU C 200 28.36 -4.08 2.41
N ARG C 201 27.75 -3.01 1.91
CA ARG C 201 26.30 -2.91 1.73
C ARG C 201 25.98 -3.51 0.37
N TYR C 202 25.65 -4.80 0.33
CA TYR C 202 25.21 -5.39 -0.93
C TYR C 202 23.80 -4.94 -1.18
N PHE C 203 23.47 -4.74 -2.45
CA PHE C 203 22.11 -4.44 -2.85
C PHE C 203 21.28 -5.71 -3.13
N ASN C 204 20.92 -6.01 -4.37
CA ASN C 204 20.09 -7.19 -4.59
C ASN C 204 20.86 -8.35 -5.20
N ALA C 205 21.50 -9.13 -4.34
CA ALA C 205 22.37 -10.24 -4.73
C ALA C 205 21.66 -11.15 -5.71
N CYS C 206 22.34 -11.45 -6.81
CA CYS C 206 21.74 -12.16 -7.90
CA CYS C 206 21.74 -12.26 -7.85
C CYS C 206 22.81 -12.98 -8.63
N GLY C 207 22.37 -13.97 -9.41
CA GLY C 207 23.28 -14.67 -10.30
C GLY C 207 23.65 -16.03 -9.78
N ALA C 208 24.38 -16.77 -10.58
CA ALA C 208 25.00 -17.99 -10.10
C ALA C 208 26.37 -18.02 -10.69
N HIS C 209 27.25 -18.84 -10.14
CA HIS C 209 28.55 -19.04 -10.74
C HIS C 209 28.38 -19.54 -12.17
N GLU C 210 29.28 -19.14 -13.07
CA GLU C 210 29.18 -19.49 -14.48
C GLU C 210 29.37 -20.98 -14.78
N ASP C 211 29.93 -21.74 -13.84
CA ASP C 211 29.95 -23.20 -13.98
C ASP C 211 28.54 -23.79 -13.89
N GLY C 212 27.61 -23.08 -13.26
CA GLY C 212 26.23 -23.54 -13.05
C GLY C 212 25.96 -24.58 -11.96
N ASP C 213 26.96 -24.89 -11.13
CA ASP C 213 26.76 -25.97 -10.15
C ASP C 213 26.26 -25.49 -8.76
N ILE C 214 26.37 -24.18 -8.50
CA ILE C 214 25.92 -23.55 -7.24
C ILE C 214 25.11 -22.29 -7.51
N GLY C 215 24.17 -22.02 -6.60
CA GLY C 215 23.22 -20.90 -6.74
C GLY C 215 22.11 -20.93 -5.69
N GLU C 216 21.12 -20.05 -5.83
CA GLU C 216 19.98 -20.00 -4.92
C GLU C 216 18.75 -20.74 -5.47
N HIS C 217 18.40 -21.88 -4.86
CA HIS C 217 17.27 -22.70 -5.32
C HIS C 217 15.95 -22.07 -4.90
N TYR C 218 14.91 -22.32 -5.67
CA TYR C 218 13.65 -21.61 -5.43
C TYR C 218 12.86 -22.06 -4.20
N GLN C 219 12.90 -23.35 -3.89
CA GLN C 219 12.25 -23.93 -2.71
C GLN C 219 12.63 -23.18 -1.47
N GLY C 220 11.68 -22.40 -0.94
CA GLY C 220 11.85 -21.70 0.34
C GLY C 220 12.37 -20.29 0.19
N SER C 221 12.73 -19.91 -1.03
CA SER C 221 13.35 -18.61 -1.26
C SER C 221 12.32 -17.50 -1.14
N THR C 222 12.74 -16.38 -0.60
CA THR C 222 11.86 -15.23 -0.52
C THR C 222 12.29 -14.18 -1.55
N HIS C 223 13.21 -14.51 -2.44
CA HIS C 223 13.72 -13.50 -3.41
C HIS C 223 13.06 -13.57 -4.79
N LEU C 224 13.02 -12.41 -5.47
CA LEU C 224 12.35 -12.27 -6.77
C LEU C 224 12.78 -13.25 -7.88
N ILE C 225 14.05 -13.20 -8.28
CA ILE C 225 14.54 -14.06 -9.36
C ILE C 225 14.42 -15.56 -9.05
N PRO C 226 14.86 -16.00 -7.85
CA PRO C 226 14.55 -17.39 -7.52
C PRO C 226 13.07 -17.72 -7.65
N ILE C 227 12.21 -16.90 -7.06
CA ILE C 227 10.76 -17.17 -7.11
C ILE C 227 10.21 -17.17 -8.56
N ILE C 228 10.60 -16.17 -9.34
CA ILE C 228 10.27 -16.15 -10.75
C ILE C 228 10.68 -17.44 -11.46
N LEU C 229 11.95 -17.85 -11.32
CA LEU C 229 12.44 -19.07 -12.01
C LEU C 229 11.83 -20.33 -11.45
N GLY C 230 11.52 -20.32 -10.17
CA GLY C 230 10.70 -21.39 -9.58
C GLY C 230 9.29 -21.55 -10.17
N ARG C 231 8.70 -20.46 -10.65
CA ARG C 231 7.41 -20.53 -11.34
C ARG C 231 7.57 -21.11 -12.74
N VAL C 232 8.72 -20.83 -13.35
CA VAL C 232 9.08 -21.41 -14.65
C VAL C 232 9.37 -22.91 -14.51
N MET C 233 9.96 -23.33 -13.39
CA MET C 233 10.16 -24.76 -13.13
C MET C 233 8.83 -25.51 -12.93
N SER C 234 7.79 -24.79 -12.50
CA SER C 234 6.44 -25.36 -12.36
C SER C 234 5.77 -25.51 -13.71
N ASP C 235 6.05 -24.57 -14.59
CA ASP C 235 5.52 -24.60 -15.95
C ASP C 235 6.17 -25.70 -16.77
N ILE C 236 7.29 -26.24 -16.29
CA ILE C 236 7.98 -27.32 -16.98
C ILE C 236 7.45 -28.65 -16.46
N ALA C 237 7.47 -28.81 -15.13
CA ALA C 237 7.00 -30.00 -14.43
C ALA C 237 5.68 -30.54 -15.03
N PRO C 238 5.54 -31.88 -15.14
CA PRO C 238 4.29 -32.43 -15.69
C PRO C 238 3.10 -32.26 -14.71
N ASP C 239 2.00 -31.68 -15.22
CA ASP C 239 0.77 -31.33 -14.46
C ASP C 239 0.85 -31.45 -12.92
N THR C 250 -3.00 -24.48 -6.64
CA THR C 250 -2.45 -23.21 -6.15
C THR C 250 -1.95 -22.26 -7.28
N ASP C 251 -2.23 -20.96 -7.10
CA ASP C 251 -2.07 -19.96 -8.16
CA ASP C 251 -2.06 -19.93 -8.14
C ASP C 251 -0.69 -19.94 -8.83
N LYS C 252 -0.66 -20.45 -10.06
CA LYS C 252 0.56 -20.54 -10.88
C LYS C 252 1.25 -19.20 -11.17
N ARG C 253 0.49 -18.11 -11.03
CA ARG C 253 0.94 -16.80 -11.52
C ARG C 253 2.07 -16.22 -10.67
N MET C 254 2.78 -15.25 -11.24
CA MET C 254 3.84 -14.59 -10.51
C MET C 254 3.26 -13.34 -9.84
N PRO C 255 3.17 -13.36 -8.50
CA PRO C 255 2.71 -12.18 -7.76
C PRO C 255 3.68 -11.00 -7.87
N ILE C 256 3.17 -9.87 -8.34
CA ILE C 256 3.90 -8.59 -8.28
C ILE C 256 3.45 -7.85 -7.03
N PHE C 257 4.35 -7.71 -6.05
CA PHE C 257 4.00 -7.11 -4.75
C PHE C 257 3.90 -5.57 -4.81
N GLY C 258 2.71 -5.07 -5.13
CA GLY C 258 2.48 -3.63 -5.19
C GLY C 258 2.74 -2.99 -6.55
N THR C 259 1.75 -2.23 -7.04
CA THR C 259 1.86 -1.44 -8.28
C THR C 259 1.71 0.08 -8.06
N ASP C 260 1.63 0.51 -6.79
CA ASP C 260 1.39 1.92 -6.40
C ASP C 260 2.65 2.62 -5.77
N TYR C 261 3.82 2.24 -6.26
CA TYR C 261 5.07 2.84 -5.80
C TYR C 261 5.46 4.01 -6.70
N PRO C 262 6.00 5.08 -6.10
CA PRO C 262 6.43 6.32 -6.77
C PRO C 262 7.51 6.13 -7.84
N THR C 263 7.25 5.28 -8.83
CA THR C 263 8.30 4.88 -9.80
C THR C 263 7.69 4.80 -11.19
N PRO C 264 8.52 4.95 -12.24
CA PRO C 264 8.07 4.96 -13.65
C PRO C 264 6.99 3.92 -14.06
N ASP C 265 6.97 2.75 -13.41
CA ASP C 265 5.93 1.72 -13.68
C ASP C 265 5.25 1.13 -12.43
N GLY C 266 5.49 1.72 -11.27
CA GLY C 266 4.69 1.42 -10.09
C GLY C 266 5.15 0.27 -9.23
N THR C 267 6.07 -0.53 -9.76
CA THR C 267 6.65 -1.61 -8.98
C THR C 267 8.00 -1.15 -8.45
N CYS C 268 8.36 -1.65 -7.27
CA CYS C 268 9.66 -1.37 -6.67
C CYS C 268 10.82 -1.51 -7.63
N VAL C 269 11.71 -0.52 -7.64
CA VAL C 269 12.98 -0.64 -8.37
C VAL C 269 14.09 -1.17 -7.44
N ARG C 270 15.01 -1.95 -8.02
CA ARG C 270 16.14 -2.52 -7.28
C ARG C 270 17.37 -2.60 -8.18
N ASP C 271 18.54 -2.74 -7.55
CA ASP C 271 19.83 -2.85 -8.22
C ASP C 271 20.34 -4.33 -8.12
N TYR C 272 20.27 -5.07 -9.22
CA TYR C 272 20.58 -6.51 -9.19
C TYR C 272 22.06 -6.84 -9.42
N VAL C 273 22.75 -7.28 -8.37
CA VAL C 273 24.21 -7.39 -8.42
C VAL C 273 24.67 -8.85 -8.33
N HIS C 274 25.57 -9.24 -9.22
CA HIS C 274 25.94 -10.66 -9.40
C HIS C 274 26.92 -11.13 -8.34
N VAL C 275 26.48 -12.09 -7.55
CA VAL C 275 27.27 -12.73 -6.51
C VAL C 275 28.77 -12.92 -6.81
N CYS C 276 29.13 -13.16 -8.06
CA CYS C 276 30.57 -13.19 -8.43
C CYS C 276 31.27 -11.85 -8.35
N ASP C 277 30.50 -10.76 -8.42
CA ASP C 277 31.09 -9.44 -8.27
C ASP C 277 31.15 -9.05 -6.80
N LEU C 278 30.17 -9.52 -6.03
CA LEU C 278 30.21 -9.39 -4.59
C LEU C 278 31.40 -10.16 -4.05
N ALA C 279 31.66 -11.32 -4.66
CA ALA C 279 32.81 -12.12 -4.27
C ALA C 279 34.06 -11.32 -4.49
N SER C 280 34.28 -10.82 -5.70
CA SER C 280 35.54 -10.12 -5.98
C SER C 280 35.74 -8.91 -5.06
N ALA C 281 34.64 -8.26 -4.67
CA ALA C 281 34.73 -7.10 -3.79
C ALA C 281 35.28 -7.46 -2.42
N HIS C 282 34.93 -8.65 -1.93
CA HIS C 282 35.43 -9.12 -0.63
C HIS C 282 36.95 -9.36 -0.69
N ILE C 283 37.39 -9.98 -1.78
CA ILE C 283 38.80 -10.28 -1.99
C ILE C 283 39.61 -9.00 -1.92
N LEU C 284 39.10 -7.95 -2.56
CA LEU C 284 39.75 -6.64 -2.48
C LEU C 284 39.60 -6.03 -1.12
N ALA C 285 38.44 -6.24 -0.47
CA ALA C 285 38.24 -5.68 0.87
C ALA C 285 39.27 -6.26 1.82
N LEU C 286 39.46 -7.58 1.79
CA LEU C 286 40.56 -8.21 2.56
C LEU C 286 41.94 -7.58 2.27
N ASP C 287 42.27 -7.50 0.99
CA ASP C 287 43.56 -6.98 0.58
C ASP C 287 43.74 -5.57 1.12
N TYR C 288 42.65 -4.82 1.17
CA TYR C 288 42.67 -3.46 1.71
C TYR C 288 43.04 -3.36 3.20
N VAL C 289 42.24 -4.01 4.05
CA VAL C 289 42.45 -3.98 5.50
C VAL C 289 43.73 -4.71 5.88
N GLU C 290 44.21 -5.61 5.02
CA GLU C 290 45.48 -6.25 5.31
C GLU C 290 46.62 -5.24 5.20
N LYS C 291 46.50 -4.30 4.28
CA LYS C 291 47.50 -3.27 4.07
C LYS C 291 47.35 -2.08 5.02
N LEU C 292 46.48 -2.19 6.02
CA LEU C 292 46.36 -1.12 7.03
C LEU C 292 47.27 -1.43 8.20
N GLY C 293 47.96 -0.40 8.70
CA GLY C 293 48.83 -0.53 9.88
C GLY C 293 48.56 0.56 10.92
N PRO C 294 49.47 0.71 11.91
CA PRO C 294 49.12 1.55 13.05
C PRO C 294 49.22 3.06 12.74
N ASN C 295 49.53 3.39 11.50
CA ASN C 295 49.53 4.78 11.08
C ASN C 295 48.15 5.11 10.56
N ASP C 296 47.38 4.06 10.29
CA ASP C 296 46.18 4.17 9.47
C ASP C 296 44.86 4.25 10.25
N LYS C 297 44.95 4.64 11.52
CA LYS C 297 43.84 4.61 12.45
C LYS C 297 42.54 5.22 11.89
N SER C 298 42.61 6.39 11.26
CA SER C 298 41.39 7.05 10.77
C SER C 298 40.68 6.36 9.57
N LYS C 299 41.36 5.39 8.95
CA LYS C 299 40.79 4.54 7.90
C LYS C 299 40.35 3.13 8.39
N TYR C 300 40.36 2.88 9.70
CA TYR C 300 40.08 1.56 10.24
C TYR C 300 38.62 1.08 10.02
N PHE C 301 37.72 2.05 9.85
CA PHE C 301 36.35 1.70 9.58
C PHE C 301 35.92 2.34 8.29
N SER C 302 35.43 1.54 7.38
CA SER C 302 34.94 2.09 6.14
C SER C 302 33.75 1.29 5.70
N VAL C 303 32.92 1.95 4.88
CA VAL C 303 31.76 1.34 4.26
C VAL C 303 31.79 1.52 2.74
N PHE C 304 31.22 0.56 2.02
CA PHE C 304 31.02 0.68 0.59
C PHE C 304 29.64 0.16 0.20
N ASN C 305 29.10 0.71 -0.90
CA ASN C 305 27.86 0.23 -1.48
C ASN C 305 28.15 -0.56 -2.73
N LEU C 306 27.68 -1.80 -2.76
CA LEU C 306 27.95 -2.69 -3.89
C LEU C 306 26.69 -2.92 -4.69
N GLY C 307 26.66 -2.37 -5.91
CA GLY C 307 25.51 -2.49 -6.81
C GLY C 307 26.01 -2.30 -8.22
N THR C 308 25.11 -2.29 -9.18
CA THR C 308 25.51 -2.01 -10.58
C THR C 308 25.35 -0.54 -10.94
N SER C 309 24.54 0.16 -10.17
CA SER C 309 24.11 1.55 -10.46
C SER C 309 23.00 1.64 -11.55
N ARG C 310 22.50 0.50 -12.00
CA ARG C 310 21.36 0.46 -12.90
CA ARG C 310 21.34 0.46 -12.90
C ARG C 310 20.21 -0.25 -12.19
N GLY C 311 19.03 0.36 -12.21
CA GLY C 311 17.87 -0.19 -11.54
C GLY C 311 16.97 -0.95 -12.49
N TYR C 312 16.22 -1.90 -11.95
CA TYR C 312 15.20 -2.59 -12.71
C TYR C 312 13.96 -2.64 -11.84
N SER C 313 12.81 -2.27 -12.41
CA SER C 313 11.55 -2.42 -11.72
C SER C 313 11.23 -3.90 -11.75
N VAL C 314 10.31 -4.29 -10.87
CA VAL C 314 9.90 -5.68 -10.82
C VAL C 314 9.35 -6.12 -12.17
N ARG C 315 8.65 -5.24 -12.88
CA ARG C 315 8.02 -5.62 -14.15
C ARG C 315 9.11 -5.95 -15.14
N GLU C 316 10.17 -5.16 -15.09
CA GLU C 316 11.27 -5.36 -16.00
C GLU C 316 12.00 -6.67 -15.73
N VAL C 317 12.18 -7.03 -14.44
CA VAL C 317 12.87 -8.26 -14.05
C VAL C 317 12.18 -9.43 -14.70
N ILE C 318 10.86 -9.49 -14.50
CA ILE C 318 10.00 -10.52 -15.08
C ILE C 318 10.15 -10.60 -16.60
N GLU C 319 10.16 -9.45 -17.23
CA GLU C 319 10.38 -9.36 -18.66
C GLU C 319 11.71 -9.92 -19.11
N VAL C 320 12.77 -9.67 -18.34
CA VAL C 320 14.10 -10.23 -18.63
C VAL C 320 14.05 -11.76 -18.53
N ALA C 321 13.50 -12.26 -17.41
CA ALA C 321 13.25 -13.69 -17.22
C ALA C 321 12.51 -14.36 -18.39
N ARG C 322 11.49 -13.69 -18.93
CA ARG C 322 10.74 -14.17 -20.10
C ARG C 322 11.62 -14.48 -21.29
N LYS C 323 12.53 -13.57 -21.58
CA LYS C 323 13.37 -13.62 -22.76
C LYS C 323 14.50 -14.62 -22.51
N THR C 324 14.89 -14.75 -21.24
CA THR C 324 15.99 -15.61 -20.84
C THR C 324 15.55 -17.07 -20.91
N THR C 325 14.41 -17.36 -20.30
CA THR C 325 13.88 -18.71 -20.20
C THR C 325 13.08 -19.14 -21.44
N GLY C 326 12.48 -18.16 -22.13
CA GLY C 326 11.58 -18.44 -23.26
C GLY C 326 10.16 -18.87 -22.85
N HIS C 327 9.82 -18.70 -21.58
CA HIS C 327 8.50 -19.07 -21.09
C HIS C 327 7.63 -17.84 -20.93
N PRO C 328 6.28 -17.99 -20.95
CA PRO C 328 5.43 -16.81 -20.99
C PRO C 328 5.36 -16.04 -19.65
N ILE C 329 5.48 -16.76 -18.53
CA ILE C 329 5.40 -16.14 -17.19
C ILE C 329 4.23 -15.14 -17.05
N PRO C 330 3.01 -15.66 -16.85
CA PRO C 330 1.89 -14.83 -16.41
C PRO C 330 2.04 -14.31 -14.97
N VAL C 331 1.52 -13.09 -14.76
CA VAL C 331 1.65 -12.30 -13.53
C VAL C 331 0.31 -12.00 -12.86
N ARG C 332 0.34 -11.46 -11.64
CA ARG C 332 -0.86 -10.92 -10.98
C ARG C 332 -0.50 -9.82 -9.96
N GLU C 333 -1.24 -8.71 -10.00
CA GLU C 333 -1.03 -7.58 -9.07
C GLU C 333 -1.32 -7.97 -7.61
N CYS C 334 -0.55 -7.41 -6.68
CA CYS C 334 -0.73 -7.68 -5.24
C CYS C 334 -0.51 -6.45 -4.36
N GLY C 335 -0.69 -6.64 -3.05
CA GLY C 335 -0.41 -5.60 -2.08
C GLY C 335 1.08 -5.44 -1.81
N ARG C 336 1.48 -4.25 -1.39
CA ARG C 336 2.85 -4.00 -0.95
C ARG C 336 3.25 -5.00 0.13
N ARG C 337 4.51 -5.42 0.12
CA ARG C 337 5.03 -6.31 1.16
C ARG C 337 5.40 -5.55 2.47
N GLU C 338 5.42 -6.26 3.59
CA GLU C 338 5.90 -5.71 4.87
C GLU C 338 7.39 -5.29 4.84
N GLY C 339 7.65 -4.01 4.57
CA GLY C 339 9.00 -3.43 4.66
C GLY C 339 9.73 -3.01 3.37
N ASP C 340 8.99 -2.54 2.37
CA ASP C 340 9.57 -2.30 1.03
C ASP C 340 9.74 -0.83 0.59
N PRO C 341 11.00 -0.37 0.53
CA PRO C 341 11.38 0.88 -0.13
C PRO C 341 10.89 0.94 -1.57
N ALA C 342 10.62 2.13 -2.05
CA ALA C 342 10.18 2.30 -3.43
C ALA C 342 11.34 2.10 -4.41
N TYR C 343 12.57 2.26 -3.91
CA TYR C 343 13.76 2.44 -4.76
C TYR C 343 15.09 2.21 -4.02
N LEU C 344 15.90 1.27 -4.50
CA LEU C 344 17.19 0.97 -3.88
C LEU C 344 18.26 0.70 -4.93
N VAL C 345 18.85 1.75 -5.47
CA VAL C 345 19.93 1.61 -6.45
C VAL C 345 21.23 2.13 -5.83
N ALA C 346 22.34 1.51 -6.18
CA ALA C 346 23.61 1.81 -5.56
C ALA C 346 24.46 2.79 -6.35
N ALA C 347 25.04 3.78 -5.68
CA ALA C 347 26.15 4.52 -6.24
C ALA C 347 27.40 3.86 -5.69
N SER C 348 28.19 3.24 -6.57
CA SER C 348 29.30 2.42 -6.09
C SER C 348 30.62 3.09 -6.36
N ASP C 349 30.60 4.41 -6.44
CA ASP C 349 31.81 5.17 -6.71
C ASP C 349 32.94 4.90 -5.70
N LYS C 350 32.61 4.83 -4.41
CA LYS C 350 33.62 4.65 -3.38
C LYS C 350 34.41 3.37 -3.58
N ALA C 351 33.68 2.26 -3.64
CA ALA C 351 34.25 0.93 -3.82
C ALA C 351 35.08 0.83 -5.08
N ARG C 352 34.58 1.42 -6.16
CA ARG C 352 35.32 1.42 -7.43
C ARG C 352 36.65 2.11 -7.20
N GLU C 353 36.57 3.36 -6.72
CA GLU C 353 37.72 4.26 -6.51
C GLU C 353 38.76 3.73 -5.49
N VAL C 354 38.29 3.38 -4.29
CA VAL C 354 39.16 2.93 -3.18
C VAL C 354 39.61 1.47 -3.27
N LEU C 355 38.68 0.56 -3.54
CA LEU C 355 39.03 -0.85 -3.56
C LEU C 355 39.39 -1.31 -4.96
N GLY C 356 39.16 -0.45 -5.95
CA GLY C 356 39.36 -0.80 -7.37
C GLY C 356 38.40 -1.88 -7.83
N TRP C 357 37.11 -1.70 -7.55
CA TRP C 357 36.15 -2.76 -7.82
C TRP C 357 35.57 -2.56 -9.23
N LYS C 358 35.68 -3.59 -10.06
CA LYS C 358 35.12 -3.58 -11.40
C LYS C 358 34.15 -4.75 -11.57
N PRO C 359 32.84 -4.50 -11.40
CA PRO C 359 31.87 -5.59 -11.52
C PRO C 359 31.80 -6.00 -12.97
N LYS C 360 32.05 -7.28 -13.25
CA LYS C 360 32.03 -7.76 -14.62
C LYS C 360 30.63 -7.82 -15.21
N TYR C 361 29.62 -8.09 -14.38
CA TYR C 361 28.22 -8.14 -14.83
C TYR C 361 27.56 -6.77 -14.73
N ASP C 362 26.89 -6.30 -15.78
CA ASP C 362 26.21 -4.99 -15.70
C ASP C 362 24.73 -5.02 -16.09
N THR C 363 24.44 -5.51 -17.29
CA THR C 363 23.09 -5.82 -17.74
C THR C 363 22.55 -6.98 -16.89
N LEU C 364 21.23 -7.03 -16.69
CA LEU C 364 20.58 -8.15 -16.00
C LEU C 364 20.41 -9.36 -16.93
N GLU C 365 20.44 -9.14 -18.23
CA GLU C 365 20.34 -10.23 -19.17
C GLU C 365 21.40 -11.24 -18.80
N ALA C 366 22.67 -10.85 -18.82
CA ALA C 366 23.77 -11.76 -18.44
C ALA C 366 23.56 -12.46 -17.10
N ILE C 367 23.20 -11.68 -16.07
CA ILE C 367 22.98 -12.25 -14.75
C ILE C 367 21.86 -13.29 -14.73
N MET C 368 20.72 -12.94 -15.31
CA MET C 368 19.58 -13.83 -15.45
C MET C 368 20.03 -15.14 -16.12
N GLU C 369 20.83 -15.04 -17.17
CA GLU C 369 21.35 -16.24 -17.83
C GLU C 369 22.05 -17.18 -16.84
N THR C 370 22.92 -16.62 -16.00
CA THR C 370 23.59 -17.47 -15.02
C THR C 370 22.61 -18.07 -14.01
N SER C 371 21.69 -17.27 -13.51
CA SER C 371 20.68 -17.74 -12.58
C SER C 371 19.85 -18.90 -13.16
N TRP C 372 19.46 -18.76 -14.43
CA TRP C 372 18.60 -19.74 -15.09
C TRP C 372 19.33 -21.06 -15.35
N LYS C 373 20.54 -20.97 -15.91
CA LYS C 373 21.44 -22.11 -16.10
C LYS C 373 21.57 -22.96 -14.83
N PHE C 374 21.77 -22.31 -13.70
CA PHE C 374 21.77 -23.03 -12.45
C PHE C 374 20.44 -23.73 -12.19
N GLN C 375 19.37 -22.95 -12.09
CA GLN C 375 18.04 -23.48 -11.71
C GLN C 375 17.53 -24.58 -12.61
N ARG C 376 17.69 -24.38 -13.92
CA ARG C 376 17.19 -25.30 -14.91
C ARG C 376 17.92 -26.63 -14.89
N THR C 377 19.08 -26.68 -14.24
CA THR C 377 19.85 -27.92 -14.15
C THR C 377 19.70 -28.52 -12.78
N HIS C 378 18.93 -27.84 -11.94
CA HIS C 378 18.70 -28.30 -10.58
C HIS C 378 17.20 -28.26 -10.21
N PRO C 379 16.41 -29.26 -10.65
CA PRO C 379 14.98 -29.25 -10.35
C PRO C 379 14.64 -29.53 -8.88
N ASN C 380 15.56 -30.16 -8.13
CA ASN C 380 15.28 -30.53 -6.73
C ASN C 380 16.25 -29.87 -5.74
N GLY C 381 17.00 -28.86 -6.19
CA GLY C 381 18.02 -28.24 -5.35
C GLY C 381 19.29 -29.05 -5.50
N TYR C 382 20.18 -29.00 -4.53
CA TYR C 382 21.38 -29.84 -4.56
C TYR C 382 21.03 -31.29 -4.16
N ALA C 383 19.78 -31.49 -3.72
CA ALA C 383 19.27 -32.81 -3.34
C ALA C 383 19.27 -33.78 -4.53
N SER D 1 -4.11 -1.15 40.35
CA SER D 1 -3.45 -1.65 41.61
C SER D 1 -3.33 -3.19 41.58
N HIS D 2 -2.82 -3.75 42.70
CA HIS D 2 -2.61 -5.21 42.89
C HIS D 2 -1.57 -5.79 41.91
N MET D 3 -1.55 -5.29 40.67
CA MET D 3 -0.53 -5.59 39.63
C MET D 3 0.85 -6.11 40.14
N ARG D 4 1.46 -7.00 39.38
CA ARG D 4 2.73 -7.60 39.78
C ARG D 4 3.89 -7.09 38.90
N VAL D 5 4.74 -6.25 39.49
CA VAL D 5 5.87 -5.66 38.78
C VAL D 5 7.16 -6.45 39.00
N LEU D 6 7.84 -6.76 37.89
CA LEU D 6 9.23 -7.25 37.91
C LEU D 6 10.20 -6.10 37.61
N VAL D 7 11.14 -5.91 38.53
CA VAL D 7 12.10 -4.81 38.45
C VAL D 7 13.53 -5.31 38.31
N CYS D 8 14.07 -5.12 37.11
CA CYS D 8 15.40 -5.59 36.76
C CYS D 8 16.39 -4.47 36.97
N GLY D 9 17.47 -4.78 37.70
CA GLY D 9 18.33 -3.74 38.26
C GLY D 9 17.72 -2.97 39.43
N GLY D 10 16.73 -3.58 40.09
CA GLY D 10 16.00 -2.92 41.18
C GLY D 10 16.77 -2.62 42.45
N ALA D 11 17.94 -3.24 42.61
CA ALA D 11 18.78 -3.02 43.79
C ALA D 11 19.70 -1.80 43.62
N GLY D 12 19.64 -1.15 42.47
CA GLY D 12 20.55 -0.04 42.19
C GLY D 12 20.09 1.26 42.81
N TYR D 13 20.69 2.34 42.32
CA TYR D 13 20.48 3.67 42.84
C TYR D 13 19.07 4.14 42.47
N ILE D 14 18.82 4.36 41.19
CA ILE D 14 17.50 4.76 40.72
C ILE D 14 16.46 3.69 41.09
N GLY D 15 16.93 2.46 41.30
CA GLY D 15 16.03 1.33 41.47
C GLY D 15 15.45 1.24 42.86
N SER D 16 16.31 1.46 43.87
CA SER D 16 15.88 1.41 45.26
C SER D 16 14.85 2.49 45.52
N HIS D 17 14.98 3.60 44.79
CA HIS D 17 14.04 4.70 44.89
C HIS D 17 12.70 4.43 44.21
N PHE D 18 12.71 3.66 43.12
CA PHE D 18 11.48 3.21 42.46
C PHE D 18 10.75 2.19 43.32
N VAL D 19 11.50 1.25 43.87
CA VAL D 19 10.91 0.22 44.73
C VAL D 19 10.24 0.88 45.93
N ARG D 20 11.02 1.66 46.69
CA ARG D 20 10.51 2.31 47.89
C ARG D 20 9.17 2.94 47.63
N ALA D 21 9.02 3.58 46.46
CA ALA D 21 7.75 4.19 46.06
C ALA D 21 6.65 3.18 45.71
N LEU D 22 7.01 2.08 45.04
CA LEU D 22 6.09 0.98 44.76
C LEU D 22 5.49 0.37 46.03
N LEU D 23 6.30 0.32 47.09
CA LEU D 23 5.85 -0.19 48.38
C LEU D 23 4.89 0.80 49.05
N ARG D 24 5.36 2.02 49.25
CA ARG D 24 4.62 3.02 50.02
C ARG D 24 3.48 3.65 49.25
N ASP D 25 3.63 3.82 47.93
CA ASP D 25 2.66 4.58 47.15
C ASP D 25 1.66 3.78 46.32
N THR D 26 1.87 2.47 46.21
CA THR D 26 0.98 1.59 45.45
C THR D 26 0.66 0.30 46.22
N ASN D 27 -0.17 -0.54 45.61
CA ASN D 27 -0.48 -1.90 46.10
C ASN D 27 0.15 -3.04 45.29
N HIS D 28 0.99 -2.68 44.30
CA HIS D 28 1.73 -3.62 43.45
C HIS D 28 2.62 -4.56 44.25
N SER D 29 2.90 -5.74 43.70
CA SER D 29 3.80 -6.67 44.38
C SER D 29 5.16 -6.65 43.69
N VAL D 30 6.22 -6.78 44.47
CA VAL D 30 7.54 -6.47 43.94
C VAL D 30 8.58 -7.58 44.00
N VAL D 31 9.05 -7.93 42.79
CA VAL D 31 10.12 -8.90 42.59
C VAL D 31 11.28 -8.19 41.94
N ILE D 32 12.42 -8.16 42.63
CA ILE D 32 13.61 -7.56 42.09
C ILE D 32 14.54 -8.64 41.52
N VAL D 33 14.87 -8.50 40.24
CA VAL D 33 16.00 -9.28 39.75
C VAL D 33 17.20 -8.37 39.53
N ASP D 34 18.30 -8.71 40.23
CA ASP D 34 19.54 -7.95 40.21
C ASP D 34 20.70 -8.87 40.53
N SER D 35 21.76 -8.74 39.74
CA SER D 35 22.97 -9.56 39.92
C SER D 35 23.93 -8.93 40.93
N LEU D 36 23.59 -7.72 41.38
CA LEU D 36 24.37 -6.91 42.32
C LEU D 36 25.78 -6.56 41.81
N VAL D 37 25.97 -6.63 40.50
CA VAL D 37 27.25 -6.25 39.90
C VAL D 37 27.52 -4.79 40.21
N GLY D 38 26.42 -4.03 40.28
CA GLY D 38 26.48 -2.58 40.44
C GLY D 38 26.39 -2.11 41.88
N THR D 39 26.29 -3.06 42.82
CA THR D 39 26.14 -2.71 44.22
C THR D 39 27.22 -3.37 45.06
N HIS D 40 28.32 -3.74 44.43
CA HIS D 40 29.45 -4.43 45.09
C HIS D 40 29.09 -5.80 45.65
N GLY D 41 28.05 -6.42 45.09
CA GLY D 41 27.57 -7.72 45.54
C GLY D 41 26.85 -7.74 46.89
N LYS D 42 26.38 -6.58 47.34
CA LYS D 42 25.74 -6.49 48.63
C LYS D 42 24.28 -6.07 48.48
N SER D 43 23.42 -6.46 49.42
CA SER D 43 22.02 -6.05 49.35
C SER D 43 21.36 -5.60 50.66
N ASP D 44 22.19 -5.32 51.68
CA ASP D 44 21.69 -4.85 53.00
C ASP D 44 20.65 -3.75 52.83
N HIS D 45 20.84 -2.91 51.81
CA HIS D 45 19.97 -1.77 51.58
C HIS D 45 18.65 -2.09 50.91
N VAL D 46 18.45 -3.31 50.45
CA VAL D 46 17.25 -3.65 49.68
C VAL D 46 16.07 -3.89 50.63
N GLU D 47 14.93 -3.29 50.32
CA GLU D 47 13.75 -3.49 51.16
C GLU D 47 13.07 -4.87 51.02
N THR D 48 13.82 -5.92 51.37
CA THR D 48 13.34 -7.32 51.57
C THR D 48 12.65 -7.49 52.94
N ARG D 49 11.93 -8.60 53.12
CA ARG D 49 11.35 -8.93 54.44
C ARG D 49 12.32 -8.78 55.62
N GLU D 50 13.49 -9.41 55.56
CA GLU D 50 14.40 -9.35 56.71
C GLU D 50 14.92 -7.94 57.03
N ASN D 51 15.29 -7.18 55.99
CA ASN D 51 15.72 -5.79 56.13
C ASN D 51 14.64 -4.81 56.59
N VAL D 52 13.46 -4.86 55.97
CA VAL D 52 12.36 -4.00 56.37
C VAL D 52 11.96 -4.26 57.82
N ALA D 53 12.20 -5.50 58.27
CA ALA D 53 12.00 -5.84 59.67
C ALA D 53 13.14 -5.30 60.52
N ARG D 54 14.33 -5.22 59.95
CA ARG D 54 15.50 -4.74 60.69
C ARG D 54 15.38 -3.24 60.98
N LYS D 55 14.96 -2.47 59.98
CA LYS D 55 14.61 -1.04 60.15
C LYS D 55 13.45 -0.85 61.17
N LEU D 56 12.45 -1.73 61.08
CA LEU D 56 11.32 -1.77 62.01
C LEU D 56 11.78 -1.93 63.46
N GLN D 57 12.81 -2.75 63.67
CA GLN D 57 13.40 -2.93 64.99
C GLN D 57 14.09 -1.66 65.51
N GLN D 58 14.98 -1.06 64.72
CA GLN D 58 15.73 0.12 65.15
CA GLN D 58 15.72 0.09 65.22
C GLN D 58 14.82 1.29 65.50
N SER D 59 13.72 1.42 64.78
CA SER D 59 12.83 2.58 64.95
C SER D 59 11.90 2.49 66.16
N ASP D 60 11.82 3.61 66.85
CA ASP D 60 10.86 3.76 67.93
C ASP D 60 9.69 4.54 67.41
N GLY D 61 8.57 4.44 68.10
CA GLY D 61 7.37 5.12 67.67
C GLY D 61 6.55 4.20 66.78
N PRO D 62 5.33 4.60 66.50
CA PRO D 62 4.37 3.77 65.78
C PRO D 62 4.84 3.32 64.39
N LYS D 63 4.42 2.12 63.99
CA LYS D 63 4.62 1.59 62.66
C LYS D 63 4.01 2.47 61.60
N PRO D 64 4.75 2.74 60.51
CA PRO D 64 4.21 3.46 59.35
C PRO D 64 3.25 2.61 58.51
N PRO D 65 2.42 3.25 57.66
CA PRO D 65 1.46 2.45 56.88
C PRO D 65 2.13 1.36 56.03
N TRP D 66 3.24 1.70 55.38
CA TRP D 66 4.06 0.74 54.61
C TRP D 66 4.89 -0.27 55.44
N ALA D 67 4.89 -0.15 56.77
CA ALA D 67 5.79 -0.94 57.61
C ALA D 67 5.86 -2.42 57.26
N ASP D 68 4.78 -2.91 56.66
CA ASP D 68 4.64 -4.32 56.31
C ASP D 68 4.61 -4.64 54.82
N ARG D 69 5.45 -3.94 54.06
CA ARG D 69 5.68 -4.30 52.68
C ARG D 69 7.14 -4.68 52.52
N TYR D 70 7.40 -5.66 51.67
CA TYR D 70 8.76 -5.94 51.23
C TYR D 70 8.77 -6.34 49.77
N ALA D 71 9.95 -6.34 49.16
CA ALA D 71 10.12 -6.87 47.82
C ALA D 71 10.73 -8.25 47.88
N ALA D 72 10.57 -9.01 46.81
CA ALA D 72 11.29 -10.28 46.67
C ALA D 72 12.57 -9.98 45.91
N LEU D 73 13.70 -10.45 46.45
CA LEU D 73 15.00 -10.27 45.82
C LEU D 73 15.56 -11.54 45.18
N GLU D 74 15.58 -11.54 43.86
CA GLU D 74 16.17 -12.63 43.13
C GLU D 74 17.53 -12.19 42.60
N VAL D 75 18.57 -12.80 43.15
CA VAL D 75 19.95 -12.50 42.80
C VAL D 75 20.47 -13.25 41.54
N GLY D 76 20.65 -12.52 40.45
CA GLY D 76 21.24 -13.10 39.23
C GLY D 76 21.26 -12.24 37.99
N ASP D 77 21.88 -12.75 36.92
CA ASP D 77 21.98 -12.01 35.67
C ASP D 77 20.78 -12.26 34.77
N VAL D 78 20.20 -11.20 34.23
CA VAL D 78 19.07 -11.35 33.29
C VAL D 78 19.45 -11.99 31.96
N ARG D 79 20.74 -12.23 31.75
CA ARG D 79 21.20 -12.88 30.53
C ARG D 79 21.36 -14.39 30.72
N ASN D 80 21.41 -14.81 31.98
CA ASN D 80 21.43 -16.22 32.31
C ASN D 80 20.00 -16.75 32.21
N GLU D 81 19.67 -17.26 31.02
CA GLU D 81 18.33 -17.74 30.62
C GLU D 81 17.66 -18.72 31.58
N ASP D 82 18.44 -19.66 32.11
CA ASP D 82 17.97 -20.56 33.16
C ASP D 82 17.33 -19.76 34.29
N PHE D 83 18.17 -18.99 34.99
CA PHE D 83 17.76 -18.15 36.10
C PHE D 83 16.50 -17.30 35.84
N LEU D 84 16.51 -16.55 34.74
CA LEU D 84 15.43 -15.61 34.43
C LEU D 84 14.08 -16.33 34.32
N ASN D 85 14.09 -17.48 33.66
CA ASN D 85 12.91 -18.32 33.54
C ASN D 85 12.35 -18.77 34.90
N GLY D 86 13.23 -19.34 35.74
CA GLY D 86 12.86 -19.81 37.06
C GLY D 86 12.45 -18.71 38.02
N VAL D 87 12.60 -17.45 37.57
CA VAL D 87 12.11 -16.29 38.29
C VAL D 87 10.68 -15.98 37.82
N PHE D 88 10.42 -16.21 36.53
CA PHE D 88 9.07 -16.04 35.96
C PHE D 88 8.12 -17.18 36.30
N THR D 89 8.71 -18.33 36.64
CA THR D 89 7.96 -19.50 37.09
C THR D 89 7.48 -19.17 38.50
N ARG D 90 8.40 -19.25 39.45
CA ARG D 90 8.08 -19.02 40.85
C ARG D 90 7.22 -17.78 41.03
N HIS D 91 7.78 -16.62 40.72
CA HIS D 91 7.13 -15.36 41.08
C HIS D 91 6.00 -14.97 40.14
N GLY D 92 5.79 -15.75 39.08
CA GLY D 92 4.76 -15.43 38.09
C GLY D 92 3.37 -15.75 38.61
N PRO D 93 2.33 -15.17 37.99
CA PRO D 93 2.32 -14.48 36.68
C PRO D 93 2.62 -12.96 36.70
N ILE D 94 3.84 -12.61 36.27
CA ILE D 94 4.30 -11.24 36.16
C ILE D 94 3.47 -10.48 35.13
N ASP D 95 3.04 -9.28 35.49
CA ASP D 95 2.17 -8.49 34.64
C ASP D 95 2.92 -7.38 33.93
N ALA D 96 3.97 -6.89 34.59
CA ALA D 96 4.76 -5.80 34.07
C ALA D 96 6.24 -5.94 34.41
N VAL D 97 7.07 -5.52 33.44
CA VAL D 97 8.50 -5.53 33.58
C VAL D 97 9.00 -4.10 33.63
N VAL D 98 9.82 -3.80 34.63
CA VAL D 98 10.49 -2.50 34.66
C VAL D 98 11.96 -2.77 34.46
N HIS D 99 12.46 -2.31 33.31
CA HIS D 99 13.83 -2.64 32.89
C HIS D 99 14.84 -1.55 33.18
N MET D 100 15.55 -1.74 34.29
CA MET D 100 16.46 -0.74 34.81
C MET D 100 17.92 -1.19 34.90
N CYS D 101 18.22 -2.42 34.51
CA CYS D 101 19.59 -2.88 34.61
C CYS D 101 20.36 -2.48 33.36
N ALA D 102 21.63 -2.10 33.56
CA ALA D 102 22.51 -1.64 32.50
C ALA D 102 23.88 -1.34 33.07
N PHE D 103 24.86 -1.13 32.20
CA PHE D 103 26.11 -0.50 32.63
C PHE D 103 26.00 0.91 32.12
N LEU D 104 26.43 1.90 32.92
CA LEU D 104 26.09 3.31 32.67
C LEU D 104 27.21 4.38 32.57
N ALA D 105 28.46 4.01 32.75
CA ALA D 105 29.51 5.03 32.59
C ALA D 105 29.76 5.41 31.13
N VAL D 106 29.24 6.59 30.76
CA VAL D 106 29.43 7.11 29.40
C VAL D 106 30.88 6.99 28.93
N GLY D 107 31.82 7.30 29.81
CA GLY D 107 33.25 7.28 29.48
C GLY D 107 33.78 5.90 29.20
N GLU D 108 33.46 4.98 30.10
CA GLU D 108 33.81 3.59 29.95
C GLU D 108 33.27 3.02 28.61
N SER D 109 32.00 3.29 28.32
CA SER D 109 31.36 2.78 27.10
C SER D 109 32.18 3.08 25.86
N VAL D 110 32.75 4.27 25.77
CA VAL D 110 33.60 4.63 24.63
C VAL D 110 34.86 3.77 24.56
N ARG D 111 35.44 3.49 25.73
CA ARG D 111 36.70 2.76 25.85
C ARG D 111 36.52 1.26 25.66
N ASP D 112 35.29 0.78 25.86
CA ASP D 112 34.96 -0.66 25.84
C ASP D 112 33.48 -0.91 25.41
N PRO D 113 33.17 -0.75 24.11
CA PRO D 113 31.80 -0.85 23.62
C PRO D 113 31.16 -2.22 23.81
N LEU D 114 31.92 -3.29 23.59
CA LEU D 114 31.37 -4.63 23.63
C LEU D 114 30.79 -4.94 25.01
N LYS D 115 31.49 -4.52 26.07
CA LYS D 115 30.97 -4.67 27.42
C LYS D 115 29.56 -4.09 27.54
N TYR D 116 29.32 -2.96 26.88
CA TYR D 116 28.04 -2.28 26.97
C TYR D 116 27.01 -2.84 26.01
N TYR D 117 27.47 -3.30 24.86
CA TYR D 117 26.54 -3.79 23.88
C TYR D 117 26.03 -5.12 24.36
N ASP D 118 26.93 -5.94 24.90
CA ASP D 118 26.50 -7.23 25.46
C ASP D 118 25.40 -7.06 26.54
N ASN D 119 25.74 -6.34 27.61
CA ASN D 119 24.84 -6.16 28.74
C ASN D 119 23.63 -5.32 28.42
N ASN D 120 23.83 -4.12 27.91
CA ASN D 120 22.68 -3.30 27.61
C ASN D 120 21.84 -3.82 26.45
N VAL D 121 22.43 -4.41 25.41
CA VAL D 121 21.58 -4.79 24.27
C VAL D 121 21.07 -6.24 24.35
N VAL D 122 21.92 -7.16 24.77
CA VAL D 122 21.49 -8.51 25.02
C VAL D 122 20.47 -8.54 26.15
N GLY D 123 20.78 -7.82 27.23
CA GLY D 123 19.93 -7.74 28.42
C GLY D 123 18.47 -7.57 28.07
N ILE D 124 18.16 -6.50 27.34
CA ILE D 124 16.79 -6.23 26.96
C ILE D 124 16.19 -7.31 26.02
N LEU D 125 17.04 -7.91 25.19
CA LEU D 125 16.62 -8.97 24.27
C LEU D 125 16.08 -10.14 25.07
N ARG D 126 16.87 -10.60 26.04
CA ARG D 126 16.50 -11.69 26.93
C ARG D 126 15.19 -11.43 27.68
N LEU D 127 15.02 -10.22 28.21
CA LEU D 127 13.79 -9.84 28.89
C LEU D 127 12.63 -9.92 27.93
N LEU D 128 12.76 -9.25 26.80
CA LEU D 128 11.75 -9.32 25.76
C LEU D 128 11.48 -10.77 25.30
N GLN D 129 12.47 -11.65 25.44
CA GLN D 129 12.26 -13.06 25.14
C GLN D 129 11.41 -13.76 26.23
N ALA D 130 11.68 -13.50 27.50
CA ALA D 130 10.87 -14.08 28.57
C ALA D 130 9.46 -13.49 28.56
N MET D 131 9.33 -12.22 28.22
CA MET D 131 8.01 -11.61 28.20
C MET D 131 7.07 -12.26 27.18
N LEU D 132 7.63 -12.90 26.16
CA LEU D 132 6.82 -13.63 25.20
C LEU D 132 6.57 -15.03 25.70
N LEU D 133 7.61 -15.68 26.21
CA LEU D 133 7.55 -17.07 26.67
C LEU D 133 6.76 -17.25 27.97
N HIS D 134 6.33 -16.14 28.60
CA HIS D 134 5.45 -16.17 29.80
C HIS D 134 4.31 -15.17 29.63
N LYS D 135 3.98 -14.87 28.37
CA LYS D 135 2.95 -13.88 28.01
C LYS D 135 2.73 -12.72 28.99
N CYS D 136 3.82 -12.07 29.41
CA CYS D 136 3.74 -10.75 30.04
C CYS D 136 3.87 -9.72 28.92
N ASP D 137 3.08 -8.65 28.97
CA ASP D 137 2.87 -7.82 27.78
C ASP D 137 3.06 -6.32 28.02
N LYS D 138 3.63 -5.98 29.18
CA LYS D 138 3.88 -4.58 29.54
C LYS D 138 5.32 -4.31 30.04
N ILE D 139 6.01 -3.38 29.38
CA ILE D 139 7.38 -3.02 29.78
C ILE D 139 7.62 -1.53 30.01
N ILE D 140 8.16 -1.21 31.19
CA ILE D 140 8.77 0.11 31.49
C ILE D 140 10.31 0.03 31.38
N PHE D 141 10.87 0.80 30.44
CA PHE D 141 12.31 0.76 30.19
C PHE D 141 13.05 2.02 30.65
N SER D 142 14.18 1.84 31.32
CA SER D 142 15.06 2.96 31.66
C SER D 142 15.93 3.36 30.49
N SER D 143 15.55 4.44 29.81
CA SER D 143 16.36 5.00 28.74
C SER D 143 17.02 6.28 29.26
N SER D 144 17.57 7.08 28.34
CA SER D 144 18.50 8.16 28.72
C SER D 144 18.55 9.29 27.74
N ALA D 145 18.74 10.49 28.29
CA ALA D 145 19.09 11.68 27.51
C ALA D 145 20.26 11.43 26.57
N ALA D 146 21.06 10.39 26.82
CA ALA D 146 22.23 10.11 26.00
C ALA D 146 21.92 9.52 24.62
N ILE D 147 20.64 9.31 24.27
CA ILE D 147 20.29 8.87 22.92
C ILE D 147 20.36 10.03 21.92
N PHE D 148 20.17 11.27 22.41
CA PHE D 148 20.16 12.45 21.54
C PHE D 148 21.55 12.86 21.07
N GLY D 149 22.55 12.82 21.94
CA GLY D 149 23.88 13.33 21.60
C GLY D 149 23.70 14.81 21.35
N ASN D 150 24.36 15.35 20.34
CA ASN D 150 24.25 16.78 20.02
C ASN D 150 23.12 17.09 19.00
N PRO D 151 22.76 18.39 18.82
CA PRO D 151 21.90 18.83 17.67
C PRO D 151 22.55 18.60 16.28
N THR D 152 21.88 19.02 15.20
CA THR D 152 22.45 18.89 13.83
C THR D 152 22.65 20.23 13.10
N ASN D 159 22.15 29.60 20.76
CA ASN D 159 20.76 29.16 20.81
C ASN D 159 20.63 27.62 20.91
N ALA D 160 20.14 27.16 22.07
CA ALA D 160 20.02 25.74 22.39
C ALA D 160 18.90 25.61 23.42
N GLU D 161 17.92 24.75 23.13
CA GLU D 161 16.66 24.70 23.88
C GLU D 161 16.44 23.37 24.59
N PRO D 162 15.50 23.33 25.57
CA PRO D 162 15.15 22.02 26.16
C PRO D 162 14.75 21.01 25.08
N ILE D 163 15.27 19.78 25.20
CA ILE D 163 15.13 18.76 24.15
C ILE D 163 13.80 18.02 24.21
N ASP D 164 13.13 17.98 23.06
CA ASP D 164 11.82 17.38 22.93
C ASP D 164 11.95 15.90 22.59
N ILE D 165 10.91 15.12 22.88
CA ILE D 165 10.98 13.64 22.70
C ILE D 165 11.42 13.18 21.31
N ASN D 166 10.93 13.84 20.27
CA ASN D 166 11.25 13.44 18.90
C ASN D 166 12.47 14.09 18.31
N ALA D 167 13.30 14.75 19.12
CA ALA D 167 14.55 15.34 18.63
C ALA D 167 15.42 14.27 17.94
N LYS D 168 16.07 14.66 16.84
CA LYS D 168 16.87 13.72 16.04
C LYS D 168 17.98 13.11 16.87
N LYS D 169 17.83 11.82 17.18
CA LYS D 169 18.74 11.13 18.08
C LYS D 169 20.11 10.87 17.40
N SER D 170 21.19 11.35 17.99
CA SER D 170 22.49 11.21 17.33
C SER D 170 23.56 10.83 18.37
N PRO D 171 23.51 9.57 18.86
CA PRO D 171 24.27 9.18 20.05
C PRO D 171 25.76 9.52 19.99
N GLU D 172 26.27 9.97 21.12
CA GLU D 172 27.65 10.41 21.19
C GLU D 172 28.49 9.34 21.90
N SER D 173 27.86 8.28 22.37
CA SER D 173 28.58 7.22 23.05
C SER D 173 27.93 5.87 22.76
N PRO D 174 28.71 4.77 22.87
CA PRO D 174 28.15 3.42 22.80
C PRO D 174 26.99 3.23 23.80
N TYR D 175 27.13 3.79 25.00
CA TYR D 175 26.06 3.75 25.98
C TYR D 175 24.77 4.33 25.39
N GLY D 176 24.89 5.50 24.77
CA GLY D 176 23.79 6.12 24.05
C GLY D 176 23.21 5.21 22.98
N GLU D 177 24.09 4.57 22.20
CA GLU D 177 23.66 3.68 21.12
C GLU D 177 22.83 2.59 21.72
N SER D 178 23.34 2.01 22.81
CA SER D 178 22.76 0.82 23.37
C SER D 178 21.36 1.08 23.94
N LYS D 179 21.08 2.31 24.34
CA LYS D 179 19.77 2.67 24.84
C LYS D 179 18.80 2.85 23.66
N LEU D 180 19.30 3.49 22.61
CA LEU D 180 18.53 3.76 21.42
C LEU D 180 18.12 2.48 20.68
N ILE D 181 19.07 1.60 20.43
CA ILE D 181 18.80 0.30 19.85
C ILE D 181 17.67 -0.41 20.63
N ALA D 182 17.85 -0.55 21.95
CA ALA D 182 16.84 -1.04 22.85
C ALA D 182 15.46 -0.45 22.58
N GLU D 183 15.38 0.87 22.43
CA GLU D 183 14.10 1.52 22.18
C GLU D 183 13.53 1.00 20.88
N ARG D 184 14.38 0.86 19.84
CA ARG D 184 13.89 0.37 18.54
C ARG D 184 13.39 -1.06 18.67
N MET D 185 14.09 -1.88 19.45
CA MET D 185 13.67 -3.24 19.69
C MET D 185 12.28 -3.29 20.29
N ILE D 186 12.02 -2.36 21.20
CA ILE D 186 10.76 -2.31 21.90
C ILE D 186 9.64 -1.77 20.99
N ARG D 187 9.92 -0.74 20.20
CA ARG D 187 8.90 -0.28 19.24
C ARG D 187 8.44 -1.44 18.36
N ASP D 188 9.40 -2.31 18.03
CA ASP D 188 9.17 -3.40 17.08
C ASP D 188 8.45 -4.55 17.74
N CYS D 189 8.60 -4.68 19.06
CA CYS D 189 7.89 -5.73 19.78
C CYS D 189 6.46 -5.34 20.04
N ALA D 190 6.21 -4.04 20.15
CA ALA D 190 4.86 -3.52 20.18
C ALA D 190 4.18 -3.95 18.88
N GLU D 191 4.72 -3.43 17.77
CA GLU D 191 4.23 -3.63 16.40
C GLU D 191 3.89 -5.06 16.04
N ALA D 192 4.67 -6.00 16.57
CA ALA D 192 4.61 -7.38 16.12
C ALA D 192 4.12 -8.40 17.15
N TYR D 193 4.20 -8.08 18.44
CA TYR D 193 3.66 -9.04 19.41
C TYR D 193 2.60 -8.46 20.34
N GLY D 194 2.26 -7.19 20.16
CA GLY D 194 1.35 -6.49 21.05
C GLY D 194 1.88 -6.33 22.47
N ILE D 195 3.14 -5.92 22.57
CA ILE D 195 3.74 -5.61 23.86
C ILE D 195 3.60 -4.10 24.09
N LYS D 196 3.16 -3.72 25.29
CA LYS D 196 3.01 -2.31 25.63
C LYS D 196 4.32 -1.81 26.18
N GLY D 197 4.82 -0.75 25.55
CA GLY D 197 6.13 -0.25 25.85
C GLY D 197 6.21 1.22 26.15
N ILE D 198 6.75 1.53 27.33
CA ILE D 198 7.20 2.89 27.65
C ILE D 198 8.71 2.95 27.92
N CYS D 199 9.36 3.76 27.09
CA CYS D 199 10.72 4.18 27.32
C CYS D 199 10.73 5.56 27.96
N LEU D 200 11.36 5.63 29.12
CA LEU D 200 11.52 6.86 29.83
C LEU D 200 12.95 7.32 29.73
N ARG D 201 13.19 8.38 28.96
CA ARG D 201 14.50 9.01 28.89
C ARG D 201 14.81 9.80 30.16
N TYR D 202 15.39 9.16 31.18
CA TYR D 202 15.86 9.93 32.34
C TYR D 202 16.97 10.83 31.85
N PHE D 203 17.06 12.03 32.42
CA PHE D 203 18.19 12.91 32.16
C PHE D 203 19.27 12.64 33.21
N ASN D 204 19.78 13.67 33.89
CA ASN D 204 20.78 13.40 34.91
C ASN D 204 20.21 13.13 36.31
N ALA D 205 19.98 11.85 36.61
CA ALA D 205 19.46 11.43 37.92
C ALA D 205 20.27 12.03 39.07
N CYS D 206 19.58 12.82 39.89
CA CYS D 206 20.19 13.32 41.11
C CYS D 206 19.38 13.00 42.38
N GLY D 207 19.91 13.46 43.51
CA GLY D 207 19.19 13.48 44.77
C GLY D 207 19.25 12.19 45.55
N ALA D 208 18.59 12.20 46.69
CA ALA D 208 18.39 11.01 47.51
C ALA D 208 17.07 11.17 48.22
N HIS D 209 16.55 10.06 48.72
CA HIS D 209 15.28 10.08 49.41
C HIS D 209 15.37 10.86 50.71
N GLU D 210 14.31 11.59 51.01
CA GLU D 210 14.24 12.46 52.18
C GLU D 210 14.78 11.85 53.49
N ASP D 211 14.56 10.56 53.69
CA ASP D 211 15.00 9.88 54.94
C ASP D 211 16.53 9.76 55.04
N GLY D 212 17.24 10.08 53.96
CA GLY D 212 18.70 10.05 53.96
C GLY D 212 19.37 8.69 54.19
N ASP D 213 18.68 7.60 53.86
CA ASP D 213 19.23 6.26 54.13
C ASP D 213 19.60 5.46 52.88
N ILE D 214 19.10 5.90 51.73
CA ILE D 214 19.51 5.31 50.45
C ILE D 214 19.99 6.39 49.45
N GLY D 215 20.99 6.05 48.64
CA GLY D 215 21.44 6.92 47.55
C GLY D 215 22.73 6.45 46.94
N GLU D 216 23.22 7.18 45.94
CA GLU D 216 24.48 6.86 45.28
C GLU D 216 25.69 7.30 46.13
N HIS D 217 26.42 6.34 46.72
CA HIS D 217 27.61 6.66 47.50
C HIS D 217 28.73 7.15 46.60
N TYR D 218 29.69 7.86 47.13
CA TYR D 218 30.72 8.41 46.26
C TYR D 218 31.84 7.45 45.87
N GLN D 219 32.13 6.46 46.71
CA GLN D 219 33.27 5.56 46.46
CA GLN D 219 33.27 5.58 46.43
C GLN D 219 33.08 4.66 45.24
N GLY D 220 33.79 4.98 44.17
CA GLY D 220 33.69 4.26 42.93
C GLY D 220 32.73 4.89 41.94
N SER D 221 32.14 6.04 42.27
CA SER D 221 31.13 6.64 41.41
C SER D 221 31.77 7.35 40.23
N THR D 222 31.02 7.47 39.13
CA THR D 222 31.55 8.11 37.94
C THR D 222 30.79 9.40 37.67
N HIS D 223 29.88 9.75 38.58
CA HIS D 223 28.99 10.89 38.36
C HIS D 223 29.39 12.13 39.16
N LEU D 224 29.21 13.30 38.54
CA LEU D 224 29.57 14.59 39.10
C LEU D 224 29.25 14.83 40.60
N ILE D 225 27.96 14.87 40.94
CA ILE D 225 27.58 15.22 42.28
C ILE D 225 28.07 14.21 43.31
N PRO D 226 27.93 12.90 43.04
CA PRO D 226 28.63 12.00 43.95
C PRO D 226 30.13 12.30 44.03
N ILE D 227 30.80 12.44 42.89
CA ILE D 227 32.21 12.76 42.94
C ILE D 227 32.43 13.98 43.83
N ILE D 228 31.69 15.07 43.59
CA ILE D 228 31.93 16.33 44.31
C ILE D 228 31.84 16.18 45.82
N LEU D 229 30.65 15.86 46.34
CA LEU D 229 30.45 15.61 47.76
C LEU D 229 31.50 14.63 48.27
N GLY D 230 31.99 13.76 47.40
CA GLY D 230 33.05 12.83 47.76
C GLY D 230 34.31 13.56 48.16
N ARG D 231 34.61 14.64 47.43
CA ARG D 231 35.78 15.49 47.68
C ARG D 231 35.75 16.12 49.07
N VAL D 232 34.58 16.61 49.47
CA VAL D 232 34.36 17.13 50.80
C VAL D 232 34.54 16.00 51.83
N MET D 233 33.89 14.86 51.59
CA MET D 233 34.05 13.68 52.46
C MET D 233 35.53 13.33 52.64
N SER D 234 36.26 13.27 51.53
CA SER D 234 37.68 12.93 51.48
C SER D 234 38.54 13.84 52.35
N ASP D 235 37.94 14.91 52.84
CA ASP D 235 38.70 16.01 53.39
C ASP D 235 38.19 16.33 54.79
N ILE D 236 36.90 16.12 55.01
CA ILE D 236 36.30 16.35 56.32
C ILE D 236 35.95 15.04 57.04
N ALA D 237 36.17 13.90 56.36
CA ALA D 237 35.87 12.56 56.90
C ALA D 237 36.86 11.50 56.43
N ASP D 251 46.11 15.75 42.34
CA ASP D 251 45.46 16.77 43.16
C ASP D 251 44.27 16.12 43.82
N LYS D 252 43.93 16.55 45.03
CA LYS D 252 42.62 16.23 45.61
C LYS D 252 41.58 17.18 45.04
N ARG D 253 41.99 17.96 44.06
CA ARG D 253 41.14 18.97 43.48
C ARG D 253 40.05 18.31 42.65
N MET D 254 38.83 18.86 42.74
CA MET D 254 37.70 18.39 41.96
C MET D 254 37.88 18.70 40.47
N PRO D 255 38.02 17.67 39.61
CA PRO D 255 38.28 17.93 38.19
C PRO D 255 37.03 18.42 37.42
N ILE D 256 37.23 19.19 36.35
CA ILE D 256 36.13 19.64 35.49
C ILE D 256 36.48 19.21 34.08
N PHE D 257 35.67 18.32 33.51
CA PHE D 257 36.04 17.69 32.25
C PHE D 257 35.73 18.58 31.05
N GLY D 258 36.71 19.37 30.65
CA GLY D 258 36.60 20.15 29.43
C GLY D 258 35.92 21.47 29.68
N THR D 259 36.52 22.52 29.12
CA THR D 259 36.08 23.88 29.33
C THR D 259 35.77 24.63 28.01
N ASP D 260 35.89 23.92 26.89
CA ASP D 260 35.78 24.48 25.55
C ASP D 260 34.52 23.98 24.78
N TYR D 261 33.52 23.53 25.54
CA TYR D 261 32.27 23.12 24.96
C TYR D 261 31.55 24.40 24.59
N PRO D 262 30.77 24.39 23.50
CA PRO D 262 29.95 25.55 23.10
C PRO D 262 28.75 25.80 24.01
N THR D 263 29.00 26.33 25.21
CA THR D 263 27.90 26.63 26.18
C THR D 263 28.24 27.94 26.89
N PRO D 264 27.25 28.65 27.49
CA PRO D 264 27.69 29.98 27.96
C PRO D 264 29.03 29.97 28.70
N ASP D 265 29.28 29.00 29.58
CA ASP D 265 30.52 29.01 30.35
C ASP D 265 31.54 28.00 29.89
N GLY D 266 31.29 27.36 28.75
CA GLY D 266 32.16 26.31 28.25
C GLY D 266 32.09 24.93 28.91
N THR D 267 31.27 24.77 29.95
CA THR D 267 31.17 23.45 30.61
C THR D 267 29.82 22.81 30.29
N CYS D 268 29.78 21.47 30.30
CA CYS D 268 28.58 20.74 29.94
C CYS D 268 27.38 21.21 30.74
N VAL D 269 26.29 21.44 30.05
CA VAL D 269 25.04 21.74 30.72
C VAL D 269 24.19 20.49 30.81
N ARG D 270 23.73 20.16 32.01
CA ARG D 270 22.85 19.01 32.19
C ARG D 270 21.60 19.39 33.00
N ASP D 271 20.63 18.49 33.00
CA ASP D 271 19.36 18.68 33.68
C ASP D 271 19.29 17.68 34.86
N TYR D 272 19.49 18.17 36.08
CA TYR D 272 19.55 17.28 37.25
C TYR D 272 18.19 16.97 37.86
N VAL D 273 17.81 15.70 37.85
CA VAL D 273 16.44 15.33 38.20
C VAL D 273 16.41 14.31 39.36
N HIS D 274 15.64 14.64 40.39
CA HIS D 274 15.58 13.85 41.62
C HIS D 274 14.98 12.44 41.45
N VAL D 275 15.74 11.44 41.88
CA VAL D 275 15.30 10.02 41.84
C VAL D 275 13.84 9.77 42.23
N CYS D 276 13.37 10.50 43.24
CA CYS D 276 11.97 10.43 43.66
C CYS D 276 10.96 10.95 42.62
N ASP D 277 11.34 11.98 41.85
CA ASP D 277 10.48 12.49 40.78
C ASP D 277 10.44 11.51 39.61
N LEU D 278 11.55 10.82 39.41
CA LEU D 278 11.63 9.73 38.45
C LEU D 278 10.81 8.54 38.92
N ALA D 279 10.91 8.21 40.21
CA ALA D 279 10.21 7.05 40.78
C ALA D 279 8.75 7.16 40.43
N SER D 280 8.16 8.29 40.79
CA SER D 280 6.74 8.50 40.60
C SER D 280 6.40 8.48 39.13
N ALA D 281 7.28 9.01 38.27
CA ALA D 281 7.06 8.96 36.81
C ALA D 281 6.82 7.53 36.29
N HIS D 282 7.47 6.54 36.88
CA HIS D 282 7.27 5.12 36.56
C HIS D 282 5.89 4.62 36.98
N ILE D 283 5.47 4.97 38.19
CA ILE D 283 4.17 4.56 38.68
C ILE D 283 3.12 5.03 37.67
N LEU D 284 3.21 6.30 37.29
CA LEU D 284 2.33 6.88 36.27
C LEU D 284 2.39 6.09 34.97
N ALA D 285 3.55 5.55 34.66
CA ALA D 285 3.75 4.79 33.43
C ALA D 285 3.10 3.41 33.53
N LEU D 286 3.35 2.73 34.65
CA LEU D 286 2.61 1.51 34.97
C LEU D 286 1.11 1.73 34.77
N ASP D 287 0.54 2.71 35.45
CA ASP D 287 -0.90 2.98 35.35
CA ASP D 287 -0.90 2.98 35.35
C ASP D 287 -1.36 3.27 33.91
N TYR D 288 -0.46 3.81 33.09
CA TYR D 288 -0.83 4.15 31.71
C TYR D 288 -1.00 2.94 30.78
N VAL D 289 -0.09 1.97 30.92
CA VAL D 289 -0.09 0.80 30.03
C VAL D 289 -1.15 -0.22 30.45
N GLU D 290 -1.39 -0.33 31.76
CA GLU D 290 -2.44 -1.22 32.31
C GLU D 290 -3.84 -0.76 31.90
N LYS D 291 -3.94 0.45 31.38
CA LYS D 291 -5.20 0.95 30.87
C LYS D 291 -5.27 0.88 29.35
N LEU D 292 -4.21 0.38 28.72
CA LEU D 292 -4.21 0.22 27.28
C LEU D 292 -4.97 -1.04 26.88
N GLY D 293 -5.88 -0.90 25.92
CA GLY D 293 -6.71 -2.00 25.45
C GLY D 293 -6.59 -2.22 23.95
N PRO D 294 -7.08 -3.39 23.45
CA PRO D 294 -6.98 -3.75 22.02
C PRO D 294 -7.58 -2.71 21.03
N ASN D 295 -8.09 -1.61 21.56
CA ASN D 295 -8.47 -0.45 20.77
C ASN D 295 -7.30 0.46 20.40
N ASP D 296 -6.29 0.51 21.27
CA ASP D 296 -5.26 1.55 21.17
C ASP D 296 -3.88 1.00 20.79
N LYS D 297 -3.86 0.16 19.77
CA LYS D 297 -2.61 -0.31 19.18
C LYS D 297 -1.70 0.87 18.80
N SER D 298 -2.28 1.99 18.38
CA SER D 298 -1.47 3.14 17.97
C SER D 298 -0.85 3.86 19.16
N LYS D 299 -1.08 3.32 20.36
CA LYS D 299 -0.52 3.86 21.59
C LYS D 299 0.22 2.79 22.39
N TYR D 300 0.55 1.68 21.73
CA TYR D 300 1.25 0.59 22.39
C TYR D 300 2.72 0.94 22.70
N PHE D 301 3.31 1.76 21.85
CA PHE D 301 4.66 2.24 22.12
C PHE D 301 4.72 3.75 22.21
N SER D 302 5.13 4.25 23.38
CA SER D 302 5.38 5.68 23.58
C SER D 302 6.67 5.99 24.36
N VAL D 303 7.12 7.24 24.24
CA VAL D 303 8.36 7.71 24.86
C VAL D 303 8.18 9.01 25.69
N PHE D 304 8.96 9.14 26.76
CA PHE D 304 8.96 10.37 27.57
C PHE D 304 10.37 10.81 27.99
N ASN D 305 10.62 12.10 27.86
CA ASN D 305 11.81 12.71 28.43
C ASN D 305 11.50 13.16 29.86
N LEU D 306 12.34 12.77 30.81
CA LEU D 306 12.13 13.16 32.19
C LEU D 306 13.23 14.09 32.70
N GLY D 307 12.91 15.38 32.70
CA GLY D 307 13.81 16.40 33.26
C GLY D 307 13.07 17.47 34.07
N THR D 308 13.85 18.40 34.62
CA THR D 308 13.33 19.54 35.37
C THR D 308 13.15 20.70 34.43
N SER D 309 13.75 20.59 33.24
CA SER D 309 13.65 21.59 32.18
C SER D 309 14.50 22.84 32.41
N ARG D 310 15.25 22.86 33.49
CA ARG D 310 16.27 23.87 33.61
C ARG D 310 17.59 23.17 33.78
N GLY D 311 18.60 23.72 33.11
CA GLY D 311 19.92 23.10 33.09
C GLY D 311 20.92 23.86 33.93
N TYR D 312 21.99 23.16 34.31
CA TYR D 312 23.07 23.71 35.14
C TYR D 312 24.39 23.30 34.56
N SER D 313 25.28 24.24 34.32
CA SER D 313 26.61 23.86 33.86
C SER D 313 27.30 23.17 35.02
N VAL D 314 28.33 22.39 34.70
CA VAL D 314 29.25 21.85 35.70
C VAL D 314 29.73 22.91 36.70
N ARG D 315 30.23 24.06 36.23
CA ARG D 315 30.68 25.10 37.19
C ARG D 315 29.55 25.43 38.16
N GLU D 316 28.38 25.72 37.59
CA GLU D 316 27.19 26.01 38.37
C GLU D 316 26.85 24.92 39.43
N VAL D 317 27.05 23.65 39.07
CA VAL D 317 26.85 22.57 40.03
C VAL D 317 27.81 22.75 41.20
N ILE D 318 29.09 22.99 40.90
CA ILE D 318 30.08 23.16 41.96
C ILE D 318 29.66 24.32 42.91
N GLU D 319 29.16 25.42 42.34
CA GLU D 319 28.61 26.54 43.16
C GLU D 319 27.57 26.07 44.17
N VAL D 320 26.65 25.25 43.69
CA VAL D 320 25.58 24.75 44.53
C VAL D 320 26.12 23.77 45.55
N ALA D 321 27.00 22.87 45.12
CA ALA D 321 27.70 22.00 46.06
C ALA D 321 28.38 22.87 47.10
N ARG D 322 29.14 23.87 46.67
CA ARG D 322 29.83 24.80 47.58
C ARG D 322 28.92 25.44 48.63
N LYS D 323 27.74 25.90 48.20
CA LYS D 323 26.79 26.49 49.13
C LYS D 323 26.25 25.46 50.12
N THR D 324 25.83 24.30 49.61
CA THR D 324 25.26 23.24 50.45
C THR D 324 26.28 22.75 51.48
N THR D 325 27.50 22.42 51.04
CA THR D 325 28.49 21.86 51.96
C THR D 325 29.07 22.92 52.87
N GLY D 326 29.40 24.07 52.29
CA GLY D 326 30.03 25.14 53.03
C GLY D 326 31.51 24.96 52.97
N HIS D 327 31.94 24.02 52.13
CA HIS D 327 33.32 23.63 51.92
C HIS D 327 33.81 24.29 50.63
N PRO D 328 35.10 24.72 50.54
CA PRO D 328 35.62 25.45 49.37
C PRO D 328 35.49 24.71 48.06
N ILE D 329 35.72 23.40 48.12
CA ILE D 329 35.79 22.54 46.95
C ILE D 329 36.77 23.10 45.93
N PRO D 330 38.08 23.01 46.25
CA PRO D 330 39.13 23.42 45.31
C PRO D 330 39.01 22.64 44.01
N VAL D 331 39.21 23.32 42.89
CA VAL D 331 38.91 22.74 41.57
C VAL D 331 40.15 22.58 40.69
N ARG D 332 40.08 21.64 39.74
CA ARG D 332 41.10 21.52 38.66
C ARG D 332 40.44 21.40 37.29
N GLU D 333 40.92 22.17 36.30
CA GLU D 333 40.38 22.12 34.93
C GLU D 333 41.14 21.18 34.00
N CYS D 334 40.42 20.21 33.45
CA CYS D 334 40.98 19.16 32.61
C CYS D 334 40.38 19.18 31.20
N GLY D 335 40.64 18.11 30.46
CA GLY D 335 40.15 17.97 29.10
C GLY D 335 38.84 17.20 29.05
N ARG D 336 38.23 17.22 27.86
CA ARG D 336 36.95 16.57 27.64
C ARG D 336 36.99 15.09 28.01
N ARG D 337 35.87 14.58 28.47
CA ARG D 337 35.72 13.15 28.65
C ARG D 337 34.98 12.71 27.41
N GLU D 338 35.64 11.93 26.55
CA GLU D 338 34.98 11.46 25.33
CA GLU D 338 35.02 11.31 25.35
C GLU D 338 33.57 10.84 25.60
N GLY D 339 32.62 11.14 24.71
CA GLY D 339 31.25 10.67 24.88
C GLY D 339 30.26 11.69 25.40
N ASP D 340 30.75 12.89 25.72
CA ASP D 340 29.95 13.96 26.35
C ASP D 340 29.37 14.95 25.32
N PRO D 341 28.01 15.04 25.22
CA PRO D 341 27.40 16.15 24.50
C PRO D 341 27.49 17.43 25.29
N ALA D 342 27.36 18.56 24.62
CA ALA D 342 27.46 19.87 25.26
C ALA D 342 26.27 20.15 26.19
N TYR D 343 25.07 19.81 25.71
CA TYR D 343 23.85 20.30 26.29
C TYR D 343 22.84 19.16 26.30
N LEU D 344 22.17 18.96 27.42
CA LEU D 344 21.15 17.92 27.60
C LEU D 344 20.17 18.34 28.70
N VAL D 345 19.13 19.06 28.29
CA VAL D 345 18.07 19.53 29.17
C VAL D 345 16.75 19.00 28.59
N ALA D 346 15.79 18.67 29.44
CA ALA D 346 14.59 17.97 28.97
C ALA D 346 13.37 18.87 28.86
N ALA D 347 12.79 18.98 27.66
CA ALA D 347 11.40 19.43 27.51
C ALA D 347 10.50 18.28 27.94
N SER D 348 9.66 18.50 28.94
CA SER D 348 8.89 17.41 29.52
C SER D 348 7.39 17.62 29.34
N ASP D 349 7.06 18.34 28.26
CA ASP D 349 5.68 18.74 27.96
C ASP D 349 4.75 17.54 27.99
N LYS D 350 4.95 16.57 27.10
CA LYS D 350 4.07 15.39 27.06
C LYS D 350 4.25 14.40 28.21
N ALA D 351 5.27 14.57 29.04
CA ALA D 351 5.33 13.76 30.25
C ALA D 351 4.32 14.30 31.27
N ARG D 352 4.32 15.62 31.44
CA ARG D 352 3.33 16.29 32.28
C ARG D 352 1.94 16.14 31.68
N GLU D 353 1.81 16.50 30.40
CA GLU D 353 0.52 16.48 29.71
C GLU D 353 -0.15 15.09 29.71
N VAL D 354 0.52 14.09 29.15
CA VAL D 354 -0.06 12.77 28.96
C VAL D 354 -0.05 11.93 30.25
N LEU D 355 1.09 11.81 30.91
CA LEU D 355 1.17 10.98 32.13
C LEU D 355 0.62 11.67 33.38
N GLY D 356 0.39 12.98 33.29
CA GLY D 356 0.12 13.83 34.46
C GLY D 356 1.28 13.84 35.45
N TRP D 357 2.44 14.29 34.99
CA TRP D 357 3.66 14.20 35.80
C TRP D 357 3.94 15.52 36.53
N LYS D 358 3.98 15.46 37.86
CA LYS D 358 4.27 16.62 38.71
C LYS D 358 5.55 16.40 39.48
N PRO D 359 6.68 16.89 38.95
CA PRO D 359 7.97 16.76 39.64
C PRO D 359 8.05 17.68 40.88
N LYS D 360 8.11 17.09 42.06
CA LYS D 360 8.18 17.83 43.32
C LYS D 360 9.45 18.66 43.53
N TYR D 361 10.54 18.31 42.86
CA TYR D 361 11.80 19.05 43.00
C TYR D 361 12.03 19.90 41.77
N ASP D 362 12.54 21.11 41.96
CA ASP D 362 12.63 22.06 40.85
C ASP D 362 14.04 22.63 40.63
N THR D 363 14.62 23.16 41.70
CA THR D 363 15.96 23.72 41.64
C THR D 363 16.97 22.68 42.13
N LEU D 364 18.23 22.86 41.76
CA LEU D 364 19.27 21.95 42.18
C LEU D 364 19.54 22.09 43.68
N GLU D 365 19.26 23.28 44.23
CA GLU D 365 19.51 23.57 45.65
C GLU D 365 18.83 22.54 46.53
N ALA D 366 17.50 22.45 46.40
CA ALA D 366 16.68 21.53 47.14
C ALA D 366 17.16 20.10 46.95
N ILE D 367 17.47 19.72 45.70
CA ILE D 367 18.02 18.39 45.35
C ILE D 367 19.35 18.06 46.02
N MET D 368 20.33 18.93 45.83
CA MET D 368 21.65 18.80 46.45
C MET D 368 21.58 18.57 47.96
N GLU D 369 20.62 19.22 48.59
CA GLU D 369 20.39 19.08 50.01
C GLU D 369 20.15 17.61 50.35
N THR D 370 19.26 16.96 49.61
CA THR D 370 18.95 15.55 49.84
C THR D 370 20.17 14.66 49.55
N SER D 371 20.85 14.94 48.45
CA SER D 371 22.12 14.31 48.13
C SER D 371 23.12 14.35 49.29
N TRP D 372 23.32 15.54 49.84
CA TRP D 372 24.28 15.75 50.91
C TRP D 372 23.82 15.14 52.23
N LYS D 373 22.53 15.23 52.53
CA LYS D 373 22.01 14.63 53.77
C LYS D 373 22.38 13.15 53.81
N PHE D 374 22.13 12.46 52.70
CA PHE D 374 22.57 11.09 52.55
C PHE D 374 24.10 10.97 52.75
N GLN D 375 24.84 11.72 51.96
CA GLN D 375 26.25 11.44 51.82
C GLN D 375 27.03 11.68 53.10
N ARG D 376 26.76 12.78 53.81
CA ARG D 376 27.49 13.07 55.04
C ARG D 376 27.21 12.04 56.14
N THR D 377 26.01 11.48 56.18
CA THR D 377 25.65 10.48 57.19
C THR D 377 26.09 9.07 56.83
N HIS D 378 26.87 8.96 55.75
CA HIS D 378 27.40 7.67 55.30
C HIS D 378 28.89 7.77 54.92
N PRO D 379 29.77 7.99 55.91
CA PRO D 379 31.20 8.11 55.58
C PRO D 379 31.79 6.88 54.85
N ASN D 380 31.04 5.78 54.86
CA ASN D 380 31.52 4.48 54.40
C ASN D 380 30.60 3.74 53.41
N GLY D 381 29.61 4.44 52.86
CA GLY D 381 28.58 3.81 52.02
C GLY D 381 27.55 3.10 52.87
N TYR D 382 27.09 1.95 52.42
CA TYR D 382 26.28 1.04 53.26
C TYR D 382 27.18 0.03 54.01
N ALA D 383 28.38 -0.20 53.46
CA ALA D 383 29.40 -1.08 54.07
C ALA D 383 30.08 -0.43 55.26
N1 UFG E . -16.81 -23.59 -16.37
C2 UFG E . -15.94 -24.70 -16.41
N3 UFG E . -15.91 -25.49 -17.56
C4 UFG E . -16.73 -25.19 -18.67
C5 UFG E . -17.60 -24.08 -18.64
C6 UFG E . -17.63 -23.29 -17.50
O2 UFG E . -15.21 -25.01 -15.46
O4 UFG E . -16.65 -25.91 -19.66
C1D UFG E . -16.85 -22.77 -15.13
C2D UFG E . -16.71 -21.26 -15.14
O2D UFG E . -15.36 -20.86 -15.34
C3D UFG E . -17.13 -21.01 -13.71
C4D UFG E . -18.41 -21.88 -13.61
O4' UFG E . -18.19 -22.96 -14.54
O3D UFG E . -16.10 -21.57 -12.89
C5D UFG E . -19.78 -21.28 -14.02
O5D UFG E . -19.69 -20.70 -15.28
PA UFG E . -20.95 -20.02 -16.11
O1A UFG E . -20.45 -19.41 -17.37
O2A UFG E . -22.11 -20.97 -16.16
O3A UFG E . -21.54 -18.84 -15.16
PB UFG E . -20.70 -17.70 -14.51
O1B UFG E . -20.31 -18.12 -13.14
O2B UFG E . -19.69 -17.18 -15.48
O3B UFG E . -21.84 -16.64 -14.39
C1' UFG E . -21.67 -15.26 -14.65
C2' UFG E . -22.31 -14.51 -13.48
C3' UFG E . -23.86 -14.75 -13.41
C4' UFG E . -24.53 -14.56 -14.78
C5' UFG E . -23.78 -15.27 -15.93
C6' UFG E . -24.36 -14.72 -17.23
O2' UFG E . -21.71 -14.94 -12.27
O3' UFG E . -24.51 -13.91 -12.45
O5' UFG E . -22.33 -15.08 -15.93
O6' UFG E . -23.84 -15.46 -18.34
F4' UFG E . -24.62 -13.21 -15.05
PA NAD F . -30.50 -15.04 -23.28
O1A NAD F . -29.59 -14.73 -24.41
O2A NAD F . -31.17 -16.37 -23.34
O5B NAD F . -31.70 -13.97 -23.34
C5B NAD F . -31.49 -12.60 -23.52
C4B NAD F . -32.37 -12.21 -24.68
O4B NAD F . -32.06 -10.89 -25.04
C3B NAD F . -32.12 -13.06 -25.91
O3B NAD F . -33.36 -13.58 -26.29
C2B NAD F . -31.57 -12.10 -26.97
O2B NAD F . -32.08 -12.31 -28.26
C1B NAD F . -32.09 -10.79 -26.45
N9A NAD F . -31.30 -9.61 -26.83
C8A NAD F . -29.97 -9.37 -26.68
N7A NAD F . -29.71 -8.14 -27.17
C5A NAD F . -30.88 -7.58 -27.59
C6A NAD F . -31.19 -6.34 -28.16
N6A NAD F . -30.29 -5.34 -28.12
N1A NAD F . -32.50 -6.07 -28.50
C2A NAD F . -33.49 -7.02 -28.27
N3A NAD F . -33.16 -8.24 -27.72
C4A NAD F . -31.88 -8.51 -27.39
O3 NAD F . -29.83 -14.83 -21.82
PN NAD F . -30.60 -15.23 -20.45
O1N NAD F . -29.79 -16.25 -19.73
O2N NAD F . -32.04 -15.44 -20.71
O5D NAD F . -30.55 -13.93 -19.48
C5D NAD F . -31.31 -12.78 -19.72
C4D NAD F . -30.82 -11.62 -18.84
O4D NAD F . -30.43 -11.97 -17.53
C3D NAD F . -29.61 -10.96 -19.46
O3D NAD F . -29.88 -9.60 -19.28
C2D NAD F . -28.43 -11.42 -18.62
O2D NAD F . -27.42 -10.45 -18.54
C1D NAD F . -29.09 -11.58 -17.27
N1N NAD F . -28.51 -12.61 -16.40
C2N NAD F . -28.52 -13.93 -16.76
C3N NAD F . -28.03 -14.90 -15.90
C7N NAD F . -27.69 -16.26 -16.42
O7N NAD F . -26.96 -17.11 -15.58
N7N NAD F . -28.05 -16.60 -17.66
C4N NAD F . -27.54 -14.53 -14.67
C5N NAD F . -27.53 -13.18 -14.31
C6N NAD F . -28.03 -12.21 -15.19
N1 UFG G . -20.86 28.11 -7.37
C2 UFG G . -21.59 29.08 -6.65
N3 UFG G . -22.38 29.97 -7.37
C4 UFG G . -22.46 29.88 -8.76
C5 UFG G . -21.75 28.93 -9.45
C6 UFG G . -20.95 28.04 -8.76
O2 UFG G . -21.54 29.16 -5.42
O4 UFG G . -23.18 30.66 -9.38
C1D UFG G . -20.00 27.13 -6.66
C2D UFG G . -20.45 25.70 -6.99
O2D UFG G . -21.57 25.29 -6.20
C3D UFG G . -19.20 24.92 -6.60
C4D UFG G . -18.07 25.87 -7.04
O4' UFG G . -18.67 27.19 -7.19
O3D UFG G . -19.14 24.73 -5.17
C5D UFG G . -17.56 25.54 -8.44
O5D UFG G . -18.65 25.48 -9.35
PA UFG G . -18.47 25.19 -10.91
O1A UFG G . -19.71 24.56 -11.45
O2A UFG G . -17.97 26.40 -11.56
O3A UFG G . -17.25 24.09 -10.93
PB UFG G . -17.41 22.61 -10.34
O1B UFG G . -16.55 22.50 -9.13
O2B UFG G . -18.84 22.18 -10.27
O3B UFG G . -16.70 21.80 -11.46
C1' UFG G . -17.04 20.42 -11.64
C2' UFG G . -15.78 19.56 -11.40
C3' UFG G . -14.68 19.89 -12.39
C4' UFG G . -15.22 20.11 -13.81
C5' UFG G . -16.47 20.95 -13.87
C6' UFG G . -16.97 20.92 -15.30
O2' UFG G . -15.27 19.80 -10.10
O3' UFG G . -13.79 18.79 -12.35
O5' UFG G . -17.45 20.33 -13.00
O6' UFG G . -18.23 21.60 -15.39
F4' UFG G . -15.53 18.90 -14.37
PA NAD H . -16.99 23.12 -23.64
O1A NAD H . -18.46 22.90 -23.72
O2A NAD H . -16.60 24.50 -24.01
O5B NAD H . -16.21 21.99 -24.48
C5B NAD H . -16.89 20.85 -25.00
C4B NAD H . -17.01 20.96 -26.52
O4B NAD H . -17.43 19.77 -27.17
C3B NAD H . -17.99 22.02 -26.97
O3B NAD H . -17.22 22.66 -27.95
C2B NAD H . -19.15 21.28 -27.59
O2B NAD H . -19.72 21.96 -28.69
C1B NAD H . -18.50 20.01 -28.08
N9A NAD H . -19.40 18.86 -28.04
C8A NAD H . -20.19 18.44 -27.01
N7A NAD H . -20.82 17.32 -27.40
C5A NAD H . -20.43 17.00 -28.66
C6A NAD H . -20.76 15.97 -29.53
N6A NAD H . -21.41 14.87 -29.12
N1A NAD H . -20.17 15.93 -30.77
C2A NAD H . -19.27 16.89 -31.13
N3A NAD H . -18.97 17.91 -30.26
C4A NAD H . -19.54 17.96 -29.06
O3 NAD H . -16.52 22.86 -22.14
PN NAD H . -14.97 22.76 -21.76
O1N NAD H . -14.86 23.50 -20.48
O2N NAD H . -14.15 23.15 -22.92
O5D NAD H . -14.81 21.19 -21.46
C5D NAD H . -13.73 20.44 -21.94
C4D NAD H . -13.81 18.96 -21.53
O4D NAD H . -13.14 18.76 -20.30
C3D NAD H . -15.21 18.42 -21.31
O3D NAD H . -15.14 17.05 -21.68
C2D NAD H . -15.43 18.50 -19.82
O2D NAD H . -16.31 17.50 -19.36
C1D NAD H . -14.02 18.30 -19.29
N1N NAD H . -13.68 19.06 -18.07
C2N NAD H . -13.70 20.44 -18.11
C3N NAD H . -13.37 21.22 -17.00
C7N NAD H . -14.11 22.52 -16.79
O7N NAD H . -14.14 23.07 -15.49
N7N NAD H . -14.74 23.14 -17.80
C4N NAD H . -12.98 20.52 -15.85
C5N NAD H . -12.95 19.13 -15.81
C6N NAD H . -13.31 18.39 -16.94
N1 UFG I . 8.79 -9.23 -5.06
C2 UFG I . 7.65 -9.55 -5.85
N3 UFG I . 7.11 -10.84 -5.82
C4 UFG I . 7.70 -11.81 -5.01
C5 UFG I . 8.83 -11.50 -4.23
C6 UFG I . 9.38 -10.21 -4.25
O2 UFG I . 7.12 -8.70 -6.56
O4 UFG I . 7.21 -12.95 -4.98
C1D UFG I . 9.35 -7.85 -5.12
C2D UFG I . 9.76 -7.27 -3.78
O2D UFG I . 8.63 -6.64 -3.17
C3D UFG I . 10.76 -6.20 -4.19
C4D UFG I . 11.54 -6.93 -5.29
O4' UFG I . 10.58 -7.86 -5.89
O3D UFG I . 10.07 -5.10 -4.73
C5D UFG I . 12.76 -7.70 -4.73
O5D UFG I . 12.42 -8.33 -3.49
PA UFG I . 13.40 -9.40 -2.80
O1A UFG I . 12.79 -9.97 -1.57
O2A UFG I . 13.94 -10.34 -3.80
O3A UFG I . 14.63 -8.47 -2.38
PB UFG I . 14.56 -7.19 -1.48
O1B UFG I . 14.35 -5.99 -2.32
O2B UFG I . 13.70 -7.44 -0.31
O3B UFG I . 16.02 -7.16 -0.89
C1' UFG I . 16.20 -6.75 0.46
C2' UFG I . 17.40 -5.81 0.56
C3' UFG I . 18.65 -6.50 -0.02
C4' UFG I . 18.89 -7.85 0.69
C5' UFG I . 17.60 -8.68 0.81
C6' UFG I . 17.80 -9.88 1.77
O2' UFG I . 17.10 -4.62 -0.16
O3' UFG I . 19.80 -5.64 0.14
O5' UFG I . 16.45 -7.91 1.25
O6' UFG I . 16.67 -10.75 1.61
F4' UFG I . 19.47 -7.68 1.94
PA NAD J . 22.22 -17.50 3.20
O1A NAD J . 21.23 -17.90 4.26
O2A NAD J . 22.23 -18.37 2.00
O5B NAD J . 23.71 -17.47 3.85
C5B NAD J . 23.96 -17.22 5.22
C4B NAD J . 24.47 -18.49 5.85
O4B NAD J . 24.71 -18.27 7.22
C3B NAD J . 23.44 -19.58 5.81
O3B NAD J . 23.99 -20.61 5.06
C2B NAD J . 23.22 -20.04 7.23
O2B NAD J . 23.26 -21.44 7.35
C1B NAD J . 24.35 -19.41 7.99
N9A NAD J . 23.97 -18.99 9.36
C8A NAD J . 22.87 -18.24 9.74
N7A NAD J . 22.91 -18.07 11.09
C5A NAD J . 24.00 -18.71 11.56
C6A NAD J . 24.50 -18.83 12.85
N6A NAD J . 24.06 -18.03 13.81
N1A NAD J . 25.69 -19.55 13.02
C2A NAD J . 26.34 -20.11 11.94
N3A NAD J . 25.81 -19.96 10.68
C4A NAD J . 24.67 -19.27 10.50
O3 NAD J . 22.02 -15.94 2.88
PN NAD J . 22.74 -15.17 1.66
O1N NAD J . 21.62 -14.69 0.83
O2N NAD J . 23.84 -15.96 1.10
O5D NAD J . 23.36 -13.83 2.31
C5D NAD J . 24.57 -13.83 3.04
C4D NAD J . 24.67 -12.59 3.92
O4D NAD J . 24.55 -11.38 3.20
C3D NAD J . 23.65 -12.46 5.03
O3D NAD J . 24.47 -11.99 6.08
C2D NAD J . 22.66 -11.37 4.62
O2D NAD J . 22.17 -10.52 5.65
C1D NAD J . 23.52 -10.53 3.69
N1N NAD J . 22.84 -10.02 2.50
C2N NAD J . 22.21 -10.87 1.61
C3N NAD J . 21.66 -10.32 0.46
C7N NAD J . 20.85 -11.13 -0.49
O7N NAD J . 20.22 -10.42 -1.52
N7N NAD J . 20.76 -12.45 -0.34
C4N NAD J . 21.77 -8.97 0.19
C5N NAD J . 22.43 -8.13 1.09
C6N NAD J . 22.97 -8.69 2.24
N1 UFG K . 32.06 15.71 35.13
C2 UFG K . 33.22 16.38 35.46
N3 UFG K . 34.14 15.83 36.37
C4 UFG K . 33.86 14.59 36.94
C5 UFG K . 32.70 13.93 36.60
C6 UFG K . 31.78 14.47 35.71
O2 UFG K . 33.43 17.44 34.92
O4 UFG K . 34.65 14.06 37.74
C1D UFG K . 31.12 16.31 34.18
C2D UFG K . 30.92 15.34 33.04
O2D UFG K . 31.95 15.54 32.10
C3D UFG K . 29.52 15.77 32.51
C4D UFG K . 28.77 16.20 33.77
O4' UFG K . 29.81 16.36 34.81
O3D UFG K . 29.61 16.90 31.66
C5D UFG K . 27.87 15.10 34.27
O5D UFG K . 28.52 13.86 34.09
PA UFG K . 27.98 12.49 34.74
O1A UFG K . 28.96 11.42 34.36
O2A UFG K . 27.69 12.74 36.18
O3A UFG K . 26.54 12.29 33.95
PB UFG K . 26.40 12.40 32.31
O1B UFG K . 26.10 13.78 31.86
O2B UFG K . 27.50 11.67 31.63
O3B UFG K . 25.09 11.49 32.21
C1' UFG K . 24.80 10.59 31.14
C2' UFG K . 23.39 10.83 30.55
C3' UFG K . 22.31 10.49 31.57
C4' UFG K . 22.61 9.20 32.32
C5' UFG K . 24.00 9.17 32.88
C6' UFG K . 24.13 7.81 33.56
O2' UFG K . 23.22 12.22 30.19
O3' UFG K . 21.06 10.37 30.89
O5' UFG K . 24.86 9.28 31.74
O6' UFG K . 25.51 7.49 33.75
F4' UFG K . 22.45 8.13 31.47
PA NAD L . 22.79 1.42 39.02
O1A NAD L . 24.14 0.85 38.74
O2A NAD L . 22.69 1.91 40.41
O5B NAD L . 21.62 0.38 38.65
C5B NAD L . 21.79 -0.65 37.71
C4B NAD L . 21.47 -1.96 38.43
O4B NAD L . 21.26 -3.03 37.53
C3B NAD L . 22.57 -2.36 39.39
O3B NAD L . 21.95 -2.70 40.60
C2B NAD L . 23.17 -3.61 38.78
O2B NAD L . 23.57 -4.54 39.75
C1B NAD L . 22.03 -4.14 37.94
N9A NAD L . 22.53 -4.85 36.75
C8A NAD L . 23.43 -4.41 35.82
N7A NAD L . 23.59 -5.39 34.90
C5A NAD L . 22.78 -6.42 35.23
C6A NAD L . 22.54 -7.68 34.65
N6A NAD L . 23.03 -8.00 33.46
N1A NAD L . 21.64 -8.53 35.27
C2A NAD L . 20.99 -8.16 36.43
N3A NAD L . 21.23 -6.94 36.99
C4A NAD L . 22.11 -6.09 36.41
O3 NAD L . 22.48 2.60 37.99
PN NAD L . 21.21 3.55 38.20
O1N NAD L . 21.73 4.89 38.52
O2N NAD L . 20.28 2.90 39.14
O5D NAD L . 20.48 3.59 36.76
C5D NAD L . 19.47 2.66 36.49
C4D NAD L . 19.06 2.62 35.03
O4D NAD L . 18.69 3.89 34.54
C3D NAD L . 20.13 2.12 34.09
O3D NAD L . 19.38 1.45 33.12
C2D NAD L . 20.72 3.37 33.48
O2D NAD L . 21.21 3.17 32.18
C1D NAD L . 19.52 4.29 33.45
N1N NAD L . 19.81 5.73 33.62
C2N NAD L . 20.43 6.18 34.76
C3N NAD L . 20.68 7.56 34.90
C7N NAD L . 21.60 8.03 35.99
O7N NAD L . 22.00 9.38 36.03
N7N NAD L . 22.01 7.15 36.91
C4N NAD L . 20.31 8.43 33.88
C5N NAD L . 19.69 7.96 32.72
C6N NAD L . 19.45 6.59 32.61
#